data_3FKD
#
_entry.id   3FKD
#
_cell.length_a   87.443
_cell.length_b   101.513
_cell.length_c   93.714
_cell.angle_alpha   90.00
_cell.angle_beta   90.22
_cell.angle_gamma   90.00
#
_symmetry.space_group_name_H-M   'P 1 21 1'
#
loop_
_entity.id
_entity.type
_entity.pdbx_description
1 polymer 'L-threonine-O-3-phosphate decarboxylase'
2 water water
#
_entity_poly.entity_id   1
_entity_poly.type   'polypeptide(L)'
_entity_poly.pdbx_seq_one_letter_code
;(MSE)IFGHGDEGITPLSSEIVNFSTTVWTDGDKDHLEKHLVENLNCIRHYPEPDAGTLRQ(MSE)LAKRNSVDNNAILV
TNGPTAAFYQIAQAFRGSRSLIAIPSFAEYEDACR(MSE)YEHEVCFYPSNEDIGEADFSN(MSE)DFCWLCNPNNPDGR
LLQRTEILRLLNDHPDTTFVLDQSYVSFTTEEVIRPADIKGRKNLV(MSE)VYSFSHAYGIPGLRIGYIVANKDF(MSE)
KRVAAFSTPWAVNALAIEAAKFILIHPAQFTLPIRKWQRNTVDFITALNRLDGVEVHPSGTTFFLLRLKKGTAAELKKY
(MSE)LEEYN(MSE)LIRDASNFRGLDESYVRITTQRPAQNQLFIKALETFLEKYEGHHHHHH
;
_entity_poly.pdbx_strand_id   A,B,C,D
#
# COMPACT_ATOMS: atom_id res chain seq x y z
N GLU A 16 36.74 -19.10 19.01
CA GLU A 16 37.95 -18.32 19.29
C GLU A 16 37.67 -16.79 19.43
N ILE A 17 36.63 -16.29 18.77
CA ILE A 17 36.10 -14.96 19.05
C ILE A 17 35.12 -14.97 20.23
N VAL A 18 35.29 -14.03 21.17
CA VAL A 18 34.42 -13.90 22.33
C VAL A 18 33.29 -12.90 22.07
N ASN A 19 32.04 -13.35 22.25
CA ASN A 19 30.91 -12.57 21.80
C ASN A 19 30.20 -11.80 22.90
N PHE A 20 30.22 -10.47 22.79
CA PHE A 20 29.64 -9.55 23.78
C PHE A 20 28.39 -8.88 23.15
N SER A 21 28.11 -9.21 21.90
CA SER A 21 27.08 -8.52 21.11
C SER A 21 25.67 -9.14 21.10
N THR A 22 25.47 -10.30 21.71
CA THR A 22 24.18 -10.96 21.69
C THR A 22 23.49 -10.95 23.05
N THR A 23 22.17 -10.84 23.05
CA THR A 23 21.42 -10.95 24.27
C THR A 23 20.95 -12.38 24.44
N VAL A 24 21.69 -13.33 23.87
CA VAL A 24 21.42 -14.75 24.09
C VAL A 24 22.25 -15.34 25.25
N TRP A 25 21.60 -16.02 26.17
CA TRP A 25 22.32 -16.85 27.15
C TRP A 25 23.05 -18.03 26.49
N THR A 26 24.37 -17.93 26.46
CA THR A 26 25.21 -18.79 25.61
C THR A 26 25.94 -19.95 26.32
N ASP A 27 26.05 -19.86 27.64
CA ASP A 27 26.86 -20.79 28.41
C ASP A 27 26.04 -21.96 28.97
N GLY A 28 24.83 -22.16 28.49
CA GLY A 28 23.99 -23.27 28.95
C GLY A 28 24.61 -24.63 28.65
N ASP A 29 24.18 -25.68 29.36
CA ASP A 29 24.57 -27.05 29.02
C ASP A 29 23.68 -27.60 27.89
N LYS A 30 24.30 -27.83 26.74
CA LYS A 30 23.53 -28.12 25.54
C LYS A 30 23.87 -29.45 24.96
N ASP A 31 24.76 -30.19 25.64
CA ASP A 31 25.16 -31.51 25.15
C ASP A 31 23.93 -32.38 25.05
N HIS A 32 23.08 -32.32 26.08
CA HIS A 32 21.95 -33.23 26.12
C HIS A 32 20.77 -32.83 25.24
N LEU A 33 20.48 -31.53 25.15
CA LEU A 33 19.57 -31.10 24.14
C LEU A 33 20.09 -31.59 22.78
N GLU A 34 21.36 -31.36 22.49
CA GLU A 34 21.87 -31.65 21.15
C GLU A 34 21.95 -33.15 20.83
N LYS A 35 22.36 -33.96 21.79
CA LYS A 35 22.27 -35.38 21.64
C LYS A 35 20.83 -35.78 21.32
N HIS A 36 19.86 -35.19 22.00
CA HIS A 36 18.44 -35.47 21.75
C HIS A 36 17.99 -35.22 20.27
N LEU A 37 18.40 -34.10 19.68
CA LEU A 37 18.08 -33.85 18.28
C LEU A 37 18.76 -34.84 17.31
N VAL A 38 19.92 -35.33 17.71
CA VAL A 38 20.68 -36.25 16.89
C VAL A 38 19.91 -37.58 16.87
N GLU A 39 19.36 -37.92 18.02
CA GLU A 39 18.56 -39.13 18.15
C GLU A 39 17.24 -39.08 17.36
N ASN A 40 16.60 -37.92 17.34
CA ASN A 40 15.33 -37.74 16.63
C ASN A 40 15.45 -36.97 15.35
N LEU A 41 16.60 -37.12 14.69
CA LEU A 41 16.85 -36.42 13.46
C LEU A 41 15.91 -36.77 12.31
N ASN A 42 15.37 -37.98 12.31
CA ASN A 42 14.42 -38.36 11.29
C ASN A 42 13.16 -37.50 11.22
N CYS A 43 12.88 -36.73 12.28
CA CYS A 43 11.75 -35.80 12.24
C CYS A 43 11.82 -34.83 11.04
N ILE A 44 13.00 -34.60 10.46
CA ILE A 44 13.09 -33.72 9.30
C ILE A 44 12.44 -34.31 8.01
N ARG A 45 12.17 -35.61 8.06
CA ARG A 45 11.63 -36.38 6.93
C ARG A 45 10.12 -36.37 6.93
N HIS A 46 9.52 -35.91 8.01
CA HIS A 46 8.06 -35.82 8.04
C HIS A 46 7.58 -34.40 8.37
N TYR A 47 6.47 -34.03 7.76
CA TYR A 47 5.86 -32.77 8.09
C TYR A 47 5.78 -32.71 9.61
N PRO A 48 5.93 -31.51 10.19
CA PRO A 48 5.56 -31.43 11.61
C PRO A 48 4.05 -31.37 11.70
N GLU A 49 3.50 -31.56 12.88
CA GLU A 49 2.11 -31.17 13.05
C GLU A 49 1.98 -29.77 12.43
N PRO A 50 0.95 -29.56 11.60
CA PRO A 50 0.72 -28.31 10.87
C PRO A 50 0.52 -27.21 11.86
N ASP A 51 0.09 -27.72 12.99
CA ASP A 51 -0.40 -26.98 14.12
C ASP A 51 0.64 -26.82 15.28
N ALA A 52 1.72 -27.58 15.22
CA ALA A 52 2.48 -27.93 16.45
C ALA A 52 1.58 -28.17 17.67
N GLY A 53 0.48 -28.91 17.48
CA GLY A 53 -0.54 -29.02 18.50
C GLY A 53 -0.14 -29.73 19.77
N THR A 54 0.76 -30.70 19.69
CA THR A 54 1.23 -31.39 20.87
C THR A 54 2.09 -30.46 21.73
N LEU A 55 2.97 -29.69 21.08
CA LEU A 55 3.74 -28.68 21.81
C LEU A 55 2.80 -27.69 22.46
N ARG A 56 1.84 -27.19 21.69
CA ARG A 56 0.87 -26.24 22.20
C ARG A 56 0.21 -26.77 23.44
N GLN A 57 -0.29 -27.99 23.35
CA GLN A 57 -0.91 -28.66 24.49
C GLN A 57 0.01 -28.69 25.73
N MSE A 58 1.25 -29.16 25.58
CA MSE A 58 2.16 -29.20 26.73
C MSE A 58 2.58 -27.83 27.28
O MSE A 58 2.98 -27.71 28.45
CB MSE A 58 3.42 -29.99 26.42
CG MSE A 58 3.22 -31.34 25.73
SE MSE A 58 5.02 -31.83 25.14
CE MSE A 58 4.64 -33.03 23.68
N LEU A 59 2.54 -26.78 26.45
CA LEU A 59 2.83 -25.45 26.94
C LEU A 59 1.68 -24.99 27.81
N ALA A 60 0.46 -25.14 27.29
CA ALA A 60 -0.71 -24.72 28.02
C ALA A 60 -0.68 -25.27 29.45
N LYS A 61 -0.43 -26.57 29.57
CA LYS A 61 -0.47 -27.23 30.86
C LYS A 61 0.61 -26.74 31.78
N ARG A 62 1.80 -26.59 31.22
CA ARG A 62 2.95 -26.13 31.99
C ARG A 62 2.70 -24.70 32.49
N ASN A 63 2.04 -23.90 31.67
CA ASN A 63 1.81 -22.50 31.97
C ASN A 63 0.47 -22.20 32.64
N SER A 64 -0.23 -23.26 33.06
CA SER A 64 -1.54 -23.13 33.68
C SER A 64 -2.57 -22.40 32.82
N VAL A 65 -2.51 -22.59 31.51
CA VAL A 65 -3.35 -21.82 30.61
C VAL A 65 -4.11 -22.79 29.73
N ASP A 66 -5.17 -22.33 29.09
CA ASP A 66 -5.92 -23.20 28.19
C ASP A 66 -5.18 -23.48 26.89
N ASN A 67 -5.48 -24.64 26.31
CA ASN A 67 -4.98 -24.99 25.00
C ASN A 67 -5.26 -23.87 24.00
N ASN A 68 -6.44 -23.26 24.15
CA ASN A 68 -6.90 -22.13 23.37
C ASN A 68 -6.02 -20.87 23.44
N ALA A 69 -5.17 -20.80 24.45
CA ALA A 69 -4.49 -19.54 24.70
C ALA A 69 -3.03 -19.54 24.27
N ILE A 70 -2.55 -20.66 23.73
CA ILE A 70 -1.18 -20.69 23.20
C ILE A 70 -1.17 -20.80 21.68
N LEU A 71 -0.14 -20.24 21.09
CA LEU A 71 0.03 -20.35 19.66
C LEU A 71 1.53 -20.38 19.45
N VAL A 72 2.03 -21.54 19.07
CA VAL A 72 3.43 -21.71 18.76
C VAL A 72 3.79 -20.96 17.48
N THR A 73 4.93 -20.31 17.46
CA THR A 73 5.29 -19.43 16.38
C THR A 73 6.69 -19.77 15.84
N ASN A 74 7.02 -19.34 14.64
CA ASN A 74 8.34 -19.51 14.05
C ASN A 74 9.35 -18.50 14.64
N GLY A 75 9.65 -18.57 15.93
CA GLY A 75 10.48 -17.57 16.57
C GLY A 75 9.63 -16.47 17.19
N PRO A 76 10.17 -15.71 18.16
CA PRO A 76 9.32 -14.70 18.78
C PRO A 76 9.10 -13.53 17.83
N THR A 77 10.09 -13.24 16.98
CA THR A 77 9.90 -12.23 15.93
C THR A 77 8.64 -12.49 15.05
N ALA A 78 8.52 -13.70 14.48
CA ALA A 78 7.31 -14.04 13.72
C ALA A 78 6.03 -13.63 14.44
N ALA A 79 5.93 -13.98 15.73
CA ALA A 79 4.79 -13.59 16.55
C ALA A 79 4.48 -12.08 16.56
N PHE A 80 5.51 -11.22 16.47
CA PHE A 80 5.31 -9.77 16.57
C PHE A 80 4.62 -9.27 15.31
N TYR A 81 5.08 -9.81 14.19
CA TYR A 81 4.52 -9.60 12.89
C TYR A 81 3.09 -10.20 12.74
N GLN A 82 2.87 -11.42 13.24
CA GLN A 82 1.54 -11.94 13.13
C GLN A 82 0.53 -11.14 13.93
N ILE A 83 0.98 -10.53 15.03
CA ILE A 83 0.12 -9.71 15.90
C ILE A 83 -0.19 -8.36 15.22
N ALA A 84 0.86 -7.68 14.76
CA ALA A 84 0.76 -6.49 13.92
C ALA A 84 -0.22 -6.72 12.77
N GLN A 85 -0.04 -7.83 12.04
CA GLN A 85 -0.93 -8.21 10.94
C GLN A 85 -2.40 -8.26 11.32
N ALA A 86 -2.69 -9.05 12.35
CA ALA A 86 -4.08 -9.23 12.81
C ALA A 86 -4.76 -7.87 13.15
N PHE A 87 -3.98 -6.81 13.36
CA PHE A 87 -4.53 -5.52 13.79
C PHE A 87 -4.02 -4.33 12.96
N ARG A 88 -3.91 -4.56 11.64
CA ARG A 88 -3.47 -3.58 10.65
C ARG A 88 -3.97 -2.15 10.84
N GLY A 89 -5.21 -1.99 11.27
CA GLY A 89 -5.62 -0.63 11.55
C GLY A 89 -4.91 0.15 12.67
N SER A 90 -4.21 -0.55 13.54
CA SER A 90 -4.06 -0.07 14.92
C SER A 90 -3.07 1.06 15.19
N ARG A 91 -3.26 1.69 16.37
CA ARG A 91 -2.34 2.69 16.89
C ARG A 91 -1.51 2.06 17.99
N SER A 92 -0.19 2.17 17.83
CA SER A 92 0.75 1.55 18.74
C SER A 92 1.68 2.56 19.39
N LEU A 93 1.75 2.45 20.72
CA LEU A 93 2.72 3.14 21.56
C LEU A 93 3.89 2.21 21.77
N ILE A 94 5.08 2.63 21.34
CA ILE A 94 6.26 1.81 21.53
C ILE A 94 7.34 2.55 22.38
N ALA A 95 7.77 1.97 23.49
CA ALA A 95 8.88 2.54 24.24
C ALA A 95 10.19 2.34 23.47
N ILE A 96 11.05 3.34 23.49
CA ILE A 96 12.35 3.24 22.87
C ILE A 96 13.45 3.70 23.84
N PRO A 97 14.69 3.24 23.64
CA PRO A 97 15.00 2.26 22.60
C PRO A 97 14.37 0.90 22.92
N SER A 98 14.28 0.05 21.90
CA SER A 98 13.72 -1.32 22.03
C SER A 98 14.06 -2.16 20.80
N PHE A 99 13.81 -3.46 20.88
CA PHE A 99 13.96 -4.37 19.75
C PHE A 99 13.29 -3.78 18.48
N ALA A 100 14.06 -3.60 17.41
CA ALA A 100 13.60 -2.82 16.25
C ALA A 100 12.41 -3.48 15.56
N GLU A 101 12.21 -4.74 15.94
CA GLU A 101 11.18 -5.55 15.34
C GLU A 101 9.75 -5.21 15.77
N TYR A 102 9.55 -4.59 16.93
CA TYR A 102 8.21 -4.11 17.23
C TYR A 102 7.85 -3.04 16.22
N GLU A 103 8.80 -2.13 15.99
CA GLU A 103 8.58 -1.06 15.04
C GLU A 103 8.33 -1.60 13.63
N ASP A 104 9.23 -2.46 13.14
CA ASP A 104 9.16 -2.95 11.78
C ASP A 104 7.84 -3.63 11.55
N ALA A 105 7.39 -4.40 12.54
CA ALA A 105 6.08 -5.06 12.44
C ALA A 105 4.94 -4.07 12.26
N CYS A 106 4.89 -3.11 13.17
CA CYS A 106 3.87 -2.09 13.21
C CYS A 106 3.85 -1.28 11.91
N ARG A 107 5.02 -1.06 11.32
CA ARG A 107 5.10 -0.28 10.10
C ARG A 107 4.59 -1.15 8.95
N MSE A 108 5.14 -2.36 8.83
CA MSE A 108 4.76 -3.20 7.72
C MSE A 108 3.26 -3.28 7.66
O MSE A 108 2.68 -3.25 6.57
CB MSE A 108 5.37 -4.59 7.84
CG MSE A 108 4.83 -5.60 6.85
SE MSE A 108 5.77 -7.30 7.06
CE MSE A 108 4.48 -8.48 6.18
N TYR A 109 2.61 -3.34 8.81
CA TYR A 109 1.14 -3.43 8.80
C TYR A 109 0.43 -2.08 9.02
N GLU A 110 1.16 -1.00 8.74
CA GLU A 110 0.63 0.38 8.75
C GLU A 110 -0.14 0.77 10.02
N HIS A 111 0.46 0.46 11.17
CA HIS A 111 0.07 0.98 12.47
C HIS A 111 0.50 2.46 12.51
N GLU A 112 -0.25 3.30 13.20
CA GLU A 112 0.27 4.63 13.53
C GLU A 112 1.10 4.51 14.81
N VAL A 113 2.39 4.79 14.69
CA VAL A 113 3.34 4.53 15.76
C VAL A 113 3.79 5.76 16.60
N CYS A 114 3.44 5.74 17.89
CA CYS A 114 3.89 6.72 18.87
C CYS A 114 5.09 6.26 19.68
N PHE A 115 6.10 7.11 19.81
CA PHE A 115 7.23 6.72 20.62
C PHE A 115 7.16 7.26 22.04
N TYR A 116 7.99 6.69 22.90
CA TYR A 116 7.98 7.04 24.31
C TYR A 116 9.23 6.45 24.99
N PRO A 117 9.89 7.27 25.81
CA PRO A 117 11.18 6.92 26.42
C PRO A 117 11.08 5.83 27.49
N SER A 118 11.81 4.73 27.33
CA SER A 118 11.76 3.64 28.30
C SER A 118 12.24 4.05 29.71
N ASN A 119 13.12 5.04 29.81
CA ASN A 119 13.54 5.38 31.16
C ASN A 119 12.87 6.61 31.74
N GLU A 120 11.63 6.78 31.32
CA GLU A 120 10.72 7.72 31.91
C GLU A 120 9.51 6.83 32.14
N ASP A 121 8.62 7.21 33.05
CA ASP A 121 7.68 6.25 33.56
C ASP A 121 6.58 6.07 32.54
N ILE A 122 6.49 4.88 31.97
CA ILE A 122 5.48 4.61 30.99
C ILE A 122 4.08 4.69 31.58
N GLY A 123 3.98 4.55 32.89
CA GLY A 123 2.71 4.54 33.59
C GLY A 123 1.99 5.86 33.45
N GLU A 124 2.65 6.78 32.77
CA GLU A 124 2.34 8.19 32.83
C GLU A 124 2.54 8.77 31.42
N ALA A 125 2.45 7.90 30.43
CA ALA A 125 2.42 8.29 29.03
C ALA A 125 0.97 8.49 28.61
N ASP A 126 0.75 8.83 27.34
CA ASP A 126 -0.61 9.09 26.86
C ASP A 126 -1.23 7.88 26.16
N PHE A 127 -2.09 7.18 26.89
CA PHE A 127 -2.78 5.97 26.41
C PHE A 127 -4.17 6.19 25.80
N SER A 128 -4.54 7.45 25.63
CA SER A 128 -5.90 7.83 25.25
C SER A 128 -6.45 7.07 24.07
N ASN A 129 -5.75 7.14 22.93
CA ASN A 129 -6.20 6.38 21.76
C ASN A 129 -5.16 5.38 21.27
N MSE A 130 -4.65 4.59 22.22
CA MSE A 130 -3.61 3.60 21.94
C MSE A 130 -4.21 2.22 21.93
O MSE A 130 -4.71 1.73 22.94
CB MSE A 130 -2.54 3.63 23.04
CG MSE A 130 -1.58 4.76 22.95
SE MSE A 130 -0.93 5.17 21.12
CE MSE A 130 0.30 6.57 21.70
N ASP A 131 -4.15 1.54 20.81
CA ASP A 131 -4.78 0.22 20.81
C ASP A 131 -3.80 -0.81 21.37
N PHE A 132 -2.51 -0.54 21.14
CA PHE A 132 -1.48 -1.41 21.61
C PHE A 132 -0.35 -0.62 22.21
N CYS A 133 0.23 -1.22 23.25
CA CYS A 133 1.45 -0.76 23.86
C CYS A 133 2.45 -1.92 23.93
N TRP A 134 3.66 -1.68 23.43
CA TRP A 134 4.66 -2.71 23.26
C TRP A 134 5.83 -2.58 24.25
N LEU A 135 5.90 -3.49 25.21
CA LEU A 135 6.95 -3.43 26.22
C LEU A 135 7.78 -4.68 26.25
N CYS A 136 8.95 -4.57 26.83
CA CYS A 136 9.78 -5.75 26.99
C CYS A 136 10.46 -5.56 28.32
N ASN A 137 10.36 -6.58 29.15
CA ASN A 137 10.79 -6.45 30.52
C ASN A 137 11.53 -7.71 30.97
N PRO A 138 12.85 -7.59 31.29
CA PRO A 138 13.68 -6.38 31.20
C PRO A 138 13.95 -6.04 29.74
N ASN A 139 14.10 -4.76 29.44
CA ASN A 139 14.17 -4.25 28.07
C ASN A 139 15.52 -4.45 27.38
N ASN A 140 15.48 -4.80 26.09
CA ASN A 140 16.61 -4.77 25.16
C ASN A 140 16.57 -3.40 24.47
N PRO A 141 17.64 -2.58 24.56
CA PRO A 141 19.01 -2.85 25.00
C PRO A 141 19.30 -2.31 26.40
N ASP A 142 18.36 -1.55 26.94
CA ASP A 142 18.43 -0.77 28.18
C ASP A 142 18.62 -1.56 29.46
N GLY A 143 17.92 -2.69 29.51
CA GLY A 143 17.77 -3.45 30.74
C GLY A 143 16.75 -2.81 31.64
N ARG A 144 15.95 -1.89 31.13
CA ARG A 144 14.97 -1.23 31.97
C ARG A 144 14.02 -2.29 32.49
N LEU A 145 13.71 -2.26 33.77
CA LEU A 145 12.86 -3.28 34.36
C LEU A 145 11.76 -2.64 35.16
N LEU A 146 10.53 -2.98 34.81
CA LEU A 146 9.34 -2.56 35.52
C LEU A 146 8.96 -3.68 36.50
N GLN A 147 8.38 -3.29 37.63
CA GLN A 147 7.94 -4.23 38.64
C GLN A 147 6.68 -4.89 38.16
N ARG A 148 6.58 -6.20 38.38
CA ARG A 148 5.38 -6.97 38.04
C ARG A 148 4.16 -6.16 38.44
N THR A 149 4.33 -5.37 39.50
CA THR A 149 3.29 -4.50 40.06
C THR A 149 3.02 -3.23 39.26
N GLU A 150 4.06 -2.63 38.71
CA GLU A 150 3.87 -1.42 37.91
C GLU A 150 3.10 -1.80 36.66
N ILE A 151 3.42 -2.97 36.14
CA ILE A 151 2.73 -3.48 34.97
C ILE A 151 1.25 -3.74 35.28
N LEU A 152 0.96 -4.45 36.37
CA LEU A 152 -0.45 -4.71 36.74
C LEU A 152 -1.37 -3.47 36.83
N ARG A 153 -0.86 -2.33 37.26
CA ARG A 153 -1.74 -1.18 37.33
C ARG A 153 -1.96 -0.59 35.97
N LEU A 154 -0.98 -0.73 35.07
CA LEU A 154 -1.18 -0.35 33.67
C LEU A 154 -2.29 -1.18 32.98
N LEU A 155 -2.24 -2.48 33.14
CA LEU A 155 -3.24 -3.38 32.60
C LEU A 155 -4.60 -2.96 33.11
N ASN A 156 -4.64 -2.69 34.41
CA ASN A 156 -5.88 -2.29 35.07
C ASN A 156 -6.36 -0.87 34.73
N ASP A 157 -5.43 0.08 34.64
CA ASP A 157 -5.78 1.48 34.39
C ASP A 157 -6.16 1.74 32.96
N HIS A 158 -5.62 0.96 32.03
CA HIS A 158 -5.93 1.14 30.61
C HIS A 158 -6.49 -0.11 29.88
N PRO A 159 -7.73 -0.49 30.20
CA PRO A 159 -8.50 -1.59 29.61
C PRO A 159 -8.52 -1.59 28.09
N ASP A 160 -8.37 -0.42 27.50
CA ASP A 160 -8.61 -0.32 26.07
C ASP A 160 -7.29 -0.33 25.32
N THR A 161 -6.21 -0.55 26.04
CA THR A 161 -4.93 -0.76 25.41
C THR A 161 -4.49 -2.19 25.66
N THR A 162 -4.30 -2.91 24.58
CA THR A 162 -3.69 -4.20 24.69
C THR A 162 -2.21 -4.04 24.89
N PHE A 163 -1.70 -4.59 25.97
CA PHE A 163 -0.26 -4.51 26.21
C PHE A 163 0.43 -5.73 25.61
N VAL A 164 1.34 -5.53 24.67
CA VAL A 164 2.10 -6.66 24.18
C VAL A 164 3.46 -6.72 24.89
N LEU A 165 3.61 -7.78 25.65
CA LEU A 165 4.76 -7.92 26.54
C LEU A 165 5.73 -8.98 26.03
N ASP A 166 6.79 -8.55 25.36
CA ASP A 166 7.94 -9.38 25.04
C ASP A 166 8.51 -9.93 26.32
N GLN A 167 8.37 -11.25 26.48
CA GLN A 167 8.88 -11.97 27.64
C GLN A 167 10.17 -12.74 27.36
N SER A 168 10.88 -12.36 26.30
CA SER A 168 12.05 -13.09 25.87
C SER A 168 13.07 -13.26 26.98
N TYR A 169 13.11 -12.27 27.87
CA TYR A 169 14.16 -12.14 28.90
C TYR A 169 13.58 -12.29 30.29
N VAL A 170 12.38 -12.83 30.38
CA VAL A 170 11.71 -12.96 31.65
C VAL A 170 12.56 -13.78 32.61
N SER A 171 13.43 -14.63 32.11
CA SER A 171 14.31 -15.38 32.99
C SER A 171 15.72 -14.75 33.26
N PHE A 172 15.99 -13.61 32.64
CA PHE A 172 17.24 -12.86 32.84
C PHE A 172 17.12 -11.92 34.06
N THR A 173 16.20 -12.23 34.96
CA THR A 173 15.97 -11.45 36.16
C THR A 173 15.50 -12.34 37.32
N THR A 174 15.90 -11.90 38.51
CA THR A 174 15.61 -12.49 39.83
C THR A 174 14.26 -12.03 40.36
N GLU A 175 13.78 -10.91 39.84
CA GLU A 175 12.61 -10.24 40.38
C GLU A 175 11.31 -10.92 39.96
N GLU A 176 10.20 -10.39 40.44
CA GLU A 176 8.91 -11.04 40.20
C GLU A 176 8.37 -10.63 38.85
N VAL A 177 8.08 -11.62 38.03
CA VAL A 177 7.59 -11.28 36.70
C VAL A 177 6.12 -11.59 36.52
N ILE A 178 5.54 -10.88 35.56
CA ILE A 178 4.27 -11.24 34.98
C ILE A 178 4.46 -12.64 34.36
N ARG A 179 3.44 -13.48 34.45
CA ARG A 179 3.55 -14.84 33.92
C ARG A 179 2.30 -15.19 33.12
N PRO A 180 2.31 -16.32 32.41
CA PRO A 180 1.21 -16.61 31.46
C PRO A 180 -0.19 -16.60 32.10
N ALA A 181 -0.26 -17.05 33.35
CA ALA A 181 -1.54 -17.15 34.04
C ALA A 181 -2.14 -15.78 34.45
N ASP A 182 -1.44 -14.70 34.12
CA ASP A 182 -2.01 -13.36 34.26
C ASP A 182 -3.07 -12.97 33.21
N ILE A 183 -3.18 -13.70 32.10
CA ILE A 183 -4.19 -13.38 31.08
C ILE A 183 -5.59 -13.55 31.62
N LYS A 184 -5.68 -14.20 32.79
CA LYS A 184 -6.96 -14.64 33.32
C LYS A 184 -7.79 -13.52 33.94
N GLY A 185 -8.97 -13.29 33.37
CA GLY A 185 -9.87 -12.25 33.81
C GLY A 185 -9.30 -10.91 33.38
N ARG A 186 -8.60 -10.93 32.26
CA ARG A 186 -7.85 -9.78 31.77
C ARG A 186 -7.75 -10.00 30.28
N LYS A 187 -8.19 -9.02 29.51
CA LYS A 187 -8.28 -9.18 28.08
C LYS A 187 -7.19 -8.41 27.34
N ASN A 188 -6.59 -7.47 28.06
CA ASN A 188 -5.66 -6.49 27.50
C ASN A 188 -4.16 -6.83 27.71
N LEU A 189 -3.89 -8.09 28.02
CA LEU A 189 -2.53 -8.61 28.17
C LEU A 189 -2.20 -9.70 27.13
N VAL A 190 -1.09 -9.54 26.41
CA VAL A 190 -0.62 -10.57 25.50
C VAL A 190 0.87 -10.79 25.68
N MSE A 191 1.28 -12.05 25.81
CA MSE A 191 2.69 -12.33 25.93
C MSE A 191 3.29 -13.04 24.76
O MSE A 191 2.58 -13.70 23.99
CB MSE A 191 2.99 -13.08 27.19
CG MSE A 191 3.01 -12.16 28.40
SE MSE A 191 2.13 -13.05 29.86
CE MSE A 191 3.69 -13.59 30.82
N VAL A 192 4.60 -12.84 24.59
CA VAL A 192 5.33 -13.46 23.50
C VAL A 192 6.55 -14.04 24.13
N TYR A 193 6.60 -15.36 24.17
CA TYR A 193 7.69 -16.08 24.78
C TYR A 193 8.74 -16.54 23.74
N SER A 194 9.94 -16.87 24.21
CA SER A 194 11.07 -17.16 23.34
C SER A 194 11.94 -18.36 23.76
N PHE A 195 12.41 -19.12 22.79
CA PHE A 195 13.30 -20.22 23.07
C PHE A 195 14.68 -19.83 22.62
N SER A 196 14.80 -18.74 21.87
CA SER A 196 16.12 -18.33 21.38
C SER A 196 17.08 -17.88 22.48
N HIS A 197 16.59 -17.08 23.42
CA HIS A 197 17.45 -16.31 24.34
C HIS A 197 17.87 -17.08 25.57
N ALA A 198 16.89 -17.59 26.32
CA ALA A 198 17.11 -18.29 27.59
C ALA A 198 17.82 -19.61 27.39
N TYR A 199 17.73 -20.17 26.18
CA TYR A 199 18.24 -21.52 25.94
C TYR A 199 19.26 -21.66 24.82
N GLY A 200 19.70 -20.54 24.24
CA GLY A 200 20.80 -20.55 23.32
C GLY A 200 20.48 -21.20 21.99
N ILE A 201 19.20 -21.22 21.63
CA ILE A 201 18.82 -21.80 20.37
C ILE A 201 18.08 -20.84 19.39
N PRO A 202 18.72 -19.71 19.11
CA PRO A 202 18.22 -18.71 18.16
C PRO A 202 18.04 -19.27 16.72
N GLY A 203 18.89 -20.20 16.32
CA GLY A 203 18.83 -20.79 15.00
C GLY A 203 17.67 -21.76 14.75
N LEU A 204 17.04 -22.25 15.81
CA LEU A 204 15.90 -23.12 15.69
C LEU A 204 14.61 -22.40 15.36
N ARG A 205 14.55 -21.11 15.66
CA ARG A 205 13.36 -20.28 15.38
C ARG A 205 12.10 -20.80 16.02
N ILE A 206 11.96 -20.68 17.33
CA ILE A 206 10.74 -21.15 17.96
C ILE A 206 10.39 -20.20 19.14
N GLY A 207 9.08 -19.92 19.32
CA GLY A 207 8.58 -19.03 20.34
C GLY A 207 7.08 -19.19 20.43
N TYR A 208 6.40 -18.44 21.29
CA TYR A 208 4.96 -18.60 21.34
C TYR A 208 4.15 -17.41 21.88
N ILE A 209 2.88 -17.36 21.49
CA ILE A 209 1.94 -16.34 21.99
C ILE A 209 1.02 -16.88 23.08
N VAL A 210 0.89 -16.11 24.16
CA VAL A 210 -0.14 -16.31 25.19
C VAL A 210 -1.16 -15.15 25.12
N ALA A 211 -2.43 -15.46 24.86
CA ALA A 211 -3.43 -14.43 24.95
C ALA A 211 -4.80 -15.00 25.31
N ASN A 212 -5.74 -14.15 25.69
CA ASN A 212 -7.09 -14.62 25.94
C ASN A 212 -7.67 -14.97 24.58
N LYS A 213 -8.60 -15.91 24.49
CA LYS A 213 -8.96 -16.46 23.20
C LYS A 213 -9.78 -15.57 22.23
N ASP A 214 -10.38 -14.50 22.74
CA ASP A 214 -10.92 -13.51 21.84
C ASP A 214 -9.79 -12.88 21.03
N PHE A 215 -8.74 -12.43 21.69
CA PHE A 215 -7.63 -11.88 20.96
C PHE A 215 -7.02 -12.96 20.09
N MSE A 216 -6.65 -14.06 20.73
CA MSE A 216 -6.02 -15.16 20.03
C MSE A 216 -6.63 -15.54 18.67
O MSE A 216 -5.91 -15.99 17.78
CB MSE A 216 -5.96 -16.40 20.91
CG MSE A 216 -5.02 -17.41 20.32
SE MSE A 216 -3.21 -16.65 20.25
CE MSE A 216 -2.63 -17.29 21.96
N LYS A 217 -7.95 -15.39 18.51
CA LYS A 217 -8.60 -15.77 17.26
C LYS A 217 -8.51 -14.67 16.18
N ARG A 218 -8.34 -13.42 16.57
CA ARG A 218 -7.96 -12.44 15.57
C ARG A 218 -6.59 -12.80 15.02
N VAL A 219 -5.68 -13.30 15.86
CA VAL A 219 -4.37 -13.60 15.29
C VAL A 219 -4.32 -14.93 14.54
N ALA A 220 -5.16 -15.89 14.96
CA ALA A 220 -5.18 -17.23 14.37
C ALA A 220 -5.64 -17.16 12.92
N ALA A 221 -6.36 -16.10 12.60
CA ALA A 221 -6.94 -15.95 11.28
C ALA A 221 -5.86 -15.79 10.20
N PHE A 222 -4.64 -15.51 10.63
CA PHE A 222 -3.51 -15.45 9.70
C PHE A 222 -2.42 -16.50 9.92
N SER A 223 -2.75 -17.61 10.60
CA SER A 223 -1.80 -18.70 10.81
C SER A 223 -1.67 -19.53 9.54
N THR A 224 -0.45 -19.94 9.26
CA THR A 224 -0.13 -20.75 8.09
C THR A 224 0.37 -22.09 8.57
N PRO A 225 -0.06 -23.20 7.94
CA PRO A 225 0.34 -24.52 8.48
C PRO A 225 1.80 -24.86 8.23
N TRP A 226 2.33 -25.75 9.08
CA TRP A 226 3.75 -26.11 9.06
C TRP A 226 4.67 -24.86 9.10
N ALA A 227 4.25 -23.85 9.85
CA ALA A 227 5.08 -22.65 10.08
C ALA A 227 6.21 -22.88 11.13
N VAL A 228 6.03 -23.88 11.99
CA VAL A 228 7.02 -24.23 13.01
C VAL A 228 7.72 -25.54 12.66
N ASN A 229 9.02 -25.47 12.39
CA ASN A 229 9.74 -26.63 11.91
C ASN A 229 9.93 -27.74 12.98
N ALA A 230 10.22 -28.94 12.49
CA ALA A 230 10.11 -30.20 13.26
C ALA A 230 11.12 -30.34 14.35
N LEU A 231 12.36 -30.00 14.05
CA LEU A 231 13.45 -30.07 15.02
C LEU A 231 13.21 -29.07 16.12
N ALA A 232 12.68 -27.90 15.79
CA ALA A 232 12.38 -26.87 16.79
C ALA A 232 11.32 -27.37 17.75
N ILE A 233 10.32 -28.05 17.23
CA ILE A 233 9.23 -28.58 18.05
C ILE A 233 9.85 -29.56 19.05
N GLU A 234 10.84 -30.29 18.54
CA GLU A 234 11.51 -31.36 19.25
C GLU A 234 12.45 -30.81 20.36
N ALA A 235 13.18 -29.74 20.05
CA ALA A 235 14.01 -29.06 21.03
C ALA A 235 13.17 -28.51 22.17
N ALA A 236 12.08 -27.85 21.81
CA ALA A 236 11.19 -27.27 22.82
C ALA A 236 10.58 -28.30 23.76
N LYS A 237 10.10 -29.40 23.20
CA LYS A 237 9.55 -30.51 23.99
C LYS A 237 10.55 -31.01 25.03
N PHE A 238 11.80 -31.15 24.62
CA PHE A 238 12.90 -31.53 25.51
C PHE A 238 13.19 -30.51 26.64
N ILE A 239 13.34 -29.24 26.28
CA ILE A 239 13.48 -28.19 27.30
C ILE A 239 12.33 -28.22 28.34
N LEU A 240 11.09 -28.36 27.86
CA LEU A 240 9.93 -28.40 28.75
C LEU A 240 9.92 -29.56 29.74
N ILE A 241 10.43 -30.72 29.33
CA ILE A 241 10.44 -31.94 30.15
C ILE A 241 11.55 -31.89 31.22
N HIS A 242 12.52 -31.00 31.02
CA HIS A 242 13.67 -30.93 31.87
C HIS A 242 13.90 -29.48 32.37
N PRO A 243 12.92 -28.91 33.08
CA PRO A 243 13.04 -27.54 33.61
C PRO A 243 14.33 -27.29 34.37
N ALA A 244 14.72 -28.21 35.25
CA ALA A 244 16.01 -28.09 35.95
C ALA A 244 17.23 -27.98 35.01
N GLN A 245 17.33 -28.90 34.06
CA GLN A 245 18.49 -28.90 33.18
C GLN A 245 18.65 -27.56 32.42
N PHE A 246 17.55 -26.89 32.18
CA PHE A 246 17.65 -25.72 31.35
C PHE A 246 17.42 -24.44 32.12
N THR A 247 17.40 -24.56 33.44
CA THR A 247 17.34 -23.42 34.34
C THR A 247 18.63 -22.58 34.26
N LEU A 248 18.47 -21.28 34.23
CA LEU A 248 19.58 -20.39 33.91
C LEU A 248 20.22 -19.88 35.20
N PRO A 249 21.56 -19.84 35.28
CA PRO A 249 22.17 -19.39 36.54
C PRO A 249 22.14 -17.87 36.63
N ILE A 250 20.99 -17.31 36.97
CA ILE A 250 20.80 -15.88 36.87
C ILE A 250 21.48 -15.07 37.99
N ARG A 251 21.61 -15.62 39.21
CA ARG A 251 22.29 -14.87 40.27
C ARG A 251 23.76 -14.71 39.93
N LYS A 252 24.37 -15.82 39.56
CA LYS A 252 25.76 -15.77 39.22
C LYS A 252 26.06 -14.85 37.98
N TRP A 253 25.19 -14.88 36.98
CA TRP A 253 25.34 -13.99 35.84
C TRP A 253 25.17 -12.49 36.21
N GLN A 254 24.15 -12.22 37.01
CA GLN A 254 23.75 -10.89 37.45
C GLN A 254 24.91 -10.32 38.26
N ARG A 255 25.50 -11.16 39.11
CA ARG A 255 26.57 -10.72 39.97
C ARG A 255 27.90 -10.52 39.23
N ASN A 256 28.21 -11.34 38.24
CA ASN A 256 29.34 -11.02 37.36
C ASN A 256 29.11 -9.72 36.60
N THR A 257 27.85 -9.35 36.44
CA THR A 257 27.51 -8.15 35.71
C THR A 257 27.82 -6.88 36.57
N VAL A 258 27.55 -6.98 37.86
CA VAL A 258 27.90 -5.93 38.77
C VAL A 258 29.43 -5.74 38.78
N ASP A 259 30.22 -6.81 38.98
CA ASP A 259 31.68 -6.68 38.91
C ASP A 259 32.14 -6.17 37.55
N PHE A 260 31.35 -6.41 36.50
CA PHE A 260 31.70 -5.93 35.18
C PHE A 260 31.43 -4.43 35.05
N ILE A 261 30.25 -3.99 35.51
CA ILE A 261 29.84 -2.59 35.40
C ILE A 261 30.67 -1.63 36.25
N THR A 262 31.06 -2.10 37.42
CA THR A 262 31.92 -1.39 38.35
C THR A 262 33.27 -1.11 37.72
N ALA A 263 33.90 -2.14 37.21
CA ALA A 263 35.15 -1.95 36.52
C ALA A 263 34.96 -1.01 35.34
N LEU A 264 33.90 -1.19 34.55
CA LEU A 264 33.70 -0.29 33.42
C LEU A 264 33.58 1.21 33.80
N ASN A 265 32.85 1.52 34.88
CA ASN A 265 32.65 2.91 35.21
C ASN A 265 33.99 3.53 35.65
N ARG A 266 34.80 2.74 36.34
CA ARG A 266 36.09 3.22 36.79
C ARG A 266 36.88 3.76 35.62
N LEU A 267 36.65 3.19 34.44
CA LEU A 267 37.36 3.66 33.26
C LEU A 267 36.98 5.10 33.01
N ASP A 268 37.93 5.88 32.55
CA ASP A 268 37.65 7.26 32.14
C ASP A 268 37.37 7.40 30.64
N GLY A 269 36.25 8.03 30.32
CA GLY A 269 35.88 8.25 28.95
C GLY A 269 34.70 7.39 28.58
N VAL A 270 34.28 6.53 29.51
CA VAL A 270 33.10 5.71 29.31
C VAL A 270 32.15 5.70 30.50
N GLU A 271 30.87 5.71 30.16
CA GLU A 271 29.80 5.73 31.13
C GLU A 271 28.86 4.52 30.88
N VAL A 272 28.57 3.73 31.92
CA VAL A 272 27.62 2.63 31.74
C VAL A 272 26.23 2.95 32.25
N HIS A 273 25.25 2.96 31.33
CA HIS A 273 23.85 3.18 31.70
C HIS A 273 23.35 2.10 32.68
N PRO A 274 22.79 2.50 33.84
CA PRO A 274 22.29 1.50 34.79
C PRO A 274 21.42 0.43 34.16
N SER A 275 21.52 -0.81 34.66
CA SER A 275 20.76 -1.90 34.05
C SER A 275 20.15 -2.85 35.05
N GLY A 276 18.94 -3.36 34.77
CA GLY A 276 18.40 -4.39 35.63
C GLY A 276 18.62 -5.85 35.21
N THR A 277 19.51 -6.10 34.25
CA THR A 277 19.70 -7.45 33.79
C THR A 277 21.14 -7.66 33.33
N THR A 278 21.42 -8.75 32.63
CA THR A 278 22.81 -9.14 32.36
C THR A 278 23.45 -8.57 31.08
N PHE A 279 22.70 -7.77 30.34
CA PHE A 279 23.30 -6.93 29.32
C PHE A 279 22.95 -5.46 29.62
N PHE A 280 23.64 -4.53 28.97
CA PHE A 280 23.55 -3.10 29.32
C PHE A 280 24.11 -2.20 28.21
N LEU A 281 23.71 -0.94 28.19
CA LEU A 281 24.31 0.06 27.31
C LEU A 281 25.60 0.71 27.96
N LEU A 282 26.66 0.85 27.20
CA LEU A 282 27.67 1.82 27.58
C LEU A 282 27.86 2.95 26.55
N ARG A 283 28.14 4.15 27.08
CA ARG A 283 28.36 5.34 26.26
C ARG A 283 29.83 5.73 26.21
N LEU A 284 30.35 5.89 25.01
CA LEU A 284 31.66 6.50 24.87
C LEU A 284 31.52 8.01 25.00
N LYS A 285 32.26 8.62 25.94
CA LYS A 285 32.39 10.09 26.01
C LYS A 285 32.94 10.61 24.68
N LYS A 286 34.01 10.00 24.18
CA LYS A 286 34.52 10.30 22.84
C LYS A 286 34.84 9.01 22.07
N GLY A 287 34.78 9.05 20.75
CA GLY A 287 34.93 7.83 19.97
C GLY A 287 33.53 7.38 19.58
N THR A 288 33.43 6.58 18.53
CA THR A 288 32.13 6.08 18.12
C THR A 288 32.05 4.58 18.31
N ALA A 289 30.82 4.09 18.37
CA ALA A 289 30.53 2.68 18.46
C ALA A 289 31.13 1.92 17.27
N ALA A 290 30.90 2.40 16.06
CA ALA A 290 31.56 1.83 14.89
C ALA A 290 33.07 1.74 15.13
N GLU A 291 33.69 2.84 15.52
CA GLU A 291 35.13 2.82 15.83
C GLU A 291 35.50 1.75 16.86
N LEU A 292 34.82 1.74 18.00
CA LEU A 292 35.10 0.79 19.06
C LEU A 292 34.98 -0.67 18.62
N LYS A 293 33.94 -0.97 17.83
CA LYS A 293 33.58 -2.33 17.47
C LYS A 293 34.58 -2.97 16.50
N LYS A 294 35.12 -2.16 15.61
CA LYS A 294 36.12 -2.59 14.65
C LYS A 294 37.48 -2.93 15.30
N TYR A 295 37.84 -2.15 16.31
CA TYR A 295 39.07 -2.32 17.08
C TYR A 295 39.05 -3.60 17.94
N MSE A 296 38.10 -3.65 18.87
CA MSE A 296 37.80 -4.83 19.64
C MSE A 296 37.77 -6.12 18.80
O MSE A 296 38.26 -7.15 19.23
CB MSE A 296 36.47 -4.62 20.36
CG MSE A 296 36.46 -3.40 21.25
SE MSE A 296 37.76 -3.56 22.75
CE MSE A 296 36.72 -4.83 23.86
N LEU A 297 37.23 -6.04 17.59
CA LEU A 297 37.19 -7.20 16.71
C LEU A 297 38.55 -7.48 16.09
N GLU A 298 39.10 -6.52 15.38
CA GLU A 298 40.40 -6.69 14.76
C GLU A 298 41.59 -6.82 15.72
N GLU A 299 41.68 -5.93 16.69
CA GLU A 299 42.82 -5.97 17.62
C GLU A 299 42.68 -7.07 18.65
N TYR A 300 41.48 -7.22 19.19
CA TYR A 300 41.32 -8.07 20.35
C TYR A 300 40.34 -9.27 20.20
N ASN A 301 39.82 -9.52 18.99
CA ASN A 301 39.00 -10.71 18.75
C ASN A 301 37.72 -10.77 19.56
N MSE A 302 37.17 -9.61 19.90
CA MSE A 302 35.97 -9.52 20.69
C MSE A 302 34.87 -8.83 19.92
O MSE A 302 35.07 -7.73 19.39
CB MSE A 302 36.24 -8.75 21.97
CG MSE A 302 36.91 -9.59 23.02
SE MSE A 302 37.62 -8.53 24.51
CE MSE A 302 39.54 -8.78 24.19
N LEU A 303 33.70 -9.44 19.88
CA LEU A 303 32.58 -8.80 19.23
C LEU A 303 31.66 -8.03 20.19
N ILE A 304 31.27 -6.83 19.77
CA ILE A 304 30.34 -6.01 20.55
C ILE A 304 29.21 -5.58 19.63
N ARG A 305 28.06 -5.20 20.21
CA ARG A 305 26.96 -4.62 19.45
C ARG A 305 26.99 -3.07 19.34
N ASP A 306 27.34 -2.58 18.17
CA ASP A 306 27.06 -1.18 17.85
C ASP A 306 25.56 -0.91 18.03
N ALA A 307 25.22 -0.13 19.05
CA ALA A 307 23.84 0.21 19.33
C ALA A 307 23.29 1.46 18.59
N SER A 308 24.10 2.02 17.69
CA SER A 308 23.72 3.24 16.94
C SER A 308 22.35 3.14 16.24
N ASN A 309 21.97 1.95 15.78
CA ASN A 309 20.75 1.81 14.99
C ASN A 309 19.47 1.64 15.81
N PHE A 310 19.58 1.81 17.12
CA PHE A 310 18.40 1.83 17.98
C PHE A 310 17.80 3.23 17.96
N ARG A 311 16.49 3.29 17.78
CA ARG A 311 15.79 4.55 17.92
C ARG A 311 16.09 5.18 19.26
N GLY A 312 16.60 6.41 19.23
CA GLY A 312 16.89 7.09 20.48
C GLY A 312 18.31 6.97 21.02
N LEU A 313 19.19 6.33 20.24
CA LEU A 313 20.61 6.28 20.56
C LEU A 313 21.42 6.76 19.37
N ASP A 314 22.58 7.38 19.60
CA ASP A 314 23.44 7.79 18.49
C ASP A 314 24.68 6.87 18.38
N GLU A 315 25.75 7.33 17.74
CA GLU A 315 26.95 6.52 17.51
C GLU A 315 27.87 6.40 18.73
N SER A 316 27.45 6.94 19.87
CA SER A 316 28.27 6.83 21.06
C SER A 316 27.91 5.58 21.89
N TYR A 317 26.83 4.87 21.49
CA TYR A 317 26.32 3.75 22.28
C TYR A 317 26.66 2.35 21.75
N VAL A 318 27.13 1.48 22.64
CA VAL A 318 27.22 0.05 22.38
C VAL A 318 26.41 -0.74 23.40
N ARG A 319 25.88 -1.89 22.98
CA ARG A 319 25.27 -2.83 23.91
C ARG A 319 26.29 -3.91 24.24
N ILE A 320 26.46 -4.20 25.53
CA ILE A 320 27.38 -5.24 25.98
C ILE A 320 26.71 -6.29 26.90
N THR A 321 26.83 -7.59 26.57
CA THR A 321 26.41 -8.66 27.47
C THR A 321 27.57 -9.27 28.26
N THR A 322 27.45 -9.26 29.57
CA THR A 322 28.38 -9.96 30.47
C THR A 322 28.70 -11.40 30.03
N GLN A 323 29.97 -11.64 29.74
CA GLN A 323 30.49 -12.95 29.41
C GLN A 323 31.15 -13.55 30.66
N ARG A 324 32.13 -14.43 30.53
CA ARG A 324 32.77 -14.94 31.77
C ARG A 324 33.70 -13.90 32.49
N PRO A 325 33.97 -14.08 33.79
CA PRO A 325 34.82 -13.09 34.47
C PRO A 325 36.17 -12.90 33.80
N ALA A 326 36.93 -13.98 33.62
CA ALA A 326 38.16 -13.87 32.84
C ALA A 326 37.98 -13.15 31.49
N GLN A 327 36.88 -13.37 30.76
CA GLN A 327 36.70 -12.69 29.48
C GLN A 327 36.38 -11.23 29.73
N ASN A 328 35.63 -10.98 30.80
CA ASN A 328 35.22 -9.63 31.16
C ASN A 328 36.46 -8.85 31.54
N GLN A 329 37.31 -9.48 32.34
CA GLN A 329 38.54 -8.84 32.77
C GLN A 329 39.34 -8.43 31.53
N LEU A 330 39.50 -9.38 30.63
CA LEU A 330 40.27 -9.16 29.42
C LEU A 330 39.60 -8.19 28.42
N PHE A 331 38.30 -7.95 28.59
CA PHE A 331 37.63 -6.96 27.76
C PHE A 331 37.89 -5.56 28.30
N ILE A 332 38.07 -5.46 29.60
CA ILE A 332 38.42 -4.19 30.23
C ILE A 332 39.80 -3.63 29.78
N LYS A 333 40.80 -4.48 29.62
CA LYS A 333 42.07 -4.03 29.06
C LYS A 333 41.87 -3.65 27.60
N ALA A 334 41.25 -4.56 26.85
CA ALA A 334 40.94 -4.30 25.46
C ALA A 334 40.39 -2.89 25.33
N LEU A 335 39.44 -2.54 26.17
CA LEU A 335 38.82 -1.22 26.11
C LEU A 335 39.78 -0.05 26.55
N GLU A 336 40.38 -0.22 27.73
CA GLU A 336 41.36 0.73 28.24
C GLU A 336 42.38 1.06 27.16
N THR A 337 42.85 0.03 26.47
CA THR A 337 43.78 0.22 25.39
C THR A 337 43.22 1.09 24.28
N PHE A 338 41.93 0.92 24.01
CA PHE A 338 41.25 1.76 23.05
C PHE A 338 41.29 3.22 23.51
N LEU A 339 40.74 3.47 24.68
CA LEU A 339 40.58 4.81 25.17
C LEU A 339 41.87 5.60 25.04
N GLU A 340 43.01 4.97 25.31
CA GLU A 340 44.26 5.72 25.26
C GLU A 340 44.67 6.11 23.85
N LYS A 341 43.80 5.87 22.87
CA LYS A 341 44.10 6.16 21.46
C LYS A 341 43.16 7.19 20.88
N ILE B 17 -33.96 2.32 -11.65
CA ILE B 17 -33.63 3.21 -12.79
C ILE B 17 -32.48 2.70 -13.66
N VAL B 18 -32.79 2.32 -14.90
CA VAL B 18 -31.78 1.73 -15.80
C VAL B 18 -31.22 2.78 -16.75
N ASN B 19 -29.90 2.98 -16.68
CA ASN B 19 -29.32 4.12 -17.35
C ASN B 19 -28.79 3.76 -18.72
N PHE B 20 -29.34 4.40 -19.75
CA PHE B 20 -28.92 4.22 -21.14
C PHE B 20 -28.22 5.48 -21.64
N SER B 21 -28.11 6.48 -20.76
CA SER B 21 -27.66 7.85 -21.11
C SER B 21 -26.16 8.18 -20.92
N THR B 22 -25.37 7.28 -20.34
CA THR B 22 -23.97 7.62 -20.15
C THR B 22 -23.10 6.78 -21.05
N THR B 23 -22.01 7.37 -21.51
CA THR B 23 -21.02 6.61 -22.22
C THR B 23 -19.98 5.98 -21.29
N VAL B 24 -20.35 5.71 -20.01
CA VAL B 24 -19.45 5.03 -19.06
C VAL B 24 -19.74 3.51 -19.04
N TRP B 25 -18.69 2.69 -19.15
CA TRP B 25 -18.80 1.25 -18.90
C TRP B 25 -19.03 0.94 -17.42
N THR B 26 -20.12 0.23 -17.13
CA THR B 26 -20.75 0.37 -15.83
C THR B 26 -20.84 -0.98 -15.15
N ASP B 27 -20.64 -2.02 -15.94
CA ASP B 27 -20.85 -3.37 -15.46
C ASP B 27 -19.54 -4.03 -15.07
N GLY B 28 -18.49 -3.25 -14.92
CA GLY B 28 -17.21 -3.82 -14.52
C GLY B 28 -17.29 -4.39 -13.11
N ASP B 29 -16.31 -5.22 -12.76
CA ASP B 29 -16.22 -5.73 -11.37
C ASP B 29 -15.41 -4.73 -10.55
N LYS B 30 -16.11 -3.89 -9.78
CA LYS B 30 -15.43 -2.80 -9.03
C LYS B 30 -15.28 -3.18 -7.56
N ASP B 31 -15.70 -4.40 -7.25
CA ASP B 31 -15.74 -4.88 -5.89
C ASP B 31 -14.37 -4.77 -5.22
N HIS B 32 -13.36 -5.21 -5.94
CA HIS B 32 -12.05 -5.20 -5.37
C HIS B 32 -11.41 -3.83 -5.36
N LEU B 33 -11.74 -3.00 -6.35
CA LEU B 33 -11.23 -1.65 -6.39
C LEU B 33 -11.78 -0.87 -5.22
N GLU B 34 -13.06 -1.05 -4.94
CA GLU B 34 -13.67 -0.35 -3.81
C GLU B 34 -13.19 -0.82 -2.44
N LYS B 35 -12.98 -2.11 -2.26
CA LYS B 35 -12.34 -2.63 -1.08
C LYS B 35 -10.91 -2.00 -0.89
N HIS B 36 -10.13 -1.95 -1.96
CA HIS B 36 -8.84 -1.29 -1.94
C HIS B 36 -8.94 0.16 -1.45
N LEU B 37 -9.98 0.85 -1.90
CA LEU B 37 -10.17 2.22 -1.51
C LEU B 37 -10.53 2.31 -0.03
N VAL B 38 -11.33 1.36 0.44
CA VAL B 38 -11.70 1.36 1.83
C VAL B 38 -10.46 1.09 2.67
N GLU B 39 -9.60 0.21 2.18
CA GLU B 39 -8.38 -0.16 2.92
C GLU B 39 -7.35 0.97 2.99
N ASN B 40 -7.43 1.92 2.05
CA ASN B 40 -6.49 3.02 1.99
C ASN B 40 -7.09 4.40 2.13
N LEU B 41 -8.16 4.50 2.89
CA LEU B 41 -8.94 5.72 3.02
C LEU B 41 -8.15 6.79 3.77
N ASN B 42 -7.15 6.34 4.51
CA ASN B 42 -6.32 7.29 5.22
C ASN B 42 -5.48 8.23 4.33
N CYS B 43 -5.52 8.00 3.01
CA CYS B 43 -4.80 8.88 2.12
C CYS B 43 -5.50 10.26 1.97
N ILE B 44 -6.71 10.40 2.54
CA ILE B 44 -7.45 11.67 2.44
C ILE B 44 -6.93 12.66 3.47
N ARG B 45 -6.09 12.14 4.38
CA ARG B 45 -5.46 12.87 5.49
C ARG B 45 -4.09 13.46 5.11
N HIS B 46 -3.61 13.15 3.93
CA HIS B 46 -2.31 13.64 3.53
C HIS B 46 -2.41 14.29 2.18
N TYR B 47 -1.58 15.29 1.97
CA TYR B 47 -1.47 15.84 0.64
C TYR B 47 -1.05 14.67 -0.26
N PRO B 48 -1.64 14.59 -1.46
CA PRO B 48 -1.09 13.79 -2.55
C PRO B 48 0.22 14.44 -3.03
N GLU B 49 1.06 13.68 -3.69
CA GLU B 49 2.15 14.32 -4.39
C GLU B 49 1.51 15.45 -5.20
N PRO B 50 2.09 16.65 -5.13
CA PRO B 50 1.59 17.88 -5.78
C PRO B 50 1.46 17.63 -7.27
N ASP B 51 2.14 16.56 -7.59
CA ASP B 51 2.57 16.17 -8.90
C ASP B 51 1.81 14.98 -9.53
N ALA B 52 1.18 14.17 -8.67
CA ALA B 52 0.95 12.73 -8.90
C ALA B 52 2.16 12.04 -9.54
N GLY B 53 3.35 12.41 -9.06
CA GLY B 53 4.58 12.01 -9.72
C GLY B 53 4.81 10.52 -9.79
N THR B 54 4.40 9.81 -8.76
CA THR B 54 4.57 8.39 -8.75
C THR B 54 3.61 7.70 -9.74
N LEU B 55 2.38 8.19 -9.78
CA LEU B 55 1.42 7.64 -10.72
C LEU B 55 1.83 8.00 -12.14
N ARG B 56 2.43 9.18 -12.30
CA ARG B 56 2.89 9.64 -13.59
C ARG B 56 3.90 8.63 -14.09
N GLN B 57 4.84 8.30 -13.22
CA GLN B 57 5.92 7.37 -13.48
C GLN B 57 5.47 5.94 -13.85
N MSE B 58 4.55 5.37 -13.10
CA MSE B 58 3.99 4.09 -13.51
C MSE B 58 3.26 4.15 -14.87
O MSE B 58 3.31 3.19 -15.64
CB MSE B 58 3.08 3.52 -12.43
CG MSE B 58 3.72 3.56 -11.04
SE MSE B 58 2.38 3.40 -9.61
CE MSE B 58 1.32 1.90 -10.32
N LEU B 59 2.58 5.26 -15.16
CA LEU B 59 1.87 5.39 -16.44
C LEU B 59 2.86 5.40 -17.60
N ALA B 60 3.92 6.17 -17.45
CA ALA B 60 5.00 6.27 -18.43
C ALA B 60 5.57 4.91 -18.85
N LYS B 61 5.83 4.06 -17.86
CA LYS B 61 6.52 2.79 -18.05
C LYS B 61 5.59 1.82 -18.71
N ARG B 62 4.43 1.62 -18.09
CA ARG B 62 3.33 0.86 -18.65
C ARG B 62 2.91 1.26 -20.11
N ASN B 63 2.93 2.55 -20.43
CA ASN B 63 2.66 3.02 -21.79
C ASN B 63 3.92 3.22 -22.61
N SER B 64 5.09 2.91 -22.04
CA SER B 64 6.27 2.77 -22.88
C SER B 64 6.65 4.08 -23.56
N VAL B 65 6.37 5.18 -22.85
CA VAL B 65 6.87 6.49 -23.22
C VAL B 65 7.61 7.00 -22.01
N ASP B 66 8.14 8.22 -22.13
CA ASP B 66 8.95 8.82 -21.08
C ASP B 66 8.17 9.57 -20.00
N ASN B 67 8.85 9.81 -18.88
CA ASN B 67 8.28 10.48 -17.74
C ASN B 67 7.86 11.90 -18.13
N ASN B 68 8.62 12.49 -19.04
CA ASN B 68 8.37 13.85 -19.49
C ASN B 68 7.08 13.94 -20.25
N ALA B 69 6.55 12.78 -20.62
CA ALA B 69 5.51 12.71 -21.61
C ALA B 69 4.13 12.39 -21.02
N ILE B 70 4.05 12.22 -19.69
CA ILE B 70 2.75 12.12 -19.03
C ILE B 70 2.46 13.31 -18.10
N LEU B 71 1.22 13.77 -18.14
CA LEU B 71 0.80 14.73 -17.16
C LEU B 71 -0.58 14.29 -16.69
N VAL B 72 -0.66 13.89 -15.43
CA VAL B 72 -1.89 13.43 -14.83
C VAL B 72 -2.80 14.62 -14.54
N THR B 73 -4.07 14.48 -14.82
CA THR B 73 -4.96 15.61 -14.75
C THR B 73 -6.21 15.30 -13.93
N ASN B 74 -6.89 16.33 -13.47
CA ASN B 74 -8.15 16.22 -12.70
C ASN B 74 -9.40 15.77 -13.54
N GLY B 75 -9.29 14.65 -14.25
CA GLY B 75 -10.30 14.25 -15.22
C GLY B 75 -9.85 14.48 -16.64
N PRO B 76 -10.38 13.72 -17.61
CA PRO B 76 -10.04 14.02 -19.02
C PRO B 76 -10.47 15.45 -19.45
N THR B 77 -11.60 15.93 -18.93
CA THR B 77 -12.11 17.28 -19.23
C THR B 77 -11.12 18.38 -18.85
N ALA B 78 -10.64 18.36 -17.60
CA ALA B 78 -9.62 19.31 -17.17
C ALA B 78 -8.42 19.33 -18.15
N ALA B 79 -8.00 18.15 -18.65
CA ALA B 79 -6.94 18.12 -19.64
C ALA B 79 -7.26 18.95 -20.94
N PHE B 80 -8.53 19.00 -21.36
CA PHE B 80 -8.95 19.73 -22.58
C PHE B 80 -8.81 21.25 -22.37
N TYR B 81 -9.34 21.71 -21.23
CA TYR B 81 -9.14 23.07 -20.76
C TYR B 81 -7.68 23.52 -20.60
N GLN B 82 -6.84 22.71 -19.98
CA GLN B 82 -5.46 23.13 -19.80
C GLN B 82 -4.70 23.16 -21.12
N ILE B 83 -5.09 22.29 -22.07
CA ILE B 83 -4.52 22.31 -23.43
C ILE B 83 -4.94 23.56 -24.21
N ALA B 84 -6.24 23.84 -24.20
CA ALA B 84 -6.79 25.03 -24.81
C ALA B 84 -6.09 26.26 -24.23
N GLN B 85 -6.04 26.34 -22.91
CA GLN B 85 -5.37 27.44 -22.22
C GLN B 85 -3.90 27.69 -22.62
N ALA B 86 -3.11 26.64 -22.71
CA ALA B 86 -1.70 26.79 -23.06
C ALA B 86 -1.52 27.40 -24.45
N PHE B 87 -2.57 27.34 -25.26
CA PHE B 87 -2.53 27.82 -26.63
C PHE B 87 -3.66 28.79 -26.94
N ARG B 88 -3.95 29.64 -25.97
CA ARG B 88 -5.00 30.67 -26.03
C ARG B 88 -5.26 31.29 -27.40
N GLY B 89 -4.27 31.39 -28.25
CA GLY B 89 -4.58 32.11 -29.47
C GLY B 89 -5.17 31.30 -30.62
N SER B 90 -5.22 29.98 -30.46
CA SER B 90 -5.09 29.08 -31.59
C SER B 90 -6.31 28.97 -32.49
N ARG B 91 -6.09 28.29 -33.60
CA ARG B 91 -7.13 28.00 -34.52
C ARG B 91 -7.42 26.50 -34.42
N SER B 92 -8.65 26.17 -34.08
CA SER B 92 -9.02 24.78 -33.83
C SER B 92 -10.11 24.28 -34.78
N LEU B 93 -9.83 23.13 -35.37
CA LEU B 93 -10.79 22.43 -36.19
C LEU B 93 -11.43 21.37 -35.31
N ILE B 94 -12.75 21.40 -35.22
CA ILE B 94 -13.45 20.48 -34.36
C ILE B 94 -14.52 19.64 -35.14
N ALA B 95 -14.38 18.33 -35.12
CA ALA B 95 -15.43 17.51 -35.69
C ALA B 95 -16.67 17.58 -34.81
N ILE B 96 -17.83 17.65 -35.45
CA ILE B 96 -19.10 17.66 -34.74
C ILE B 96 -19.97 16.68 -35.48
N PRO B 97 -20.95 16.10 -34.80
CA PRO B 97 -21.13 16.30 -33.38
C PRO B 97 -19.93 15.71 -32.56
N SER B 98 -19.70 16.21 -31.34
CA SER B 98 -18.65 15.71 -30.44
C SER B 98 -18.91 16.22 -29.03
N PHE B 99 -18.17 15.67 -28.06
CA PHE B 99 -18.18 16.15 -26.67
C PHE B 99 -18.13 17.67 -26.63
N ALA B 100 -19.13 18.32 -26.00
CA ALA B 100 -19.27 19.78 -26.05
C ALA B 100 -18.01 20.48 -25.49
N GLU B 101 -17.25 19.71 -24.72
CA GLU B 101 -16.15 20.25 -23.92
C GLU B 101 -14.91 20.64 -24.73
N TYR B 102 -14.71 20.03 -25.89
CA TYR B 102 -13.66 20.54 -26.77
C TYR B 102 -14.01 21.99 -27.12
N GLU B 103 -15.28 22.20 -27.48
CA GLU B 103 -15.79 23.52 -27.86
C GLU B 103 -15.64 24.51 -26.70
N ASP B 104 -16.19 24.14 -25.56
CA ASP B 104 -16.28 25.02 -24.41
C ASP B 104 -14.88 25.51 -24.06
N ALA B 105 -13.91 24.59 -24.10
CA ALA B 105 -12.53 24.85 -23.77
C ALA B 105 -11.93 25.82 -24.77
N CYS B 106 -12.08 25.52 -26.05
CA CYS B 106 -11.61 26.46 -27.07
C CYS B 106 -12.25 27.87 -26.96
N ARG B 107 -13.55 27.90 -26.75
CA ARG B 107 -14.26 29.15 -26.50
C ARG B 107 -13.61 29.91 -25.32
N MSE B 108 -13.55 29.26 -24.16
CA MSE B 108 -13.00 29.86 -22.97
C MSE B 108 -11.67 30.53 -23.22
O MSE B 108 -11.41 31.59 -22.69
CB MSE B 108 -12.88 28.85 -21.84
CG MSE B 108 -12.46 29.47 -20.53
SE MSE B 108 -12.41 28.21 -18.98
CE MSE B 108 -14.36 27.85 -18.91
N TYR B 109 -10.83 29.89 -24.03
CA TYR B 109 -9.50 30.41 -24.32
C TYR B 109 -9.37 31.07 -25.70
N GLU B 110 -10.51 31.55 -26.21
CA GLU B 110 -10.59 32.33 -27.43
C GLU B 110 -9.81 31.81 -28.64
N HIS B 111 -9.93 30.50 -28.88
CA HIS B 111 -9.62 29.92 -30.18
C HIS B 111 -10.58 30.44 -31.28
N GLU B 112 -10.09 30.46 -32.51
CA GLU B 112 -10.96 30.56 -33.68
C GLU B 112 -11.38 29.15 -34.09
N VAL B 113 -12.65 28.85 -33.88
CA VAL B 113 -13.15 27.51 -34.04
C VAL B 113 -13.85 27.26 -35.37
N CYS B 114 -13.36 26.27 -36.11
CA CYS B 114 -14.01 25.80 -37.35
C CYS B 114 -14.60 24.43 -37.17
N PHE B 115 -15.86 24.27 -37.54
CA PHE B 115 -16.52 22.99 -37.42
C PHE B 115 -16.33 22.12 -38.66
N TYR B 116 -16.54 20.83 -38.49
CA TYR B 116 -16.41 19.91 -39.61
C TYR B 116 -17.21 18.65 -39.31
N PRO B 117 -17.97 18.17 -40.28
CA PRO B 117 -18.78 16.97 -40.05
C PRO B 117 -17.91 15.75 -39.75
N SER B 118 -18.26 15.02 -38.69
CA SER B 118 -17.56 13.80 -38.36
C SER B 118 -17.99 12.68 -39.31
N ASN B 119 -19.12 12.86 -39.98
CA ASN B 119 -19.49 11.89 -41.00
C ASN B 119 -18.98 12.13 -42.43
N GLU B 120 -18.12 13.14 -42.64
CA GLU B 120 -17.38 13.22 -43.89
C GLU B 120 -15.97 12.83 -43.57
N ASP B 121 -15.14 12.67 -44.59
CA ASP B 121 -13.81 12.17 -44.34
C ASP B 121 -12.90 13.28 -43.87
N ILE B 122 -12.53 13.19 -42.60
CA ILE B 122 -11.61 14.11 -41.94
C ILE B 122 -10.32 14.43 -42.72
N GLY B 123 -9.86 13.50 -43.56
CA GLY B 123 -8.70 13.73 -44.42
C GLY B 123 -8.84 14.74 -45.56
N GLU B 124 -10.06 15.16 -45.88
CA GLU B 124 -10.25 16.25 -46.83
C GLU B 124 -10.90 17.49 -46.25
N ALA B 125 -10.57 17.77 -45.00
CA ALA B 125 -10.89 19.05 -44.40
C ALA B 125 -9.72 19.93 -44.73
N ASP B 126 -9.96 21.23 -44.75
CA ASP B 126 -8.92 22.23 -44.99
C ASP B 126 -8.12 22.39 -43.70
N PHE B 127 -6.87 21.98 -43.69
CA PHE B 127 -6.02 22.12 -42.51
C PHE B 127 -5.02 23.30 -42.59
N SER B 128 -5.13 24.16 -43.60
CA SER B 128 -4.08 25.11 -43.93
C SER B 128 -3.74 26.12 -42.86
N ASN B 129 -4.72 26.59 -42.12
CA ASN B 129 -4.35 27.48 -41.05
C ASN B 129 -4.78 26.99 -39.66
N MSE B 130 -4.86 25.67 -39.53
CA MSE B 130 -5.33 25.06 -38.30
C MSE B 130 -4.16 24.70 -37.40
O MSE B 130 -3.21 24.05 -37.82
CB MSE B 130 -6.13 23.80 -38.61
CG MSE B 130 -7.36 24.07 -39.44
SE MSE B 130 -8.65 25.22 -38.49
CE MSE B 130 -10.17 24.74 -39.62
N ASP B 131 -4.24 25.10 -36.16
CA ASP B 131 -3.14 24.74 -35.28
C ASP B 131 -3.50 23.44 -34.60
N PHE B 132 -4.78 23.30 -34.25
CA PHE B 132 -5.27 22.13 -33.57
C PHE B 132 -6.46 21.53 -34.32
N CYS B 133 -6.55 20.21 -34.24
CA CYS B 133 -7.68 19.48 -34.72
C CYS B 133 -8.11 18.49 -33.63
N TRP B 134 -9.37 18.58 -33.24
CA TRP B 134 -9.87 17.85 -32.08
C TRP B 134 -10.72 16.65 -32.50
N LEU B 135 -10.20 15.46 -32.24
CA LEU B 135 -10.83 14.22 -32.65
C LEU B 135 -11.09 13.25 -31.49
N CYS B 136 -12.17 12.50 -31.57
CA CYS B 136 -12.40 11.47 -30.58
C CYS B 136 -12.67 10.17 -31.34
N ASN B 137 -12.05 9.07 -30.92
CA ASN B 137 -12.17 7.83 -31.68
C ASN B 137 -12.18 6.58 -30.82
N PRO B 138 -13.31 5.84 -30.81
CA PRO B 138 -14.57 6.18 -31.51
C PRO B 138 -15.19 7.46 -30.93
N ASN B 139 -16.00 8.14 -31.73
CA ASN B 139 -16.53 9.44 -31.35
C ASN B 139 -17.82 9.36 -30.53
N ASN B 140 -17.86 10.20 -29.51
CA ASN B 140 -19.07 10.51 -28.78
C ASN B 140 -19.73 11.66 -29.54
N PRO B 141 -21.04 11.53 -29.92
CA PRO B 141 -22.02 10.47 -29.67
C PRO B 141 -22.25 9.54 -30.88
N ASP B 142 -21.56 9.83 -31.98
CA ASP B 142 -21.65 9.13 -33.26
C ASP B 142 -21.25 7.67 -33.26
N GLY B 143 -20.19 7.40 -32.50
CA GLY B 143 -19.45 6.16 -32.62
C GLY B 143 -18.57 6.09 -33.86
N ARG B 144 -18.38 7.22 -34.53
CA ARG B 144 -17.55 7.27 -35.72
C ARG B 144 -16.13 6.80 -35.43
N LEU B 145 -15.67 5.79 -36.16
CA LEU B 145 -14.37 5.21 -35.95
C LEU B 145 -13.47 5.53 -37.15
N LEU B 146 -12.33 6.14 -36.86
CA LEU B 146 -11.26 6.31 -37.82
C LEU B 146 -10.29 5.13 -37.66
N GLN B 147 -9.84 4.57 -38.78
CA GLN B 147 -8.84 3.52 -38.74
C GLN B 147 -7.50 4.07 -38.27
N ARG B 148 -6.80 3.29 -37.45
CA ARG B 148 -5.47 3.63 -36.99
C ARG B 148 -4.68 4.25 -38.13
N THR B 149 -4.55 3.48 -39.20
CA THR B 149 -3.80 3.90 -40.39
C THR B 149 -4.20 5.29 -40.93
N GLU B 150 -5.49 5.62 -40.83
CA GLU B 150 -6.04 6.86 -41.39
C GLU B 150 -5.66 8.07 -40.54
N ILE B 151 -5.52 7.85 -39.24
CA ILE B 151 -4.95 8.84 -38.35
C ILE B 151 -3.45 9.07 -38.58
N LEU B 152 -2.67 7.99 -38.75
CA LEU B 152 -1.22 8.13 -39.05
C LEU B 152 -0.99 9.01 -40.27
N ARG B 153 -1.81 8.79 -41.29
CA ARG B 153 -1.82 9.58 -42.50
C ARG B 153 -2.06 11.06 -42.21
N LEU B 154 -3.00 11.32 -41.30
CA LEU B 154 -3.33 12.66 -40.86
C LEU B 154 -2.13 13.27 -40.21
N LEU B 155 -1.59 12.55 -39.25
CA LEU B 155 -0.39 12.97 -38.54
C LEU B 155 0.73 13.37 -39.50
N ASN B 156 0.94 12.57 -40.53
CA ASN B 156 2.05 12.78 -41.46
C ASN B 156 1.79 13.81 -42.58
N ASP B 157 0.54 14.01 -42.96
CA ASP B 157 0.23 14.95 -44.04
C ASP B 157 0.04 16.39 -43.55
N HIS B 158 0.04 16.55 -42.23
CA HIS B 158 -0.19 17.86 -41.64
C HIS B 158 0.62 18.01 -40.37
N PRO B 159 1.92 18.28 -40.52
CA PRO B 159 2.80 18.48 -39.37
C PRO B 159 2.49 19.79 -38.66
N ASP B 160 1.75 20.66 -39.32
CA ASP B 160 1.55 21.99 -38.77
C ASP B 160 0.25 22.06 -37.99
N THR B 161 -0.47 20.94 -37.99
CA THR B 161 -1.64 20.80 -37.17
C THR B 161 -1.29 19.82 -36.09
N THR B 162 -1.46 20.23 -34.84
CA THR B 162 -1.43 19.29 -33.75
C THR B 162 -2.84 18.72 -33.62
N PHE B 163 -2.96 17.40 -33.66
CA PHE B 163 -4.24 16.70 -33.52
C PHE B 163 -4.37 16.32 -32.07
N VAL B 164 -5.44 16.77 -31.42
CA VAL B 164 -5.68 16.37 -30.04
C VAL B 164 -6.63 15.20 -30.05
N LEU B 165 -6.12 14.06 -29.61
CA LEU B 165 -6.85 12.80 -29.73
C LEU B 165 -7.47 12.38 -28.40
N ASP B 166 -8.77 12.57 -28.25
CA ASP B 166 -9.48 12.10 -27.07
C ASP B 166 -9.53 10.58 -27.09
N GLN B 167 -8.94 9.96 -26.09
CA GLN B 167 -8.77 8.50 -26.05
C GLN B 167 -9.67 7.84 -25.01
N SER B 168 -10.66 8.58 -24.54
CA SER B 168 -11.54 8.12 -23.48
C SER B 168 -12.12 6.75 -23.80
N TYR B 169 -12.33 6.48 -25.08
CA TYR B 169 -12.95 5.24 -25.50
C TYR B 169 -12.09 4.29 -26.31
N VAL B 170 -10.77 4.34 -26.22
CA VAL B 170 -9.95 3.37 -26.94
C VAL B 170 -10.26 1.89 -26.64
N SER B 171 -10.87 1.63 -25.49
CA SER B 171 -11.24 0.26 -25.11
C SER B 171 -12.64 -0.18 -25.61
N PHE B 172 -13.38 0.76 -26.18
CA PHE B 172 -14.73 0.50 -26.68
C PHE B 172 -14.74 -0.04 -28.12
N THR B 173 -13.57 -0.38 -28.63
CA THR B 173 -13.44 -1.04 -29.91
C THR B 173 -12.36 -2.11 -29.90
N THR B 174 -12.51 -3.01 -30.84
CA THR B 174 -11.66 -4.16 -31.12
C THR B 174 -10.69 -3.75 -32.22
N GLU B 175 -10.95 -2.63 -32.86
CA GLU B 175 -10.14 -2.24 -34.00
C GLU B 175 -8.82 -1.85 -33.38
N GLU B 176 -7.76 -1.77 -34.17
CA GLU B 176 -6.54 -1.28 -33.60
C GLU B 176 -6.46 0.25 -33.60
N VAL B 177 -5.93 0.77 -32.51
CA VAL B 177 -5.96 2.20 -32.25
C VAL B 177 -4.59 2.80 -32.23
N ILE B 178 -4.56 4.13 -32.24
CA ILE B 178 -3.40 4.90 -31.87
C ILE B 178 -3.10 4.60 -30.39
N ARG B 179 -1.84 4.68 -30.00
CA ARG B 179 -1.48 4.46 -28.59
C ARG B 179 -0.43 5.44 -28.19
N PRO B 180 -0.13 5.53 -26.88
CA PRO B 180 0.83 6.52 -26.36
C PRO B 180 2.20 6.56 -27.10
N ALA B 181 2.78 5.40 -27.36
CA ALA B 181 4.08 5.36 -28.01
C ALA B 181 4.08 5.84 -29.49
N ASP B 182 2.93 6.26 -30.00
CA ASP B 182 2.89 6.94 -31.27
C ASP B 182 3.48 8.39 -31.26
N ILE B 183 3.51 9.07 -30.11
CA ILE B 183 4.10 10.40 -30.11
C ILE B 183 5.54 10.38 -30.62
N LYS B 184 6.23 9.26 -30.44
CA LYS B 184 7.68 9.19 -30.71
C LYS B 184 8.01 9.50 -32.17
N GLY B 185 8.98 10.37 -32.40
CA GLY B 185 9.31 10.75 -33.76
C GLY B 185 8.33 11.70 -34.44
N ARG B 186 7.31 12.12 -33.73
CA ARG B 186 6.40 13.14 -34.27
C ARG B 186 6.05 14.14 -33.19
N LYS B 187 5.58 15.30 -33.61
CA LYS B 187 5.39 16.36 -32.65
C LYS B 187 3.94 16.77 -32.63
N ASN B 188 3.20 16.37 -33.65
CA ASN B 188 1.83 16.82 -33.83
C ASN B 188 0.73 15.93 -33.24
N LEU B 189 1.10 14.94 -32.43
CA LEU B 189 0.11 14.05 -31.78
C LEU B 189 0.06 14.25 -30.27
N VAL B 190 -1.13 14.48 -29.75
CA VAL B 190 -1.32 14.68 -28.32
C VAL B 190 -2.55 13.90 -27.88
N MSE B 191 -2.45 13.20 -26.75
CA MSE B 191 -3.52 12.28 -26.33
C MSE B 191 -4.06 12.57 -24.96
O MSE B 191 -3.35 13.11 -24.15
CB MSE B 191 -3.03 10.84 -26.40
CG MSE B 191 -3.03 10.37 -27.82
SE MSE B 191 -2.05 8.74 -28.11
CE MSE B 191 -0.25 9.42 -27.66
N VAL B 192 -5.33 12.22 -24.71
CA VAL B 192 -5.94 12.44 -23.41
C VAL B 192 -6.62 11.13 -23.02
N TYR B 193 -6.15 10.49 -21.96
CA TYR B 193 -6.75 9.25 -21.52
C TYR B 193 -7.72 9.48 -20.38
N SER B 194 -8.62 8.54 -20.14
CA SER B 194 -9.62 8.75 -19.12
C SER B 194 -9.73 7.49 -18.27
N PHE B 195 -9.98 7.68 -16.99
CA PHE B 195 -10.24 6.57 -16.12
C PHE B 195 -11.72 6.51 -15.88
N SER B 196 -12.43 7.57 -16.24
CA SER B 196 -13.85 7.58 -15.91
C SER B 196 -14.75 6.64 -16.73
N HIS B 197 -14.35 6.33 -17.95
CA HIS B 197 -15.24 5.68 -18.87
C HIS B 197 -15.05 4.18 -18.88
N ALA B 198 -13.81 3.77 -19.15
CA ALA B 198 -13.47 2.37 -19.26
C ALA B 198 -13.63 1.68 -17.92
N TYR B 199 -13.53 2.42 -16.81
CA TYR B 199 -13.49 1.78 -15.49
C TYR B 199 -14.60 2.08 -14.48
N GLY B 200 -15.59 2.86 -14.89
CA GLY B 200 -16.72 3.16 -14.05
C GLY B 200 -16.46 4.18 -12.95
N ILE B 201 -15.38 4.95 -13.06
CA ILE B 201 -15.08 5.87 -11.96
C ILE B 201 -15.04 7.37 -12.39
N PRO B 202 -16.15 7.85 -13.01
CA PRO B 202 -16.34 9.27 -13.32
C PRO B 202 -16.26 10.21 -12.10
N GLY B 203 -16.72 9.76 -10.94
CA GLY B 203 -16.79 10.60 -9.76
C GLY B 203 -15.45 10.88 -9.09
N LEU B 204 -14.45 10.09 -9.43
CA LEU B 204 -13.11 10.18 -8.90
C LEU B 204 -12.27 11.24 -9.62
N ARG B 205 -12.63 11.50 -10.87
CA ARG B 205 -12.04 12.58 -11.70
C ARG B 205 -10.59 12.36 -12.00
N ILE B 206 -10.25 11.40 -12.84
CA ILE B 206 -8.85 11.36 -13.20
C ILE B 206 -8.59 10.95 -14.65
N GLY B 207 -7.59 11.57 -15.27
CA GLY B 207 -7.15 11.20 -16.60
C GLY B 207 -5.75 11.69 -16.85
N TYR B 208 -5.27 11.62 -18.10
CA TYR B 208 -3.91 12.11 -18.28
C TYR B 208 -3.61 12.53 -19.70
N ILE B 209 -2.54 13.27 -19.89
CA ILE B 209 -2.11 13.71 -21.21
C ILE B 209 -0.82 13.03 -21.61
N VAL B 210 -0.73 12.66 -22.87
CA VAL B 210 0.48 12.12 -23.46
C VAL B 210 0.92 13.06 -24.59
N ALA B 211 2.09 13.67 -24.44
CA ALA B 211 2.61 14.51 -25.52
C ALA B 211 4.13 14.48 -25.56
N ASN B 212 4.68 14.89 -26.69
CA ASN B 212 6.12 15.04 -26.79
C ASN B 212 6.54 16.21 -25.87
N LYS B 213 7.79 16.22 -25.44
CA LYS B 213 8.24 17.13 -24.38
C LYS B 213 8.11 18.63 -24.66
N ASP B 214 8.23 19.06 -25.91
CA ASP B 214 8.08 20.48 -26.30
C ASP B 214 6.65 20.98 -26.06
N PHE B 215 5.68 20.25 -26.59
CA PHE B 215 4.28 20.54 -26.34
C PHE B 215 4.01 20.52 -24.82
N MSE B 216 4.48 19.48 -24.16
CA MSE B 216 4.19 19.29 -22.75
C MSE B 216 4.63 20.49 -21.89
O MSE B 216 3.93 20.86 -20.96
CB MSE B 216 4.87 18.03 -22.24
CG MSE B 216 4.30 17.54 -20.93
SE MSE B 216 2.36 17.14 -21.02
CE MSE B 216 2.33 15.69 -22.30
N LYS B 217 5.78 21.07 -22.23
CA LYS B 217 6.28 22.26 -21.56
C LYS B 217 5.31 23.45 -21.63
N ARG B 218 4.78 23.74 -22.80
CA ARG B 218 3.81 24.82 -22.90
C ARG B 218 2.61 24.57 -22.00
N VAL B 219 2.20 23.30 -21.89
CA VAL B 219 1.02 22.94 -21.10
C VAL B 219 1.30 22.99 -19.59
N ALA B 220 2.49 22.54 -19.21
CA ALA B 220 2.86 22.46 -17.80
C ALA B 220 3.04 23.86 -17.18
N ALA B 221 3.20 24.87 -18.00
CA ALA B 221 3.23 26.23 -17.46
C ALA B 221 1.90 26.61 -16.77
N PHE B 222 0.85 25.82 -16.97
CA PHE B 222 -0.45 26.13 -16.41
C PHE B 222 -1.00 25.12 -15.38
N SER B 223 -0.13 24.17 -15.01
CA SER B 223 -0.42 23.15 -14.01
C SER B 223 -0.36 23.73 -12.62
N THR B 224 -1.28 23.31 -11.75
CA THR B 224 -1.30 23.75 -10.36
C THR B 224 -1.17 22.54 -9.43
N PRO B 225 -0.43 22.68 -8.30
CA PRO B 225 -0.14 21.58 -7.37
C PRO B 225 -1.38 21.01 -6.73
N TRP B 226 -1.37 19.69 -6.48
CA TRP B 226 -2.47 19.01 -5.83
C TRP B 226 -3.82 19.14 -6.63
N ALA B 227 -3.74 19.28 -7.94
CA ALA B 227 -4.93 19.25 -8.78
C ALA B 227 -5.55 17.83 -8.83
N VAL B 228 -4.74 16.82 -8.56
CA VAL B 228 -5.24 15.44 -8.58
C VAL B 228 -5.41 14.82 -7.18
N ASN B 229 -6.64 14.45 -6.84
CA ASN B 229 -6.95 13.99 -5.48
C ASN B 229 -6.40 12.60 -5.12
N ALA B 230 -6.26 12.35 -3.83
CA ALA B 230 -5.47 11.23 -3.34
C ALA B 230 -6.13 9.89 -3.60
N LEU B 231 -7.43 9.80 -3.31
CA LEU B 231 -8.14 8.58 -3.55
C LEU B 231 -8.12 8.24 -5.02
N ALA B 232 -8.29 9.28 -5.88
CA ALA B 232 -8.23 9.07 -7.33
C ALA B 232 -6.87 8.52 -7.79
N ILE B 233 -5.77 9.07 -7.24
CA ILE B 233 -4.42 8.55 -7.49
C ILE B 233 -4.28 7.06 -7.09
N GLU B 234 -4.89 6.72 -5.98
CA GLU B 234 -4.85 5.39 -5.40
C GLU B 234 -5.68 4.37 -6.25
N ALA B 235 -6.81 4.81 -6.77
CA ALA B 235 -7.63 4.01 -7.67
C ALA B 235 -6.91 3.72 -8.97
N ALA B 236 -6.31 4.77 -9.54
CA ALA B 236 -5.54 4.64 -10.77
C ALA B 236 -4.46 3.57 -10.62
N LYS B 237 -3.69 3.67 -9.55
CA LYS B 237 -2.61 2.73 -9.30
C LYS B 237 -3.05 1.28 -9.24
N PHE B 238 -4.11 0.99 -8.48
CA PHE B 238 -4.70 -0.35 -8.45
C PHE B 238 -5.11 -0.86 -9.87
N ILE B 239 -5.75 0.00 -10.66
CA ILE B 239 -6.09 -0.35 -12.02
C ILE B 239 -4.87 -0.76 -12.87
N LEU B 240 -3.79 0.02 -12.79
CA LEU B 240 -2.53 -0.31 -13.50
C LEU B 240 -1.84 -1.61 -13.03
N ILE B 241 -1.90 -1.91 -11.74
CA ILE B 241 -1.34 -3.15 -11.24
C ILE B 241 -2.20 -4.36 -11.68
N HIS B 242 -3.49 -4.13 -11.92
CA HIS B 242 -4.38 -5.24 -12.25
C HIS B 242 -5.03 -5.17 -13.65
N PRO B 243 -4.23 -5.06 -14.71
CA PRO B 243 -4.77 -4.90 -16.06
C PRO B 243 -5.81 -5.97 -16.45
N ALA B 244 -5.61 -7.23 -16.05
CA ALA B 244 -6.64 -8.21 -16.34
C ALA B 244 -7.95 -7.90 -15.58
N GLN B 245 -7.87 -7.69 -14.27
CA GLN B 245 -9.10 -7.43 -13.50
C GLN B 245 -9.95 -6.30 -14.11
N PHE B 246 -9.30 -5.44 -14.87
CA PHE B 246 -10.02 -4.29 -15.36
C PHE B 246 -10.10 -4.25 -16.88
N THR B 247 -9.88 -5.38 -17.54
CA THR B 247 -10.11 -5.48 -18.97
C THR B 247 -11.63 -5.46 -19.24
N LEU B 248 -12.03 -4.64 -20.19
CA LEU B 248 -13.45 -4.49 -20.58
C LEU B 248 -13.95 -5.65 -21.46
N PRO B 249 -15.10 -6.27 -21.14
CA PRO B 249 -15.66 -7.33 -22.01
C PRO B 249 -16.22 -6.80 -23.31
N ILE B 250 -15.35 -6.38 -24.23
CA ILE B 250 -15.74 -5.60 -25.39
C ILE B 250 -16.37 -6.45 -26.51
N ARG B 251 -15.97 -7.70 -26.65
CA ARG B 251 -16.67 -8.54 -27.64
C ARG B 251 -18.14 -8.77 -27.30
N LYS B 252 -18.44 -9.14 -26.06
CA LYS B 252 -19.84 -9.29 -25.65
C LYS B 252 -20.57 -7.96 -25.70
N TRP B 253 -19.90 -6.88 -25.33
CA TRP B 253 -20.56 -5.60 -25.36
C TRP B 253 -20.94 -5.17 -26.77
N GLN B 254 -20.01 -5.28 -27.73
CA GLN B 254 -20.40 -4.92 -29.10
C GLN B 254 -21.29 -5.94 -29.75
N ARG B 255 -21.35 -7.14 -29.19
CA ARG B 255 -22.24 -8.19 -29.68
C ARG B 255 -23.68 -7.84 -29.29
N ASN B 256 -23.85 -7.37 -28.04
CA ASN B 256 -25.15 -6.92 -27.56
C ASN B 256 -25.69 -5.69 -28.25
N THR B 257 -24.80 -4.83 -28.73
CA THR B 257 -25.24 -3.57 -29.32
C THR B 257 -25.64 -3.82 -30.79
N VAL B 258 -24.97 -4.76 -31.44
CA VAL B 258 -25.44 -5.24 -32.73
C VAL B 258 -26.88 -5.79 -32.57
N ASP B 259 -27.09 -6.78 -31.68
CA ASP B 259 -28.44 -7.29 -31.38
C ASP B 259 -29.43 -6.19 -31.00
N PHE B 260 -28.95 -5.15 -30.32
CA PHE B 260 -29.81 -4.05 -29.89
C PHE B 260 -30.17 -3.14 -31.08
N ILE B 261 -29.19 -2.79 -31.89
CA ILE B 261 -29.44 -1.94 -33.05
C ILE B 261 -30.41 -2.60 -34.06
N THR B 262 -30.15 -3.85 -34.44
CA THR B 262 -31.05 -4.52 -35.35
C THR B 262 -32.48 -4.51 -34.82
N ALA B 263 -32.67 -4.76 -33.53
CA ALA B 263 -34.04 -4.76 -33.05
C ALA B 263 -34.66 -3.37 -33.19
N LEU B 264 -33.83 -2.34 -33.06
CA LEU B 264 -34.32 -0.97 -33.11
C LEU B 264 -34.68 -0.54 -34.54
N ASN B 265 -33.86 -0.96 -35.49
CA ASN B 265 -34.13 -0.61 -36.88
C ASN B 265 -35.44 -1.26 -37.37
N ARG B 266 -35.74 -2.47 -36.92
CA ARG B 266 -37.01 -3.11 -37.30
C ARG B 266 -38.22 -2.26 -36.85
N LEU B 267 -38.03 -1.54 -35.73
CA LEU B 267 -39.03 -0.59 -35.26
C LEU B 267 -39.40 0.48 -36.32
N ASP B 268 -40.71 0.68 -36.47
CA ASP B 268 -41.27 1.64 -37.43
C ASP B 268 -41.35 3.04 -36.84
N GLY B 269 -40.67 3.99 -37.46
CA GLY B 269 -40.63 5.33 -36.91
C GLY B 269 -39.31 5.73 -36.25
N VAL B 270 -38.42 4.76 -36.09
CA VAL B 270 -37.11 5.02 -35.51
C VAL B 270 -35.99 4.52 -36.40
N GLU B 271 -34.91 5.29 -36.45
CA GLU B 271 -33.78 4.94 -37.28
C GLU B 271 -32.43 5.13 -36.53
N VAL B 272 -31.69 4.04 -36.36
CA VAL B 272 -30.39 4.06 -35.70
C VAL B 272 -29.23 4.43 -36.62
N HIS B 273 -28.48 5.47 -36.25
CA HIS B 273 -27.28 5.85 -37.01
C HIS B 273 -26.15 4.86 -36.77
N PRO B 274 -25.61 4.24 -37.83
CA PRO B 274 -24.57 3.20 -37.70
C PRO B 274 -23.43 3.62 -36.77
N SER B 275 -22.91 2.67 -35.98
CA SER B 275 -21.91 3.02 -34.98
C SER B 275 -20.70 2.08 -34.90
N GLY B 276 -19.52 2.63 -34.57
CA GLY B 276 -18.36 1.78 -34.37
C GLY B 276 -18.22 1.17 -32.97
N THR B 277 -19.14 1.51 -32.08
CA THR B 277 -18.93 1.11 -30.71
C THR B 277 -20.22 0.73 -29.98
N THR B 278 -20.25 0.88 -28.67
CA THR B 278 -21.33 0.32 -27.86
C THR B 278 -22.36 1.36 -27.46
N PHE B 279 -22.24 2.57 -28.00
CA PHE B 279 -23.28 3.57 -27.89
C PHE B 279 -23.43 4.13 -29.26
N PHE B 280 -24.53 4.85 -29.48
CA PHE B 280 -24.96 5.20 -30.82
C PHE B 280 -26.10 6.20 -30.74
N LEU B 281 -26.30 6.95 -31.83
CA LEU B 281 -27.48 7.80 -32.07
C LEU B 281 -28.71 7.03 -32.65
N LEU B 282 -29.86 7.31 -32.06
CA LEU B 282 -31.14 6.87 -32.62
C LEU B 282 -31.93 8.11 -33.08
N ARG B 283 -32.52 8.04 -34.27
CA ARG B 283 -33.30 9.18 -34.77
C ARG B 283 -34.79 8.89 -34.75
N LEU B 284 -35.56 9.77 -34.13
CA LEU B 284 -37.01 9.70 -34.19
C LEU B 284 -37.53 10.26 -35.51
N LYS B 285 -38.35 9.47 -36.23
CA LYS B 285 -38.99 9.96 -37.46
C LYS B 285 -40.00 11.07 -37.15
N LYS B 286 -40.79 10.86 -36.11
CA LYS B 286 -41.63 11.92 -35.58
C LYS B 286 -41.62 11.84 -34.05
N GLY B 287 -41.83 12.96 -33.37
CA GLY B 287 -41.61 13.03 -31.94
C GLY B 287 -40.28 13.72 -31.64
N THR B 288 -40.09 14.16 -30.41
CA THR B 288 -38.83 14.77 -30.02
C THR B 288 -38.10 13.94 -28.98
N ALA B 289 -36.78 14.14 -28.94
CA ALA B 289 -35.93 13.58 -27.91
C ALA B 289 -36.40 13.99 -26.52
N ALA B 290 -36.73 15.27 -26.34
CA ALA B 290 -37.22 15.72 -25.05
C ALA B 290 -38.43 14.92 -24.64
N GLU B 291 -39.33 14.74 -25.61
CA GLU B 291 -40.52 13.91 -25.52
C GLU B 291 -40.24 12.50 -25.02
N LEU B 292 -39.36 11.83 -25.74
CA LEU B 292 -39.03 10.47 -25.43
C LEU B 292 -38.32 10.31 -24.09
N LYS B 293 -37.40 11.24 -23.79
CA LYS B 293 -36.63 11.19 -22.55
C LYS B 293 -37.55 11.24 -21.33
N LYS B 294 -38.56 12.12 -21.35
CA LYS B 294 -39.47 12.23 -20.22
C LYS B 294 -40.32 10.97 -20.02
N TYR B 295 -40.74 10.39 -21.15
CA TYR B 295 -41.67 9.26 -21.20
C TYR B 295 -40.98 8.00 -20.72
N MSE B 296 -39.85 7.67 -21.33
CA MSE B 296 -39.03 6.56 -20.89
C MSE B 296 -38.67 6.61 -19.39
O MSE B 296 -38.47 5.58 -18.74
CB MSE B 296 -37.75 6.51 -21.73
CG MSE B 296 -37.99 6.31 -23.21
SE MSE B 296 -38.93 4.61 -23.60
CE MSE B 296 -37.37 3.48 -24.01
N LEU B 297 -38.58 7.81 -18.84
CA LEU B 297 -38.12 7.96 -17.46
C LEU B 297 -39.30 7.81 -16.50
N GLU B 298 -40.28 8.69 -16.64
CA GLU B 298 -41.51 8.61 -15.86
C GLU B 298 -42.28 7.28 -16.03
N GLU B 299 -42.48 6.84 -17.26
CA GLU B 299 -43.32 5.68 -17.47
C GLU B 299 -42.63 4.35 -17.29
N TYR B 300 -41.34 4.29 -17.63
CA TYR B 300 -40.67 2.99 -17.71
C TYR B 300 -39.34 2.92 -16.94
N ASN B 301 -39.11 3.89 -16.08
CA ASN B 301 -37.90 3.92 -15.23
C ASN B 301 -36.54 3.81 -15.95
N MSE B 302 -36.47 4.38 -17.17
CA MSE B 302 -35.25 4.37 -17.99
C MSE B 302 -34.74 5.77 -18.34
O MSE B 302 -35.48 6.59 -18.87
CB MSE B 302 -35.45 3.54 -19.25
CG MSE B 302 -35.72 2.08 -18.95
SE MSE B 302 -36.56 0.96 -20.38
CE MSE B 302 -37.46 -0.38 -19.26
N LEU B 303 -33.47 6.06 -18.08
CA LEU B 303 -32.89 7.33 -18.54
C LEU B 303 -32.14 7.22 -19.88
N ILE B 304 -32.31 8.26 -20.72
CA ILE B 304 -31.70 8.30 -22.05
C ILE B 304 -31.09 9.69 -22.24
N ARG B 305 -30.09 9.76 -23.10
CA ARG B 305 -29.46 11.00 -23.38
C ARG B 305 -30.18 11.77 -24.51
N ASP B 306 -30.84 12.87 -24.15
CA ASP B 306 -31.34 13.79 -25.14
C ASP B 306 -30.17 14.46 -25.83
N ALA B 307 -29.95 14.08 -27.08
CA ALA B 307 -28.77 14.55 -27.80
C ALA B 307 -28.95 15.88 -28.58
N SER B 308 -30.06 16.58 -28.33
CA SER B 308 -30.41 17.81 -29.07
C SER B 308 -29.36 18.93 -28.94
N ASN B 309 -28.61 18.88 -27.84
CA ASN B 309 -27.61 19.91 -27.54
C ASN B 309 -26.23 19.73 -28.17
N PHE B 310 -25.98 18.62 -28.87
CA PHE B 310 -24.73 18.49 -29.66
C PHE B 310 -24.88 19.34 -30.93
N ARG B 311 -23.92 20.25 -31.19
CA ARG B 311 -23.89 20.97 -32.47
C ARG B 311 -24.01 19.93 -33.59
N GLY B 312 -24.93 20.15 -34.53
CA GLY B 312 -25.09 19.24 -35.64
C GLY B 312 -26.16 18.18 -35.48
N LEU B 313 -26.97 18.28 -34.43
CA LEU B 313 -28.12 17.42 -34.23
C LEU B 313 -29.28 18.29 -33.76
N ASP B 314 -30.50 17.84 -34.01
CA ASP B 314 -31.67 18.54 -33.50
C ASP B 314 -32.52 17.70 -32.57
N GLU B 315 -33.78 18.09 -32.43
CA GLU B 315 -34.67 17.51 -31.42
C GLU B 315 -35.12 16.06 -31.68
N SER B 316 -34.73 15.50 -32.83
CA SER B 316 -35.11 14.14 -33.19
C SER B 316 -34.08 13.06 -32.79
N TYR B 317 -33.00 13.50 -32.13
CA TYR B 317 -31.85 12.66 -31.84
C TYR B 317 -31.65 12.37 -30.34
N VAL B 318 -31.32 11.13 -30.05
CA VAL B 318 -30.98 10.71 -28.72
C VAL B 318 -29.79 9.81 -28.80
N ARG B 319 -29.02 9.75 -27.72
CA ARG B 319 -27.91 8.82 -27.64
C ARG B 319 -28.24 7.72 -26.68
N ILE B 320 -27.83 6.52 -27.03
CA ILE B 320 -28.21 5.35 -26.28
C ILE B 320 -26.97 4.50 -26.10
N THR B 321 -26.70 4.12 -24.87
CA THR B 321 -25.61 3.19 -24.60
C THR B 321 -26.24 1.81 -24.25
N THR B 322 -25.85 0.78 -25.02
CA THR B 322 -26.26 -0.59 -24.79
C THR B 322 -26.00 -1.07 -23.34
N GLN B 323 -27.06 -1.60 -22.74
CA GLN B 323 -27.04 -2.11 -21.38
C GLN B 323 -27.07 -3.65 -21.46
N ARG B 324 -27.78 -4.34 -20.60
CA ARG B 324 -27.76 -5.80 -20.77
C ARG B 324 -28.95 -6.26 -21.61
N PRO B 325 -28.88 -7.46 -22.22
CA PRO B 325 -29.98 -7.90 -23.11
C PRO B 325 -31.36 -7.67 -22.51
N ALA B 326 -31.59 -8.25 -21.34
CA ALA B 326 -32.86 -8.11 -20.66
C ALA B 326 -33.36 -6.67 -20.54
N GLN B 327 -32.45 -5.73 -20.35
CA GLN B 327 -32.82 -4.31 -20.18
C GLN B 327 -33.03 -3.67 -21.55
N ASN B 328 -32.31 -4.18 -22.54
CA ASN B 328 -32.39 -3.71 -23.91
C ASN B 328 -33.72 -4.10 -24.55
N GLN B 329 -34.14 -5.33 -24.28
CA GLN B 329 -35.42 -5.81 -24.78
C GLN B 329 -36.52 -5.02 -24.09
N LEU B 330 -36.36 -4.84 -22.79
CA LEU B 330 -37.33 -4.09 -22.01
C LEU B 330 -37.40 -2.65 -22.54
N PHE B 331 -36.31 -2.21 -23.18
CA PHE B 331 -36.23 -0.88 -23.75
C PHE B 331 -37.02 -0.79 -25.04
N ILE B 332 -36.76 -1.75 -25.93
CA ILE B 332 -37.53 -1.87 -27.17
C ILE B 332 -39.03 -1.98 -26.90
N LYS B 333 -39.41 -2.84 -26.00
CA LYS B 333 -40.81 -2.90 -25.60
C LYS B 333 -41.29 -1.48 -25.29
N ALA B 334 -40.52 -0.80 -24.46
CA ALA B 334 -40.87 0.55 -24.02
C ALA B 334 -40.96 1.54 -25.16
N LEU B 335 -40.11 1.39 -26.17
CA LEU B 335 -40.11 2.37 -27.25
C LEU B 335 -41.32 2.21 -28.24
N GLU B 336 -41.69 0.97 -28.53
CA GLU B 336 -42.89 0.70 -29.32
C GLU B 336 -44.08 1.41 -28.68
N THR B 337 -44.27 1.15 -27.40
CA THR B 337 -45.39 1.71 -26.66
C THR B 337 -45.44 3.21 -26.87
N PHE B 338 -44.28 3.83 -26.77
CA PHE B 338 -44.19 5.26 -26.96
C PHE B 338 -44.62 5.57 -28.38
N LEU B 339 -43.99 4.89 -29.33
CA LEU B 339 -44.29 5.12 -30.72
C LEU B 339 -45.79 5.03 -31.03
N GLU B 340 -46.49 4.13 -30.33
CA GLU B 340 -47.94 3.94 -30.45
C GLU B 340 -48.76 5.21 -30.27
N LYS B 341 -48.11 6.34 -29.98
CA LYS B 341 -48.83 7.49 -29.45
C LYS B 341 -48.45 8.83 -30.09
N ILE C 17 8.82 8.40 11.66
CA ILE C 17 8.45 9.73 11.19
C ILE C 17 7.42 10.42 12.11
N VAL C 18 7.84 11.50 12.75
CA VAL C 18 6.92 12.42 13.42
C VAL C 18 6.84 13.74 12.63
N ASN C 19 5.62 14.16 12.26
CA ASN C 19 5.48 15.29 11.34
C ASN C 19 5.15 16.64 11.99
N PHE C 20 6.12 17.54 11.93
CA PHE C 20 5.99 18.88 12.48
C PHE C 20 5.92 19.87 11.32
N SER C 21 5.62 19.37 10.12
CA SER C 21 5.92 20.13 8.92
C SER C 21 4.70 20.62 8.16
N THR C 22 3.51 20.16 8.55
CA THR C 22 2.28 20.57 7.90
C THR C 22 1.44 21.42 8.83
N THR C 23 0.64 22.27 8.24
CA THR C 23 -0.22 23.19 8.96
C THR C 23 -1.65 22.67 9.00
N VAL C 24 -1.78 21.37 8.75
CA VAL C 24 -3.06 20.66 8.82
C VAL C 24 -3.33 20.21 10.25
N TRP C 25 -4.52 20.51 10.77
CA TRP C 25 -4.96 19.91 12.04
C TRP C 25 -5.23 18.40 11.90
N THR C 26 -4.31 17.63 12.47
CA THR C 26 -4.08 16.27 12.07
C THR C 26 -4.64 15.24 13.07
N ASP C 27 -5.24 15.71 14.16
CA ASP C 27 -5.62 14.87 15.28
C ASP C 27 -7.13 14.77 15.59
N GLY C 28 -7.99 14.95 14.59
CA GLY C 28 -9.36 14.47 14.75
C GLY C 28 -9.41 13.01 14.33
N ASP C 29 -10.35 12.16 14.77
CA ASP C 29 -11.54 12.42 15.60
C ASP C 29 -12.63 11.36 15.33
N ASP C 31 -13.01 9.02 11.43
CA ASP C 31 -13.42 7.67 11.84
C ASP C 31 -14.91 7.52 11.53
N HIS C 32 -15.70 8.47 12.01
CA HIS C 32 -17.05 8.59 11.58
C HIS C 32 -17.12 9.26 10.19
N LEU C 33 -16.20 10.15 9.89
CA LEU C 33 -16.13 10.60 8.51
C LEU C 33 -15.82 9.42 7.58
N GLU C 34 -14.83 8.62 7.94
CA GLU C 34 -14.41 7.51 7.09
C GLU C 34 -15.48 6.41 6.93
N LYS C 35 -16.22 6.09 7.99
CA LYS C 35 -17.34 5.16 7.84
C LYS C 35 -18.33 5.69 6.80
N HIS C 36 -18.58 6.98 6.88
CA HIS C 36 -19.48 7.67 5.96
C HIS C 36 -18.97 7.65 4.53
N LEU C 37 -17.69 7.91 4.29
CA LEU C 37 -17.19 7.78 2.91
C LEU C 37 -17.34 6.32 2.39
N VAL C 38 -17.13 5.35 3.28
CA VAL C 38 -17.23 3.95 2.91
C VAL C 38 -18.67 3.55 2.65
N GLU C 39 -19.59 4.10 3.44
CA GLU C 39 -21.00 3.83 3.16
C GLU C 39 -21.45 4.42 1.83
N ASN C 40 -20.78 5.45 1.32
CA ASN C 40 -21.19 6.11 0.08
C ASN C 40 -20.15 6.08 -1.01
N LEU C 41 -19.40 5.00 -1.02
CA LEU C 41 -18.32 4.86 -1.95
C LEU C 41 -18.79 4.74 -3.41
N ASN C 42 -20.04 4.36 -3.63
CA ASN C 42 -20.60 4.32 -4.96
C ASN C 42 -20.68 5.67 -5.66
N CYS C 43 -20.72 6.77 -4.92
CA CYS C 43 -20.66 8.09 -5.55
C CYS C 43 -19.51 8.19 -6.57
N ILE C 44 -18.53 7.30 -6.47
CA ILE C 44 -17.40 7.34 -7.37
C ILE C 44 -17.79 6.82 -8.74
N ARG C 45 -18.89 6.09 -8.78
CA ARG C 45 -19.40 5.51 -10.05
C ARG C 45 -20.29 6.47 -10.87
N HIS C 46 -20.52 7.66 -10.34
CA HIS C 46 -21.32 8.69 -11.01
C HIS C 46 -20.62 10.07 -11.05
N TYR C 47 -20.82 10.79 -12.15
CA TYR C 47 -20.44 12.20 -12.24
C TYR C 47 -20.95 12.91 -11.02
N PRO C 48 -20.16 13.85 -10.48
CA PRO C 48 -20.71 14.63 -9.39
C PRO C 48 -21.63 15.69 -10.01
N GLU C 49 -22.50 16.34 -9.24
CA GLU C 49 -23.02 17.60 -9.75
C GLU C 49 -21.82 18.37 -10.35
N PRO C 50 -21.96 18.95 -11.57
CA PRO C 50 -20.80 19.56 -12.25
C PRO C 50 -20.44 20.85 -11.56
N ASP C 51 -21.30 21.14 -10.60
CA ASP C 51 -21.55 22.44 -10.09
C ASP C 51 -21.23 22.45 -8.60
N ALA C 52 -21.12 21.25 -8.05
CA ALA C 52 -21.33 21.04 -6.61
C ALA C 52 -22.45 21.95 -6.10
N GLY C 53 -23.52 22.07 -6.87
CA GLY C 53 -24.56 23.03 -6.56
C GLY C 53 -25.21 22.80 -5.22
N THR C 54 -25.38 21.55 -4.85
CA THR C 54 -26.08 21.25 -3.61
C THR C 54 -25.19 21.53 -2.37
N LEU C 55 -23.91 21.14 -2.41
CA LEU C 55 -22.95 21.60 -1.43
C LEU C 55 -22.91 23.13 -1.40
N ARG C 56 -22.89 23.77 -2.57
CA ARG C 56 -22.88 25.24 -2.64
C ARG C 56 -23.98 25.90 -1.83
N GLN C 57 -25.22 25.42 -1.98
CA GLN C 57 -26.41 25.94 -1.29
C GLN C 57 -26.34 25.71 0.24
N MSE C 58 -25.95 24.50 0.64
CA MSE C 58 -25.73 24.16 2.03
C MSE C 58 -24.69 25.09 2.64
O MSE C 58 -24.87 25.54 3.77
CB MSE C 58 -25.27 22.71 2.20
CG MSE C 58 -26.38 21.64 2.13
SE MSE C 58 -25.71 19.96 2.14
CE MSE C 58 -25.34 19.80 0.43
N LEU C 59 -23.61 25.35 1.91
CA LEU C 59 -22.60 26.31 2.35
C LEU C 59 -23.16 27.75 2.49
N ALA C 60 -23.84 28.22 1.47
CA ALA C 60 -24.45 29.55 1.46
C ALA C 60 -25.35 29.82 2.66
N LYS C 61 -26.23 28.85 2.97
CA LYS C 61 -27.17 28.94 4.08
C LYS C 61 -26.47 28.87 5.45
N ARG C 62 -25.52 27.95 5.56
CA ARG C 62 -24.76 27.78 6.78
C ARG C 62 -23.93 29.03 7.10
N ASN C 63 -23.48 29.73 6.08
CA ASN C 63 -22.62 30.89 6.25
C ASN C 63 -23.37 32.21 6.20
N SER C 64 -24.69 32.10 6.05
CA SER C 64 -25.56 33.26 6.10
C SER C 64 -25.25 34.24 4.98
N VAL C 65 -25.06 33.69 3.79
CA VAL C 65 -24.76 34.43 2.59
C VAL C 65 -25.63 33.85 1.43
N ASP C 66 -25.77 34.59 0.33
CA ASP C 66 -26.46 34.17 -0.89
C ASP C 66 -25.79 33.02 -1.67
N ASN C 67 -26.61 32.27 -2.40
CA ASN C 67 -26.16 31.19 -3.29
C ASN C 67 -25.22 31.67 -4.40
N ASN C 68 -25.58 32.79 -5.02
CA ASN C 68 -24.70 33.46 -5.97
C ASN C 68 -23.28 33.71 -5.40
N ALA C 69 -23.14 33.66 -4.07
CA ALA C 69 -21.94 34.15 -3.45
C ALA C 69 -20.97 33.05 -3.02
N ILE C 70 -21.22 31.83 -3.47
CA ILE C 70 -20.30 30.73 -3.18
C ILE C 70 -19.94 30.01 -4.48
N LEU C 71 -18.68 29.63 -4.56
CA LEU C 71 -18.14 28.80 -5.62
C LEU C 71 -17.24 27.72 -4.98
N VAL C 72 -17.66 26.47 -5.07
CA VAL C 72 -16.87 25.34 -4.60
C VAL C 72 -15.70 25.07 -5.53
N THR C 73 -14.55 24.78 -4.98
CA THR C 73 -13.34 24.74 -5.76
C THR C 73 -12.53 23.48 -5.42
N ASN C 74 -11.63 23.13 -6.33
CA ASN C 74 -10.79 21.93 -6.19
C ASN C 74 -9.70 22.12 -5.14
N GLY C 75 -10.10 22.37 -3.91
CA GLY C 75 -9.12 22.72 -2.88
C GLY C 75 -8.93 24.24 -2.79
N PRO C 76 -8.34 24.73 -1.70
CA PRO C 76 -8.22 26.19 -1.57
C PRO C 76 -7.21 26.78 -2.58
N THR C 77 -6.25 25.97 -3.03
CA THR C 77 -5.25 26.41 -4.00
C THR C 77 -5.86 26.68 -5.38
N ALA C 78 -6.59 25.72 -5.92
CA ALA C 78 -7.33 25.95 -7.14
C ALA C 78 -7.95 27.35 -7.11
N ALA C 79 -8.62 27.68 -6.00
CA ALA C 79 -9.31 28.95 -5.88
C ALA C 79 -8.42 30.19 -6.06
N PHE C 80 -7.18 30.17 -5.55
CA PHE C 80 -6.28 31.31 -5.68
C PHE C 80 -5.92 31.49 -7.15
N TYR C 81 -5.53 30.40 -7.79
CA TYR C 81 -5.26 30.46 -9.20
C TYR C 81 -6.47 31.02 -9.99
N GLN C 82 -7.68 30.56 -9.67
CA GLN C 82 -8.85 30.95 -10.44
C GLN C 82 -9.13 32.43 -10.21
N ILE C 83 -8.93 32.89 -8.97
CA ILE C 83 -9.10 34.30 -8.69
C ILE C 83 -8.06 35.09 -9.51
N ALA C 84 -6.80 34.67 -9.45
CA ALA C 84 -5.80 35.41 -10.20
C ALA C 84 -6.14 35.45 -11.69
N GLN C 85 -6.60 34.32 -12.23
CA GLN C 85 -6.88 34.20 -13.65
C GLN C 85 -8.00 35.17 -14.06
N ALA C 86 -8.96 35.35 -13.16
CA ALA C 86 -10.13 36.14 -13.41
C ALA C 86 -9.77 37.64 -13.59
N PHE C 87 -8.54 37.99 -13.26
CA PHE C 87 -8.12 39.37 -13.33
C PHE C 87 -6.66 39.51 -13.77
N ARG C 88 -6.34 39.02 -14.96
CA ARG C 88 -4.96 38.99 -15.43
C ARG C 88 -4.29 40.37 -15.51
N GLY C 89 -5.10 41.41 -15.64
CA GLY C 89 -4.46 42.70 -15.74
C GLY C 89 -3.70 43.13 -14.49
N SER C 90 -4.04 42.53 -13.35
CA SER C 90 -4.04 43.28 -12.10
C SER C 90 -2.71 43.57 -11.41
N ARG C 91 -2.78 44.55 -10.51
CA ARG C 91 -1.67 44.89 -9.61
C ARG C 91 -1.89 44.34 -8.19
N SER C 92 -0.95 43.53 -7.73
CA SER C 92 -1.17 42.73 -6.54
C SER C 92 -0.17 42.94 -5.44
N LEU C 93 -0.68 43.23 -4.27
CA LEU C 93 0.15 43.43 -3.10
C LEU C 93 0.11 42.16 -2.25
N ILE C 94 1.25 41.53 -2.11
CA ILE C 94 1.33 40.27 -1.35
C ILE C 94 2.26 40.47 -0.14
N ALA C 95 1.70 40.27 1.05
CA ALA C 95 2.45 40.31 2.29
C ALA C 95 3.34 39.07 2.38
N ILE C 96 4.60 39.25 2.74
CA ILE C 96 5.52 38.13 2.87
C ILE C 96 6.28 38.18 4.22
N PRO C 97 6.74 37.01 4.71
CA PRO C 97 6.64 35.75 3.96
C PRO C 97 5.19 35.24 3.97
N SER C 98 4.84 34.36 3.04
CA SER C 98 3.46 33.84 2.94
C SER C 98 3.39 32.64 2.02
N PHE C 99 2.26 31.94 2.08
CA PHE C 99 1.97 30.78 1.22
C PHE C 99 2.38 31.08 -0.22
N ALA C 100 3.21 30.21 -0.78
CA ALA C 100 3.84 30.47 -2.06
C ALA C 100 2.84 30.59 -3.23
N GLU C 101 1.68 29.96 -3.09
CA GLU C 101 0.70 29.93 -4.17
C GLU C 101 0.05 31.31 -4.48
N TYR C 102 -0.05 32.22 -3.50
CA TYR C 102 -0.59 33.55 -3.81
C TYR C 102 0.27 34.18 -4.91
N GLU C 103 1.58 34.14 -4.70
CA GLU C 103 2.54 34.65 -5.66
C GLU C 103 2.55 33.85 -6.96
N ASP C 104 2.66 32.54 -6.89
CA ASP C 104 2.63 31.69 -8.10
C ASP C 104 1.38 31.91 -8.97
N ALA C 105 0.20 32.00 -8.34
CA ALA C 105 -1.05 32.29 -9.07
C ALA C 105 -0.93 33.61 -9.82
N CYS C 106 -0.45 34.64 -9.11
CA CYS C 106 -0.33 36.02 -9.60
C CYS C 106 0.68 36.18 -10.71
N ARG C 107 1.77 35.42 -10.64
CA ARG C 107 2.70 35.45 -11.75
C ARG C 107 2.19 34.73 -13.00
N MSE C 108 1.49 33.61 -12.81
CA MSE C 108 0.99 32.79 -13.91
C MSE C 108 -0.01 33.58 -14.73
O MSE C 108 -0.06 33.43 -15.94
CB MSE C 108 0.31 31.51 -13.36
CG MSE C 108 -0.27 30.60 -14.45
SE MSE C 108 -1.26 29.00 -13.81
CE MSE C 108 0.25 27.86 -13.24
N TYR C 109 -0.81 34.39 -14.07
CA TYR C 109 -1.73 35.28 -14.74
C TYR C 109 -1.23 36.73 -14.89
N GLU C 110 0.09 36.87 -15.00
CA GLU C 110 0.72 38.16 -15.27
C GLU C 110 0.23 39.35 -14.46
N HIS C 111 0.14 39.17 -13.16
CA HIS C 111 -0.05 40.28 -12.27
C HIS C 111 1.27 41.00 -12.05
N GLU C 112 1.20 42.29 -11.74
CA GLU C 112 2.37 42.99 -11.26
C GLU C 112 2.36 42.83 -9.76
N VAL C 113 3.40 42.19 -9.21
CA VAL C 113 3.39 41.83 -7.81
C VAL C 113 4.27 42.73 -6.92
N CYS C 114 3.68 43.34 -5.88
CA CYS C 114 4.44 44.15 -4.93
C CYS C 114 4.50 43.46 -3.57
N PHE C 115 5.65 43.48 -2.91
CA PHE C 115 5.73 42.81 -1.61
C PHE C 115 5.66 43.77 -0.42
N TYR C 116 5.37 43.21 0.74
CA TYR C 116 5.25 44.01 1.94
C TYR C 116 5.38 43.09 3.13
N PRO C 117 6.27 43.44 4.07
CA PRO C 117 6.53 42.64 5.29
C PRO C 117 5.30 42.35 6.19
N SER C 118 4.92 41.07 6.35
CA SER C 118 3.78 40.71 7.20
C SER C 118 3.97 41.01 8.72
N ASN C 119 5.21 41.28 9.13
CA ASN C 119 5.39 41.81 10.51
C ASN C 119 5.71 43.29 10.66
N GLU C 120 5.50 44.02 9.56
CA GLU C 120 5.39 45.49 9.53
C GLU C 120 3.88 45.71 9.47
N ASP C 121 3.38 46.88 9.86
CA ASP C 121 1.94 47.01 9.91
C ASP C 121 1.37 47.12 8.49
N ILE C 122 0.62 46.10 8.06
CA ILE C 122 0.01 46.13 6.74
C ILE C 122 -0.79 47.43 6.52
N GLY C 123 -1.27 48.04 7.60
CA GLY C 123 -2.11 49.22 7.49
C GLY C 123 -1.36 50.42 6.95
N GLU C 124 -0.04 50.39 7.06
CA GLU C 124 0.79 51.52 6.64
C GLU C 124 1.46 51.27 5.28
N ALA C 125 0.94 50.30 4.51
CA ALA C 125 1.45 50.07 3.16
C ALA C 125 0.75 50.99 2.15
N ASP C 126 1.43 51.27 1.06
CA ASP C 126 0.82 52.07 0.01
C ASP C 126 -0.16 51.22 -0.86
N PHE C 127 -1.46 51.48 -0.75
CA PHE C 127 -2.47 50.79 -1.56
C PHE C 127 -2.94 51.58 -2.82
N SER C 128 -2.34 52.77 -3.04
CA SER C 128 -2.81 53.70 -4.09
C SER C 128 -3.10 53.02 -5.44
N ASN C 129 -2.17 52.19 -5.88
CA ASN C 129 -2.27 51.56 -7.18
C ASN C 129 -2.42 50.04 -7.11
N MSE C 130 -2.86 49.53 -5.95
CA MSE C 130 -3.00 48.09 -5.74
C MSE C 130 -4.47 47.68 -5.97
O MSE C 130 -5.37 48.14 -5.28
CB MSE C 130 -2.56 47.70 -4.32
CG MSE C 130 -1.12 48.02 -3.95
SE MSE C 130 0.17 47.16 -5.13
CE MSE C 130 0.79 48.67 -6.25
N ASP C 131 -4.70 46.79 -6.93
CA ASP C 131 -6.06 46.30 -7.19
C ASP C 131 -6.45 45.17 -6.22
N PHE C 132 -5.45 44.38 -5.81
CA PHE C 132 -5.65 43.23 -4.94
C PHE C 132 -4.62 43.28 -3.86
N CYS C 133 -5.03 42.98 -2.64
CA CYS C 133 -4.10 42.73 -1.54
C CYS C 133 -4.36 41.29 -1.04
N TRP C 134 -3.34 40.44 -1.10
CA TRP C 134 -3.50 39.05 -0.63
C TRP C 134 -3.03 38.87 0.83
N LEU C 135 -3.97 38.52 1.70
CA LEU C 135 -3.67 38.26 3.11
C LEU C 135 -4.17 36.90 3.59
N CYS C 136 -3.45 36.38 4.58
CA CYS C 136 -3.81 35.20 5.32
C CYS C 136 -3.72 35.48 6.81
N ASN C 137 -4.79 35.26 7.54
CA ASN C 137 -4.62 35.32 8.97
C ASN C 137 -5.51 34.42 9.76
N PRO C 138 -4.90 33.66 10.68
CA PRO C 138 -3.49 33.92 11.00
C PRO C 138 -2.59 33.55 9.82
N ASN C 139 -1.39 34.16 9.75
CA ASN C 139 -0.56 33.96 8.56
C ASN C 139 0.37 32.72 8.55
N ASN C 140 0.44 32.07 7.40
CA ASN C 140 1.40 31.02 7.19
C ASN C 140 2.64 31.64 6.50
N PRO C 141 3.85 31.52 7.11
CA PRO C 141 4.28 30.65 8.21
C PRO C 141 4.39 31.32 9.56
N ASP C 142 4.29 32.65 9.58
CA ASP C 142 4.45 33.55 10.74
C ASP C 142 3.56 33.27 11.94
N GLY C 143 2.32 32.92 11.66
CA GLY C 143 1.28 33.00 12.65
C GLY C 143 0.82 34.43 12.84
N ARG C 144 1.29 35.37 12.03
CA ARG C 144 0.85 36.75 12.23
C ARG C 144 -0.67 36.84 12.26
N LEU C 145 -1.22 37.52 13.26
CA LEU C 145 -2.66 37.61 13.43
C LEU C 145 -3.11 39.06 13.40
N LEU C 146 -3.99 39.40 12.45
CA LEU C 146 -4.57 40.72 12.30
C LEU C 146 -5.88 40.79 13.04
N GLN C 147 -6.14 41.91 13.72
CA GLN C 147 -7.39 42.05 14.44
C GLN C 147 -8.52 42.17 13.44
N ARG C 148 -9.70 41.71 13.85
CA ARG C 148 -10.87 41.82 13.00
C ARG C 148 -11.10 43.27 12.64
N THR C 149 -11.09 44.15 13.65
CA THR C 149 -11.37 45.56 13.37
C THR C 149 -10.32 46.17 12.46
N GLU C 150 -9.08 45.70 12.52
CA GLU C 150 -8.08 46.26 11.62
C GLU C 150 -8.31 45.90 10.16
N ILE C 151 -8.82 44.70 9.90
CA ILE C 151 -9.09 44.29 8.53
C ILE C 151 -10.26 45.14 7.97
N LEU C 152 -11.26 45.37 8.80
CA LEU C 152 -12.44 46.15 8.41
C LEU C 152 -12.10 47.61 8.10
N ARG C 153 -11.09 48.15 8.78
CA ARG C 153 -10.62 49.48 8.50
C ARG C 153 -9.93 49.48 7.13
N LEU C 154 -9.27 48.36 6.82
CA LEU C 154 -8.66 48.17 5.51
C LEU C 154 -9.72 48.11 4.39
N LEU C 155 -10.70 47.22 4.52
CA LEU C 155 -11.81 47.18 3.57
C LEU C 155 -12.36 48.58 3.34
N ASN C 156 -12.57 49.32 4.42
CA ASN C 156 -13.22 50.62 4.32
C ASN C 156 -12.37 51.75 3.76
N ASP C 157 -11.07 51.78 4.06
CA ASP C 157 -10.21 52.87 3.64
C ASP C 157 -9.77 52.71 2.20
N HIS C 158 -9.88 51.48 1.69
CA HIS C 158 -9.45 51.21 0.33
C HIS C 158 -10.48 50.44 -0.50
N PRO C 159 -11.60 51.08 -0.87
CA PRO C 159 -12.62 50.50 -1.75
C PRO C 159 -12.09 49.99 -3.11
N ASP C 160 -10.99 50.57 -3.59
CA ASP C 160 -10.48 50.27 -4.94
C ASP C 160 -9.47 49.14 -4.89
N THR C 161 -9.21 48.68 -3.68
CA THR C 161 -8.38 47.48 -3.52
C THR C 161 -9.23 46.29 -3.04
N THR C 162 -9.25 45.20 -3.80
CA THR C 162 -9.86 44.00 -3.23
C THR C 162 -8.87 43.14 -2.43
N PHE C 163 -9.30 42.85 -1.20
CA PHE C 163 -8.55 42.06 -0.28
C PHE C 163 -8.96 40.59 -0.41
N VAL C 164 -8.05 39.79 -0.95
CA VAL C 164 -8.25 38.36 -0.99
C VAL C 164 -7.80 37.78 0.35
N LEU C 165 -8.77 37.34 1.15
CA LEU C 165 -8.48 36.89 2.51
C LEU C 165 -8.41 35.36 2.60
N ASP C 166 -7.22 34.81 2.85
CA ASP C 166 -7.07 33.36 2.91
C ASP C 166 -7.58 32.97 4.27
N GLN C 167 -8.65 32.19 4.29
CA GLN C 167 -9.30 31.84 5.54
C GLN C 167 -8.95 30.43 6.03
N SER C 168 -7.92 29.82 5.44
CA SER C 168 -7.55 28.46 5.79
C SER C 168 -7.49 28.13 7.30
N TYR C 169 -6.95 29.08 8.05
CA TYR C 169 -6.59 28.92 9.45
C TYR C 169 -7.48 29.73 10.38
N VAL C 170 -8.64 30.10 9.88
CA VAL C 170 -9.59 30.89 10.62
C VAL C 170 -9.91 30.24 11.98
N SER C 171 -9.85 28.90 12.03
CA SER C 171 -10.13 28.13 13.24
C SER C 171 -8.93 27.86 14.14
N PHE C 172 -7.74 28.30 13.73
CA PHE C 172 -6.53 28.09 14.51
C PHE C 172 -6.29 29.31 15.41
N THR C 173 -7.35 30.11 15.61
CA THR C 173 -7.30 31.20 16.55
C THR C 173 -8.60 31.28 17.34
N THR C 174 -8.55 31.99 18.45
CA THR C 174 -9.65 32.00 19.37
C THR C 174 -10.05 33.46 19.40
N GLU C 175 -9.29 34.21 18.61
CA GLU C 175 -9.42 35.64 18.45
C GLU C 175 -10.60 35.82 17.49
N GLU C 176 -11.21 37.00 17.46
CA GLU C 176 -12.34 37.24 16.55
C GLU C 176 -11.92 37.34 15.09
N VAL C 177 -12.72 36.78 14.20
CA VAL C 177 -12.40 36.74 12.78
C VAL C 177 -13.36 37.49 11.87
N ILE C 178 -12.87 37.87 10.71
CA ILE C 178 -13.71 38.20 9.57
C ILE C 178 -14.48 36.91 9.21
N ARG C 179 -15.74 37.03 8.78
CA ARG C 179 -16.52 35.86 8.35
C ARG C 179 -17.31 36.12 7.09
N PRO C 180 -17.92 35.07 6.51
CA PRO C 180 -18.59 35.17 5.22
C PRO C 180 -19.59 36.34 5.13
N ALA C 181 -20.45 36.49 6.14
CA ALA C 181 -21.47 37.55 6.14
C ALA C 181 -20.87 38.95 6.00
N ASP C 182 -19.57 39.07 6.24
CA ASP C 182 -18.90 40.35 6.09
C ASP C 182 -18.81 40.85 4.65
N ILE C 183 -19.13 40.02 3.65
CA ILE C 183 -19.21 40.54 2.27
C ILE C 183 -20.35 41.56 2.10
N LYS C 184 -21.40 41.44 2.90
CA LYS C 184 -22.57 42.30 2.71
C LYS C 184 -22.27 43.81 2.80
N GLY C 185 -22.61 44.56 1.76
CA GLY C 185 -22.44 45.99 1.78
C GLY C 185 -21.00 46.42 1.50
N ARG C 186 -20.20 45.52 0.99
CA ARG C 186 -18.87 45.87 0.52
C ARG C 186 -18.57 45.02 -0.69
N LYS C 187 -17.66 45.48 -1.53
CA LYS C 187 -17.46 44.82 -2.81
C LYS C 187 -16.03 44.33 -2.89
N ASN C 188 -15.24 44.73 -1.92
CA ASN C 188 -13.82 44.54 -2.01
C ASN C 188 -13.27 43.49 -1.04
N LEU C 189 -14.17 42.66 -0.49
CA LEU C 189 -13.82 41.50 0.33
C LEU C 189 -14.07 40.18 -0.42
N VAL C 190 -13.02 39.37 -0.53
CA VAL C 190 -13.09 38.05 -1.13
C VAL C 190 -12.39 37.04 -0.22
N MSE C 191 -13.02 35.89 -0.04
CA MSE C 191 -12.57 34.92 0.93
C MSE C 191 -12.39 33.55 0.36
O MSE C 191 -13.10 33.17 -0.55
CB MSE C 191 -13.53 34.88 2.10
CG MSE C 191 -13.15 35.85 3.21
SE MSE C 191 -14.58 36.14 4.49
CE MSE C 191 -15.98 36.78 3.28
N VAL C 192 -11.40 32.82 0.83
CA VAL C 192 -11.15 31.49 0.35
C VAL C 192 -11.13 30.53 1.52
N TYR C 193 -12.02 29.55 1.51
CA TYR C 193 -12.13 28.62 2.63
C TYR C 193 -11.55 27.25 2.27
N SER C 194 -11.12 26.55 3.31
CA SER C 194 -10.41 25.29 3.18
C SER C 194 -11.01 24.14 4.01
N PHE C 195 -11.09 22.96 3.40
CA PHE C 195 -11.41 21.75 4.15
C PHE C 195 -10.13 20.98 4.49
N SER C 196 -9.00 21.36 3.89
CA SER C 196 -7.74 20.66 4.09
C SER C 196 -7.17 20.76 5.51
N HIS C 197 -7.25 21.95 6.10
CA HIS C 197 -6.41 22.30 7.26
C HIS C 197 -7.17 22.04 8.52
N ALA C 198 -8.34 22.64 8.66
CA ALA C 198 -9.09 22.49 9.89
C ALA C 198 -9.63 21.06 10.14
N TYR C 199 -9.84 20.28 9.07
CA TYR C 199 -10.46 18.95 9.20
C TYR C 199 -9.54 17.76 8.85
N GLY C 200 -8.31 18.03 8.47
CA GLY C 200 -7.39 16.92 8.25
C GLY C 200 -7.57 16.12 6.98
N ILE C 201 -8.17 16.73 5.96
CA ILE C 201 -8.47 16.05 4.68
C ILE C 201 -7.87 16.79 3.48
N PRO C 202 -6.58 17.10 3.54
CA PRO C 202 -5.96 17.74 2.39
C PRO C 202 -5.95 16.83 1.15
N GLY C 203 -6.11 15.53 1.33
CA GLY C 203 -6.02 14.58 0.24
C GLY C 203 -7.25 14.62 -0.65
N LEU C 204 -8.35 15.12 -0.11
CA LEU C 204 -9.61 15.24 -0.80
C LEU C 204 -9.73 16.43 -1.81
N ARG C 205 -8.92 17.47 -1.60
CA ARG C 205 -8.92 18.68 -2.46
C ARG C 205 -10.27 19.37 -2.53
N ILE C 206 -10.65 20.07 -1.47
CA ILE C 206 -11.89 20.79 -1.47
C ILE C 206 -11.82 22.17 -0.70
N GLY C 207 -12.23 23.24 -1.37
CA GLY C 207 -12.35 24.52 -0.71
C GLY C 207 -13.49 25.27 -1.34
N TYR C 208 -13.59 26.57 -1.04
CA TYR C 208 -14.57 27.43 -1.68
C TYR C 208 -14.26 28.92 -1.56
N ILE C 209 -14.80 29.71 -2.49
CA ILE C 209 -14.63 31.16 -2.56
C ILE C 209 -15.93 31.78 -2.11
N VAL C 210 -15.84 32.80 -1.26
CA VAL C 210 -16.96 33.69 -0.93
C VAL C 210 -16.65 35.09 -1.47
N ALA C 211 -17.59 35.65 -2.22
CA ALA C 211 -17.44 36.97 -2.84
C ALA C 211 -18.80 37.59 -3.19
N ASN C 212 -18.83 38.90 -3.33
CA ASN C 212 -20.06 39.56 -3.77
C ASN C 212 -20.28 39.16 -5.21
N LYS C 213 -21.52 39.28 -5.68
CA LYS C 213 -21.89 38.67 -6.96
C LYS C 213 -21.22 39.24 -8.23
N ASP C 214 -21.06 40.55 -8.33
CA ASP C 214 -20.21 41.10 -9.39
C ASP C 214 -18.82 40.47 -9.59
N PHE C 215 -18.08 40.33 -8.49
CA PHE C 215 -16.77 39.68 -8.49
C PHE C 215 -16.93 38.20 -8.87
N MSE C 216 -17.85 37.50 -8.20
CA MSE C 216 -18.13 36.07 -8.50
C MSE C 216 -18.44 35.77 -9.96
O MSE C 216 -18.02 34.74 -10.47
CB MSE C 216 -19.21 35.47 -7.61
CG MSE C 216 -18.68 34.88 -6.28
SE MSE C 216 -17.49 33.51 -6.42
CE MSE C 216 -18.13 32.89 -7.99
N LYS C 217 -19.15 36.66 -10.65
CA LYS C 217 -19.37 36.41 -12.07
C LYS C 217 -18.06 36.44 -12.83
N ARG C 218 -17.19 37.37 -12.44
CA ARG C 218 -15.91 37.44 -13.10
C ARG C 218 -15.08 36.14 -12.98
N VAL C 219 -15.04 35.54 -11.79
CA VAL C 219 -14.32 34.28 -11.64
C VAL C 219 -15.11 33.07 -12.21
N ALA C 220 -16.43 33.19 -12.23
CA ALA C 220 -17.30 32.13 -12.74
C ALA C 220 -17.03 31.89 -14.22
N ALA C 221 -16.61 32.91 -14.94
CA ALA C 221 -16.33 32.75 -16.38
C ALA C 221 -15.24 31.70 -16.70
N PHE C 222 -14.54 31.19 -15.68
CA PHE C 222 -13.41 30.28 -15.91
C PHE C 222 -13.58 29.02 -15.14
N SER C 223 -14.77 28.83 -14.60
CA SER C 223 -15.10 27.56 -13.96
C SER C 223 -15.22 26.48 -15.01
N THR C 224 -14.70 25.31 -14.68
CA THR C 224 -14.87 24.13 -15.52
C THR C 224 -15.77 23.07 -14.84
N PRO C 225 -16.53 22.28 -15.62
CA PRO C 225 -17.45 21.30 -14.99
C PRO C 225 -16.73 20.12 -14.32
N TRP C 226 -17.33 19.58 -13.26
CA TRP C 226 -16.84 18.37 -12.57
C TRP C 226 -15.42 18.54 -12.03
N ALA C 227 -15.12 19.76 -11.61
CA ALA C 227 -13.78 20.07 -11.11
C ALA C 227 -13.64 19.60 -9.66
N VAL C 228 -14.78 19.36 -9.02
CA VAL C 228 -14.80 18.97 -7.62
C VAL C 228 -15.27 17.53 -7.56
N ASN C 229 -14.41 16.60 -7.12
CA ASN C 229 -14.71 15.17 -7.16
C ASN C 229 -15.79 14.78 -6.17
N ALA C 230 -16.45 13.67 -6.47
CA ALA C 230 -17.63 13.20 -5.74
C ALA C 230 -17.45 12.96 -4.24
N LEU C 231 -16.34 12.33 -3.85
CA LEU C 231 -16.07 12.04 -2.44
C LEU C 231 -15.82 13.30 -1.65
N ALA C 232 -15.07 14.23 -2.22
CA ALA C 232 -14.81 15.47 -1.52
C ALA C 232 -16.11 16.21 -1.17
N ILE C 233 -17.05 16.25 -2.12
CA ILE C 233 -18.36 16.80 -1.88
C ILE C 233 -19.07 16.06 -0.73
N GLU C 234 -19.06 14.73 -0.76
CA GLU C 234 -19.70 13.92 0.29
C GLU C 234 -19.11 14.21 1.66
N ALA C 235 -17.78 14.31 1.71
CA ALA C 235 -17.04 14.59 2.89
C ALA C 235 -17.37 15.99 3.49
N ALA C 236 -17.38 16.99 2.62
CA ALA C 236 -17.76 18.35 2.97
C ALA C 236 -19.20 18.44 3.51
N LYS C 237 -20.17 17.96 2.73
CA LYS C 237 -21.54 17.76 3.21
C LYS C 237 -21.59 17.13 4.60
N PHE C 238 -20.82 16.07 4.85
CA PHE C 238 -20.90 15.40 6.14
C PHE C 238 -20.34 16.30 7.27
N ILE C 239 -19.27 17.03 6.97
CA ILE C 239 -18.67 17.96 7.91
C ILE C 239 -19.67 19.06 8.33
N LEU C 240 -20.38 19.62 7.37
CA LEU C 240 -21.33 20.69 7.66
C LEU C 240 -22.46 20.29 8.58
N ILE C 241 -22.84 19.01 8.54
CA ILE C 241 -24.01 18.53 9.29
C ILE C 241 -23.62 18.06 10.70
N HIS C 242 -22.35 17.76 10.88
CA HIS C 242 -21.82 17.31 12.15
C HIS C 242 -20.74 18.26 12.76
N PRO C 243 -21.10 19.55 12.98
CA PRO C 243 -20.22 20.55 13.62
C PRO C 243 -19.71 20.08 14.97
N ALA C 244 -20.57 19.45 15.78
CA ALA C 244 -20.12 18.90 17.04
C ALA C 244 -18.85 18.15 16.74
N GLN C 245 -19.00 17.05 16.00
CA GLN C 245 -17.96 16.11 15.63
C GLN C 245 -16.69 16.73 15.08
N PHE C 246 -16.81 17.90 14.45
CA PHE C 246 -15.69 18.49 13.71
C PHE C 246 -15.16 19.82 14.23
N THR C 247 -15.49 20.17 15.47
CA THR C 247 -14.93 21.36 16.09
C THR C 247 -13.48 21.10 16.54
N LEU C 248 -12.54 21.92 16.08
CA LEU C 248 -11.13 21.81 16.47
C LEU C 248 -10.96 22.26 17.93
N PRO C 249 -10.20 21.48 18.75
CA PRO C 249 -9.91 21.88 20.14
C PRO C 249 -8.76 22.86 20.15
N ILE C 250 -9.04 24.09 19.74
CA ILE C 250 -8.01 25.08 19.50
C ILE C 250 -7.45 25.53 20.84
N ARG C 251 -8.26 25.54 21.89
CA ARG C 251 -7.73 25.91 23.21
C ARG C 251 -6.64 24.96 23.70
N LYS C 252 -6.84 23.64 23.60
CA LYS C 252 -5.77 22.74 24.03
C LYS C 252 -4.57 22.81 23.08
N TRP C 253 -4.83 23.09 21.82
CA TRP C 253 -3.72 23.11 20.86
C TRP C 253 -2.73 24.25 21.18
N GLN C 254 -3.28 25.44 21.44
CA GLN C 254 -2.49 26.63 21.65
C GLN C 254 -1.82 26.68 23.04
N ARG C 255 -2.55 26.27 24.07
CA ARG C 255 -1.92 26.06 25.35
C ARG C 255 -0.73 25.10 25.19
N ASN C 256 -0.89 24.02 24.43
CA ASN C 256 0.23 23.11 24.14
C ASN C 256 1.35 23.75 23.34
N THR C 257 1.01 24.68 22.45
CA THR C 257 2.04 25.30 21.66
C THR C 257 2.74 26.35 22.49
N VAL C 258 2.05 26.96 23.45
CA VAL C 258 2.74 27.85 24.37
C VAL C 258 3.78 27.10 25.21
N ASP C 259 3.37 25.99 25.82
CA ASP C 259 4.30 25.07 26.44
C ASP C 259 5.41 24.66 25.50
N PHE C 260 5.08 24.55 24.21
CA PHE C 260 6.08 24.09 23.25
C PHE C 260 7.15 25.18 23.03
N ILE C 261 6.72 26.40 22.73
CA ILE C 261 7.67 27.49 22.56
C ILE C 261 8.41 27.94 23.85
N THR C 262 7.77 27.91 25.02
CA THR C 262 8.55 28.34 26.17
C THR C 262 9.77 27.42 26.33
N ALA C 263 9.57 26.11 26.30
CA ALA C 263 10.69 25.18 26.35
C ALA C 263 11.64 25.35 25.15
N LEU C 264 11.12 25.76 24.00
CA LEU C 264 12.01 25.92 22.86
C LEU C 264 12.94 27.15 23.00
N ASN C 265 12.41 28.23 23.54
CA ASN C 265 13.22 29.39 23.82
C ASN C 265 14.33 29.25 24.87
N ARG C 266 14.18 28.29 25.77
CA ARG C 266 15.18 28.11 26.79
C ARG C 266 16.45 27.54 26.19
N LEU C 267 16.31 26.87 25.05
CA LEU C 267 17.46 26.42 24.29
C LEU C 267 18.30 27.60 23.85
N ASP C 268 19.60 27.44 24.02
CA ASP C 268 20.61 28.39 23.55
C ASP C 268 20.89 28.17 22.07
N GLY C 269 20.66 29.16 21.24
CA GLY C 269 21.00 29.04 19.83
C GLY C 269 19.83 28.93 18.87
N VAL C 270 18.61 29.03 19.39
CA VAL C 270 17.39 29.12 18.58
C VAL C 270 16.43 30.10 19.21
N GLU C 271 15.88 30.99 18.39
CA GLU C 271 14.85 31.89 18.89
C GLU C 271 13.51 31.59 18.21
N VAL C 272 12.43 31.53 18.98
CA VAL C 272 11.11 31.39 18.35
C VAL C 272 10.39 32.71 18.07
N HIS C 273 10.17 33.04 16.80
CA HIS C 273 9.36 34.21 16.42
C HIS C 273 7.94 34.12 16.97
N PRO C 274 7.52 35.08 17.80
CA PRO C 274 6.15 35.00 18.35
C PRO C 274 5.12 34.67 17.28
N SER C 275 4.08 33.88 17.61
CA SER C 275 2.95 33.78 16.69
C SER C 275 1.58 33.69 17.38
N GLY C 276 0.52 33.82 16.58
CA GLY C 276 -0.82 33.89 17.12
C GLY C 276 -1.55 32.58 16.96
N THR C 277 -0.81 31.53 16.63
CA THR C 277 -1.48 30.29 16.31
C THR C 277 -0.63 29.04 16.64
N THR C 278 -1.07 27.86 16.21
CA THR C 278 -0.43 26.62 16.68
C THR C 278 0.75 26.12 15.83
N PHE C 279 1.15 26.95 14.89
CA PHE C 279 2.42 26.76 14.20
C PHE C 279 3.22 28.08 14.26
N PHE C 280 4.53 27.98 14.03
CA PHE C 280 5.40 29.12 14.16
C PHE C 280 6.73 28.90 13.46
N LEU C 281 7.44 30.00 13.22
CA LEU C 281 8.84 29.92 12.84
C LEU C 281 9.78 29.77 14.05
N LEU C 282 10.78 28.92 13.93
CA LEU C 282 11.91 29.02 14.83
C LEU C 282 13.20 29.32 14.04
N ARG C 283 14.10 30.06 14.68
CA ARG C 283 15.33 30.50 14.02
C ARG C 283 16.59 29.95 14.69
N LEU C 284 17.56 29.58 13.86
CA LEU C 284 18.85 29.04 14.33
C LEU C 284 19.86 30.18 14.32
N LYS C 285 20.54 30.35 15.45
CA LYS C 285 21.63 31.32 15.50
C LYS C 285 22.78 30.82 14.65
N LYS C 286 23.04 29.52 14.73
CA LYS C 286 24.13 28.93 13.97
C LYS C 286 23.65 27.80 13.12
N GLY C 287 23.98 27.87 11.85
CA GLY C 287 23.71 26.75 10.98
C GLY C 287 22.41 26.91 10.26
N THR C 288 21.83 25.77 9.89
CA THR C 288 20.98 25.70 8.73
C THR C 288 19.74 24.84 8.90
N ALA C 289 18.65 25.34 8.31
CA ALA C 289 17.38 24.65 8.33
C ALA C 289 17.52 23.33 7.60
N ALA C 290 18.25 23.34 6.49
CA ALA C 290 18.48 22.10 5.72
C ALA C 290 19.24 21.08 6.58
N GLU C 291 20.25 21.53 7.33
CA GLU C 291 21.01 20.66 8.21
C GLU C 291 20.13 20.06 9.29
N LEU C 292 19.37 20.91 9.99
CA LEU C 292 18.55 20.42 11.08
C LEU C 292 17.50 19.50 10.53
N LYS C 293 17.02 19.80 9.32
CA LYS C 293 15.99 18.98 8.71
C LYS C 293 16.48 17.57 8.40
N LYS C 294 17.65 17.47 7.80
CA LYS C 294 18.30 16.20 7.52
C LYS C 294 18.50 15.38 8.78
N TYR C 295 18.94 16.06 9.83
CA TYR C 295 19.25 15.44 11.11
C TYR C 295 17.99 15.00 11.80
N MSE C 296 17.03 15.90 11.96
CA MSE C 296 15.81 15.55 12.66
C MSE C 296 15.13 14.32 12.03
O MSE C 296 14.60 13.47 12.74
CB MSE C 296 14.83 16.75 12.71
CG MSE C 296 15.35 17.93 13.52
SE MSE C 296 15.45 17.59 15.47
CE MSE C 296 13.53 17.17 15.72
N LEU C 297 15.16 14.24 10.70
CA LEU C 297 14.49 13.14 10.00
C LEU C 297 15.26 11.85 10.07
N GLU C 298 16.50 11.88 9.59
CA GLU C 298 17.40 10.72 9.63
C GLU C 298 17.63 10.21 11.05
N GLU C 299 18.39 10.99 11.82
CA GLU C 299 18.86 10.51 13.12
C GLU C 299 17.80 10.45 14.22
N TYR C 300 16.54 10.72 13.88
CA TYR C 300 15.50 10.89 14.89
C TYR C 300 14.07 10.65 14.42
N ASN C 301 13.92 10.59 13.09
CA ASN C 301 12.66 10.40 12.38
C ASN C 301 11.54 11.42 12.60
N MSE C 302 11.94 12.69 12.48
CA MSE C 302 11.05 13.81 12.64
C MSE C 302 11.10 14.77 11.45
O MSE C 302 12.16 15.33 11.13
CB MSE C 302 11.34 14.52 13.96
CG MSE C 302 10.84 13.76 15.21
SE MSE C 302 11.25 14.69 16.91
CE MSE C 302 9.69 14.12 17.98
N LEU C 303 9.97 14.93 10.76
CA LEU C 303 9.88 15.83 9.62
C LEU C 303 9.55 17.27 10.07
N ILE C 304 10.37 18.20 9.63
CA ILE C 304 10.09 19.61 9.84
C ILE C 304 10.04 20.29 8.48
N ARG C 305 9.48 21.50 8.48
CA ARG C 305 9.43 22.34 7.32
C ARG C 305 10.62 23.27 7.24
N ASP C 306 11.57 23.00 6.35
CA ASP C 306 12.60 23.96 6.01
C ASP C 306 11.93 25.17 5.33
N ALA C 307 12.04 26.34 5.94
CA ALA C 307 11.30 27.50 5.44
C ALA C 307 12.19 28.49 4.70
N SER C 308 13.36 28.03 4.25
CA SER C 308 14.21 28.84 3.38
C SER C 308 13.46 29.27 2.09
N ASN C 309 12.53 28.44 1.61
CA ASN C 309 11.89 28.77 0.34
C ASN C 309 10.80 29.88 0.37
N PHE C 310 10.47 30.42 1.55
CA PHE C 310 9.62 31.60 1.62
C PHE C 310 10.39 32.86 1.34
N ARG C 311 9.92 33.60 0.34
CA ARG C 311 10.27 35.00 0.18
C ARG C 311 10.30 35.69 1.54
N GLY C 312 11.48 36.21 1.91
CA GLY C 312 11.60 36.98 3.12
C GLY C 312 12.21 36.22 4.30
N LEU C 313 12.60 34.96 4.05
CA LEU C 313 13.19 34.12 5.08
C LEU C 313 14.46 33.46 4.53
N ASP C 314 15.49 33.37 5.39
CA ASP C 314 16.80 32.84 4.97
C ASP C 314 16.93 31.36 5.36
N GLU C 315 18.09 30.77 5.11
CA GLU C 315 18.23 29.34 5.40
C GLU C 315 18.40 29.04 6.88
N SER C 316 18.07 30.00 7.75
CA SER C 316 18.16 29.77 9.18
C SER C 316 16.80 29.57 9.82
N TYR C 317 15.75 29.62 9.01
CA TYR C 317 14.37 29.43 9.47
C TYR C 317 13.75 28.08 9.13
N VAL C 318 13.05 27.50 10.10
CA VAL C 318 12.13 26.40 9.88
C VAL C 318 10.75 26.72 10.47
N ARG C 319 9.70 26.12 9.90
CA ARG C 319 8.34 26.28 10.42
C ARG C 319 8.01 25.01 11.17
N ILE C 320 7.34 25.14 12.31
CA ILE C 320 7.02 24.00 13.14
C ILE C 320 5.61 24.09 13.68
N THR C 321 4.87 22.98 13.53
CA THR C 321 3.50 22.88 13.99
C THR C 321 3.47 22.02 15.23
N THR C 322 2.90 22.50 16.34
CA THR C 322 3.00 21.68 17.55
C THR C 322 2.18 20.41 17.42
N GLN C 323 2.76 19.34 17.94
CA GLN C 323 2.18 18.03 17.83
C GLN C 323 1.65 17.61 19.19
N ARG C 324 1.89 16.39 19.61
CA ARG C 324 1.41 16.01 20.94
C ARG C 324 2.46 16.40 21.98
N PRO C 325 2.03 16.70 23.22
CA PRO C 325 2.99 16.93 24.32
C PRO C 325 4.21 15.99 24.31
N ALA C 326 4.00 14.68 24.30
CA ALA C 326 5.16 13.78 24.23
C ALA C 326 6.05 14.02 23.01
N GLN C 327 5.42 14.13 21.85
CA GLN C 327 6.15 14.38 20.61
C GLN C 327 6.91 15.66 20.69
N ASN C 328 6.31 16.66 21.34
CA ASN C 328 6.98 17.95 21.55
C ASN C 328 8.18 17.78 22.51
N GLN C 329 7.96 17.12 23.63
CA GLN C 329 9.04 16.79 24.57
C GLN C 329 10.22 16.13 23.84
N LEU C 330 9.91 15.20 22.95
CA LEU C 330 10.97 14.48 22.23
C LEU C 330 11.63 15.31 21.14
N PHE C 331 10.92 16.33 20.65
CA PHE C 331 11.49 17.29 19.71
C PHE C 331 12.56 18.17 20.38
N ILE C 332 12.22 18.68 21.56
CA ILE C 332 13.15 19.47 22.31
C ILE C 332 14.40 18.63 22.57
N LYS C 333 14.18 17.35 22.84
CA LYS C 333 15.26 16.46 23.20
C LYS C 333 16.14 16.25 21.97
N ALA C 334 15.51 16.07 20.83
CA ALA C 334 16.26 15.82 19.60
C ALA C 334 16.95 17.07 19.10
N LEU C 335 16.37 18.24 19.33
CA LEU C 335 16.99 19.47 18.86
C LEU C 335 18.14 19.80 19.80
N GLU C 336 17.92 19.60 21.09
CA GLU C 336 18.93 19.89 22.09
C GLU C 336 20.24 19.17 21.76
N THR C 337 20.13 17.98 21.20
CA THR C 337 21.30 17.20 20.81
C THR C 337 21.90 17.64 19.50
N PHE C 338 21.11 18.32 18.68
CA PHE C 338 21.60 18.84 17.42
C PHE C 338 22.52 20.02 17.68
N LEU C 339 22.08 20.90 18.58
CA LEU C 339 22.82 22.13 18.93
C LEU C 339 24.14 21.81 19.61
N GLU C 340 24.12 20.83 20.51
CA GLU C 340 25.32 20.34 21.15
C GLU C 340 26.36 19.84 20.16
N LYS C 341 25.90 19.31 19.04
CA LYS C 341 26.84 18.77 18.08
C LYS C 341 27.06 19.73 16.91
N TYR C 342 27.67 20.87 17.23
CA TYR C 342 27.98 21.90 16.26
C TYR C 342 28.86 22.95 16.95
N SER D 21 0.64 -42.21 0.54
CA SER D 21 0.16 -41.16 1.48
C SER D 21 0.74 -39.77 1.25
N THR D 22 1.97 -39.68 0.81
CA THR D 22 2.68 -38.39 0.77
C THR D 22 3.36 -38.23 -0.58
N THR D 23 3.51 -37.00 -1.04
CA THR D 23 4.04 -36.73 -2.37
C THR D 23 5.53 -36.46 -2.31
N VAL D 24 6.11 -36.89 -1.19
CA VAL D 24 7.52 -36.69 -0.84
C VAL D 24 8.39 -37.86 -1.31
N TRP D 25 9.38 -37.61 -2.17
CA TRP D 25 10.38 -38.64 -2.49
C TRP D 25 11.14 -39.08 -1.20
N THR D 26 10.91 -40.32 -0.79
CA THR D 26 11.23 -40.76 0.56
C THR D 26 12.36 -41.80 0.64
N ASP D 27 12.55 -42.58 -0.42
CA ASP D 27 13.59 -43.60 -0.46
C ASP D 27 14.93 -43.01 -0.79
N GLY D 28 15.17 -41.75 -0.50
CA GLY D 28 16.43 -41.13 -0.90
C GLY D 28 17.63 -41.74 -0.21
N LYS D 30 19.82 -40.41 2.51
CA LYS D 30 20.62 -41.10 3.53
C LYS D 30 21.29 -40.19 4.56
N ASP D 31 22.30 -40.76 5.21
CA ASP D 31 22.95 -40.13 6.34
C ASP D 31 24.08 -39.20 5.91
N HIS D 32 24.34 -39.07 4.62
CA HIS D 32 25.35 -38.09 4.23
C HIS D 32 24.90 -36.64 4.39
N LEU D 33 23.64 -36.36 4.13
CA LEU D 33 23.09 -35.09 4.57
C LEU D 33 22.89 -35.07 6.09
N GLU D 34 22.46 -36.18 6.67
CA GLU D 34 22.31 -36.25 8.13
C GLU D 34 23.60 -36.21 8.95
N LYS D 35 24.67 -36.85 8.46
CA LYS D 35 25.97 -36.72 9.09
C LYS D 35 26.35 -35.23 9.12
N HIS D 36 26.16 -34.58 7.98
CA HIS D 36 26.43 -33.17 7.86
C HIS D 36 25.70 -32.32 8.88
N LEU D 37 24.39 -32.55 8.99
CA LEU D 37 23.60 -31.78 9.95
C LEU D 37 24.09 -32.04 11.39
N VAL D 38 24.40 -33.30 11.68
CA VAL D 38 24.88 -33.69 13.00
C VAL D 38 26.20 -33.00 13.27
N GLU D 39 27.09 -32.99 12.27
CA GLU D 39 28.34 -32.28 12.44
C GLU D 39 28.16 -30.77 12.63
N ASN D 40 27.14 -30.17 12.02
CA ASN D 40 26.96 -28.71 12.06
C ASN D 40 25.78 -28.27 12.90
N LEU D 41 25.49 -29.08 13.90
CA LEU D 41 24.38 -28.82 14.78
C LEU D 41 24.51 -27.49 15.54
N ASN D 42 25.74 -27.06 15.81
CA ASN D 42 25.99 -25.81 16.52
C ASN D 42 25.38 -24.58 15.83
N CYS D 43 25.07 -24.69 14.54
CA CYS D 43 24.40 -23.60 13.84
C CYS D 43 23.09 -23.18 14.51
N ILE D 44 22.56 -24.02 15.39
CA ILE D 44 21.32 -23.67 16.09
C ILE D 44 21.55 -22.72 17.27
N ARG D 45 22.82 -22.43 17.55
CA ARG D 45 23.19 -21.51 18.61
C ARG D 45 23.32 -20.05 18.12
N HIS D 46 23.24 -19.85 16.81
CA HIS D 46 23.33 -18.52 16.25
C HIS D 46 22.16 -18.25 15.35
N TYR D 47 21.88 -16.95 15.18
CA TYR D 47 20.92 -16.46 14.22
C TYR D 47 21.31 -16.90 12.80
N PRO D 48 20.31 -17.30 11.97
CA PRO D 48 20.60 -17.44 10.55
C PRO D 48 20.78 -16.07 9.96
N GLU D 49 21.42 -15.93 8.80
CA GLU D 49 21.28 -14.67 8.09
C GLU D 49 19.78 -14.37 8.06
N PRO D 50 19.42 -13.12 8.36
CA PRO D 50 18.00 -12.80 8.45
C PRO D 50 17.36 -13.01 7.09
N ASP D 51 18.27 -13.02 6.14
CA ASP D 51 18.02 -12.93 4.71
C ASP D 51 18.11 -14.30 4.03
N ALA D 52 18.70 -15.27 4.73
CA ALA D 52 19.26 -16.46 4.08
C ALA D 52 20.04 -16.01 2.83
N GLY D 53 20.76 -14.91 2.97
CA GLY D 53 21.36 -14.17 1.87
C GLY D 53 22.42 -14.92 1.07
N THR D 54 23.13 -15.80 1.75
CA THR D 54 24.20 -16.55 1.11
C THR D 54 23.60 -17.71 0.33
N LEU D 55 22.59 -18.39 0.89
CA LEU D 55 21.86 -19.44 0.16
C LEU D 55 21.21 -18.82 -1.07
N ARG D 56 20.58 -17.65 -0.90
CA ARG D 56 19.91 -16.96 -2.00
C ARG D 56 20.80 -16.81 -3.24
N GLN D 57 22.01 -16.31 -3.00
CA GLN D 57 23.05 -16.10 -4.01
C GLN D 57 23.47 -17.43 -4.69
N MSE D 58 23.67 -18.47 -3.89
CA MSE D 58 23.98 -19.79 -4.41
C MSE D 58 22.89 -20.37 -5.33
O MSE D 58 23.19 -21.05 -6.29
CB MSE D 58 24.23 -20.79 -3.27
CG MSE D 58 25.46 -20.51 -2.45
SE MSE D 58 25.54 -21.64 -0.84
CE MSE D 58 25.74 -23.37 -1.70
N LEU D 59 21.64 -20.12 -4.97
CA LEU D 59 20.50 -20.56 -5.75
C LEU D 59 20.45 -19.72 -7.06
N ALA D 60 20.63 -18.40 -6.93
CA ALA D 60 20.65 -17.53 -8.10
C ALA D 60 21.72 -17.88 -9.14
N LYS D 61 22.98 -17.98 -8.71
CA LYS D 61 24.05 -18.43 -9.61
C LYS D 61 23.85 -19.86 -10.16
N ARG D 62 23.33 -20.76 -9.32
CA ARG D 62 23.09 -22.11 -9.78
C ARG D 62 22.00 -22.11 -10.87
N ASN D 63 20.85 -21.53 -10.54
CA ASN D 63 19.71 -21.44 -11.44
C ASN D 63 19.85 -20.47 -12.62
N SER D 64 20.99 -19.79 -12.71
CA SER D 64 21.26 -18.92 -13.86
C SER D 64 20.22 -17.81 -13.92
N VAL D 65 19.93 -17.25 -12.76
CA VAL D 65 18.97 -16.19 -12.60
C VAL D 65 19.66 -15.12 -11.74
N ASP D 66 19.15 -13.90 -11.75
CA ASP D 66 19.72 -12.82 -10.94
C ASP D 66 19.55 -12.98 -9.42
N ASN D 67 20.48 -12.39 -8.67
CA ASN D 67 20.41 -12.40 -7.22
C ASN D 67 19.11 -11.85 -6.66
N ASN D 68 18.62 -10.77 -7.24
CA ASN D 68 17.41 -10.18 -6.73
C ASN D 68 16.14 -10.87 -7.28
N ALA D 69 16.32 -12.06 -7.85
CA ALA D 69 15.20 -12.82 -8.36
C ALA D 69 14.97 -14.11 -7.56
N ILE D 70 15.77 -14.31 -6.50
CA ILE D 70 15.52 -15.36 -5.52
C ILE D 70 15.05 -14.77 -4.16
N LEU D 71 14.14 -15.48 -3.53
CA LEU D 71 13.65 -15.17 -2.19
C LEU D 71 13.39 -16.48 -1.42
N VAL D 72 14.25 -16.75 -0.49
CA VAL D 72 14.20 -17.96 0.28
C VAL D 72 13.09 -17.88 1.30
N THR D 73 12.37 -18.98 1.47
CA THR D 73 11.13 -18.91 2.19
C THR D 73 10.98 -20.07 3.16
N ASN D 74 10.19 -19.85 4.21
CA ASN D 74 9.96 -20.87 5.23
C ASN D 74 9.14 -22.00 4.68
N GLY D 75 9.63 -22.67 3.66
CA GLY D 75 8.87 -23.76 3.06
C GLY D 75 8.11 -23.28 1.83
N PRO D 76 7.71 -24.21 0.95
CA PRO D 76 6.96 -23.77 -0.24
C PRO D 76 5.58 -23.18 0.11
N THR D 77 4.94 -23.69 1.16
CA THR D 77 3.65 -23.19 1.59
C THR D 77 3.72 -21.69 1.95
N ALA D 78 4.66 -21.31 2.83
CA ALA D 78 4.85 -19.94 3.21
C ALA D 78 4.95 -19.01 2.00
N ALA D 79 5.67 -19.45 0.97
CA ALA D 79 5.81 -18.70 -0.28
C ALA D 79 4.47 -18.36 -0.98
N PHE D 80 3.54 -19.34 -1.02
CA PHE D 80 2.25 -19.13 -1.66
C PHE D 80 1.50 -18.03 -0.90
N TYR D 81 1.42 -18.19 0.41
CA TYR D 81 0.90 -17.16 1.28
C TYR D 81 1.52 -15.77 1.11
N GLN D 82 2.83 -15.68 0.91
CA GLN D 82 3.45 -14.38 0.79
C GLN D 82 3.14 -13.72 -0.58
N ILE D 83 3.03 -14.55 -1.62
CA ILE D 83 2.60 -14.11 -2.92
C ILE D 83 1.14 -13.59 -2.87
N ALA D 84 0.21 -14.42 -2.38
CA ALA D 84 -1.17 -13.98 -2.22
C ALA D 84 -1.21 -12.59 -1.55
N GLN D 85 -0.40 -12.45 -0.50
CA GLN D 85 -0.54 -11.32 0.40
C GLN D 85 -0.08 -10.04 -0.28
N ALA D 86 0.93 -10.16 -1.14
CA ALA D 86 1.53 -9.02 -1.81
C ALA D 86 0.57 -8.43 -2.90
N PHE D 87 -0.44 -9.22 -3.27
CA PHE D 87 -1.41 -8.84 -4.27
C PHE D 87 -2.83 -9.10 -3.82
N ARG D 88 -3.17 -8.58 -2.66
CA ARG D 88 -4.51 -8.66 -2.15
C ARG D 88 -5.57 -8.08 -3.11
N GLY D 89 -6.69 -8.79 -3.23
CA GLY D 89 -7.76 -8.25 -4.03
C GLY D 89 -7.50 -8.48 -5.51
N SER D 90 -6.50 -9.30 -5.82
CA SER D 90 -6.32 -9.78 -7.19
C SER D 90 -7.40 -10.82 -7.49
N ARG D 91 -7.66 -11.07 -8.77
CA ARG D 91 -8.58 -12.13 -9.19
C ARG D 91 -7.74 -13.37 -9.53
N SER D 92 -8.04 -14.51 -8.92
CA SER D 92 -7.20 -15.68 -9.12
C SER D 92 -7.96 -16.85 -9.74
N LEU D 93 -7.32 -17.45 -10.74
CA LEU D 93 -7.79 -18.67 -11.37
C LEU D 93 -7.01 -19.86 -10.83
N ILE D 94 -7.73 -20.82 -10.20
CA ILE D 94 -7.10 -22.02 -9.65
C ILE D 94 -7.63 -23.31 -10.32
N ALA D 95 -6.74 -24.01 -11.01
CA ALA D 95 -7.05 -25.33 -11.52
C ALA D 95 -7.35 -26.23 -10.34
N ILE D 96 -8.47 -26.94 -10.41
CA ILE D 96 -8.77 -27.96 -9.42
C ILE D 96 -9.00 -29.34 -10.10
N PRO D 97 -8.74 -30.45 -9.38
CA PRO D 97 -8.29 -30.52 -7.98
C PRO D 97 -6.87 -30.04 -7.86
N SER D 98 -6.52 -29.44 -6.72
CA SER D 98 -5.14 -29.03 -6.47
C SER D 98 -4.82 -28.80 -4.99
N PHE D 99 -3.53 -28.64 -4.73
CA PHE D 99 -3.01 -28.38 -3.37
C PHE D 99 -3.90 -27.33 -2.71
N ALA D 100 -4.46 -27.67 -1.57
CA ALA D 100 -5.43 -26.80 -0.93
C ALA D 100 -4.86 -25.42 -0.63
N GLU D 101 -3.53 -25.34 -0.43
CA GLU D 101 -2.87 -24.08 -0.03
C GLU D 101 -3.00 -22.92 -1.01
N TYR D 102 -3.09 -23.19 -2.31
CA TYR D 102 -3.25 -22.07 -3.24
C TYR D 102 -4.55 -21.34 -2.88
N GLU D 103 -5.59 -22.13 -2.65
CA GLU D 103 -6.89 -21.62 -2.31
C GLU D 103 -6.94 -20.93 -0.93
N ASP D 104 -6.35 -21.54 0.11
CA ASP D 104 -6.37 -20.93 1.45
C ASP D 104 -5.64 -19.59 1.45
N ALA D 105 -4.53 -19.54 0.73
CA ALA D 105 -3.75 -18.33 0.64
C ALA D 105 -4.54 -17.24 -0.11
N CYS D 106 -5.14 -17.56 -1.25
CA CYS D 106 -5.96 -16.60 -1.98
C CYS D 106 -7.12 -16.09 -1.12
N ARG D 107 -7.68 -16.95 -0.28
CA ARG D 107 -8.79 -16.53 0.57
C ARG D 107 -8.36 -15.65 1.76
N MSE D 108 -7.22 -15.98 2.36
CA MSE D 108 -6.71 -15.22 3.49
C MSE D 108 -6.49 -13.76 3.05
O MSE D 108 -6.58 -12.83 3.85
CB MSE D 108 -5.41 -15.87 4.02
CG MSE D 108 -4.54 -15.02 4.99
SE MSE D 108 -3.37 -15.90 6.05
CE MSE D 108 -1.96 -15.95 5.04
N TYR D 109 -6.23 -13.57 1.76
CA TYR D 109 -5.92 -12.24 1.24
C TYR D 109 -6.97 -11.71 0.26
N GLU D 110 -8.18 -12.20 0.42
CA GLU D 110 -9.30 -11.60 -0.27
C GLU D 110 -9.10 -11.48 -1.79
N HIS D 111 -8.69 -12.59 -2.37
CA HIS D 111 -8.67 -12.75 -3.79
C HIS D 111 -10.07 -13.20 -4.15
N GLU D 112 -10.55 -12.75 -5.30
CA GLU D 112 -11.71 -13.41 -5.87
C GLU D 112 -11.20 -14.63 -6.61
N VAL D 113 -11.68 -15.79 -6.21
CA VAL D 113 -11.16 -17.04 -6.73
C VAL D 113 -12.12 -17.70 -7.74
N CYS D 114 -11.59 -18.04 -8.91
CA CYS D 114 -12.35 -18.78 -9.93
C CYS D 114 -11.77 -20.19 -10.10
N PHE D 115 -12.63 -21.19 -10.20
CA PHE D 115 -12.11 -22.54 -10.41
C PHE D 115 -12.21 -23.02 -11.84
N TYR D 116 -11.40 -24.00 -12.17
CA TYR D 116 -11.35 -24.53 -13.50
C TYR D 116 -10.77 -25.92 -13.42
N PRO D 117 -11.33 -26.88 -14.19
CA PRO D 117 -10.93 -28.30 -14.08
C PRO D 117 -9.52 -28.53 -14.57
N SER D 118 -8.66 -29.17 -13.76
CA SER D 118 -7.33 -29.50 -14.23
C SER D 118 -7.37 -30.57 -15.36
N ASN D 119 -8.47 -31.31 -15.48
CA ASN D 119 -8.57 -32.23 -16.63
C ASN D 119 -9.12 -31.67 -17.96
N GLU D 120 -9.67 -30.46 -17.94
CA GLU D 120 -9.96 -29.70 -19.16
C GLU D 120 -8.70 -28.98 -19.65
N ASP D 121 -8.59 -28.73 -20.94
CA ASP D 121 -7.38 -28.07 -21.44
C ASP D 121 -7.27 -26.70 -20.80
N ILE D 122 -6.13 -26.41 -20.17
CA ILE D 122 -5.89 -25.12 -19.52
C ILE D 122 -6.00 -23.95 -20.49
N GLY D 123 -5.60 -24.19 -21.73
CA GLY D 123 -5.65 -23.15 -22.75
C GLY D 123 -7.04 -22.60 -23.05
N GLU D 124 -8.07 -23.46 -22.94
CA GLU D 124 -9.46 -23.09 -23.23
C GLU D 124 -10.17 -22.38 -22.07
N ALA D 125 -9.42 -22.08 -21.01
CA ALA D 125 -10.00 -21.39 -19.88
C ALA D 125 -9.96 -19.89 -20.15
N ASP D 126 -10.93 -19.16 -19.62
CA ASP D 126 -11.05 -17.74 -19.84
C ASP D 126 -10.14 -16.98 -18.87
N PHE D 127 -9.11 -16.32 -19.39
CA PHE D 127 -8.14 -15.53 -18.61
C PHE D 127 -8.41 -14.01 -18.65
N SER D 128 -9.55 -13.64 -19.22
CA SER D 128 -9.79 -12.24 -19.59
C SER D 128 -9.53 -11.26 -18.44
N ASN D 129 -10.18 -11.55 -17.33
CA ASN D 129 -10.08 -10.79 -16.11
C ASN D 129 -9.30 -11.52 -15.01
N MSE D 130 -8.34 -12.38 -15.35
CA MSE D 130 -7.59 -13.15 -14.32
C MSE D 130 -6.22 -12.52 -14.03
O MSE D 130 -5.36 -12.52 -14.90
CB MSE D 130 -7.39 -14.62 -14.73
CG MSE D 130 -8.63 -15.55 -14.71
SE MSE D 130 -9.92 -15.17 -13.28
CE MSE D 130 -9.65 -16.54 -12.03
N ASP D 131 -6.01 -12.00 -12.84
CA ASP D 131 -4.68 -11.45 -12.53
C ASP D 131 -3.66 -12.58 -12.31
N PHE D 132 -4.06 -13.60 -11.53
CA PHE D 132 -3.23 -14.78 -11.31
C PHE D 132 -3.89 -16.04 -11.78
N CYS D 133 -3.05 -16.93 -12.31
CA CYS D 133 -3.38 -18.33 -12.55
C CYS D 133 -2.38 -19.23 -11.79
N TRP D 134 -2.91 -20.10 -10.93
CA TRP D 134 -2.08 -20.94 -10.06
C TRP D 134 -1.97 -22.37 -10.60
N LEU D 135 -0.83 -22.71 -11.20
CA LEU D 135 -0.60 -24.07 -11.68
C LEU D 135 0.43 -24.82 -10.84
N CYS D 136 0.21 -26.12 -10.67
CA CYS D 136 1.23 -27.04 -10.21
C CYS D 136 1.49 -28.07 -11.27
N ASN D 137 2.72 -28.20 -11.75
CA ASN D 137 2.88 -29.24 -12.75
C ASN D 137 4.19 -30.01 -12.75
N PRO D 138 4.11 -31.34 -12.54
CA PRO D 138 2.92 -32.19 -12.50
C PRO D 138 1.99 -31.82 -11.35
N ASN D 139 0.69 -32.12 -11.48
CA ASN D 139 -0.24 -31.62 -10.49
C ASN D 139 -0.55 -32.62 -9.38
N ASN D 140 -0.82 -32.06 -8.22
CA ASN D 140 -1.17 -32.80 -7.06
C ASN D 140 -2.68 -32.56 -6.88
N PRO D 141 -3.53 -33.62 -6.97
CA PRO D 141 -3.20 -35.06 -7.02
C PRO D 141 -3.31 -35.72 -8.43
N ASP D 142 -3.98 -35.07 -9.37
CA ASP D 142 -4.10 -35.56 -10.75
C ASP D 142 -2.87 -36.27 -11.33
N GLY D 143 -1.70 -35.75 -10.99
CA GLY D 143 -0.52 -36.03 -11.77
C GLY D 143 -0.62 -35.36 -13.13
N ARG D 144 -1.65 -34.52 -13.35
CA ARG D 144 -1.74 -33.86 -14.66
C ARG D 144 -0.46 -33.12 -15.01
N LEU D 145 0.04 -33.33 -16.23
CA LEU D 145 1.35 -32.83 -16.63
C LEU D 145 1.27 -32.01 -17.92
N LEU D 146 1.55 -30.71 -17.83
CA LEU D 146 1.48 -29.83 -18.98
C LEU D 146 2.84 -29.77 -19.66
N GLN D 147 2.85 -29.77 -20.99
CA GLN D 147 4.12 -29.80 -21.69
C GLN D 147 4.82 -28.50 -21.40
N ARG D 148 6.15 -28.51 -21.47
CA ARG D 148 6.90 -27.28 -21.29
C ARG D 148 6.43 -26.25 -22.29
N THR D 149 5.85 -26.72 -23.39
CA THR D 149 5.52 -25.87 -24.53
C THR D 149 4.14 -25.24 -24.41
N GLU D 150 3.18 -26.03 -23.92
CA GLU D 150 1.83 -25.56 -23.62
C GLU D 150 1.80 -24.40 -22.61
N ILE D 151 2.82 -24.33 -21.75
CA ILE D 151 2.98 -23.25 -20.78
C ILE D 151 3.68 -22.00 -21.31
N LEU D 152 4.74 -22.17 -22.09
CA LEU D 152 5.40 -21.02 -22.71
C LEU D 152 4.41 -20.15 -23.52
N ARG D 153 3.38 -20.78 -24.08
CA ARG D 153 2.42 -20.07 -24.91
C ARG D 153 1.32 -19.46 -24.09
N LEU D 154 0.95 -20.10 -22.98
CA LEU D 154 0.11 -19.44 -22.00
C LEU D 154 0.75 -18.12 -21.60
N LEU D 155 2.02 -18.17 -21.20
CA LEU D 155 2.79 -16.99 -20.81
C LEU D 155 2.84 -15.92 -21.90
N ASN D 156 2.74 -16.34 -23.15
CA ASN D 156 2.79 -15.42 -24.28
C ASN D 156 1.42 -14.85 -24.64
N ASP D 157 0.40 -15.70 -24.58
CA ASP D 157 -0.98 -15.31 -24.92
C ASP D 157 -1.69 -14.48 -23.86
N HIS D 158 -1.29 -14.62 -22.60
CA HIS D 158 -1.95 -13.91 -21.50
C HIS D 158 -1.01 -13.11 -20.56
N PRO D 159 -0.25 -12.18 -21.12
CA PRO D 159 0.75 -11.38 -20.41
C PRO D 159 0.19 -10.61 -19.20
N ASP D 160 -1.11 -10.30 -19.20
CA ASP D 160 -1.74 -9.56 -18.12
C ASP D 160 -2.20 -10.51 -16.99
N THR D 161 -2.08 -11.80 -17.23
CA THR D 161 -2.21 -12.80 -16.16
C THR D 161 -0.83 -13.25 -15.64
N THR D 162 -0.61 -13.26 -14.34
CA THR D 162 0.67 -13.83 -13.93
C THR D 162 0.49 -15.29 -13.48
N PHE D 163 1.33 -16.16 -14.01
CA PHE D 163 1.19 -17.58 -13.73
C PHE D 163 2.09 -18.01 -12.59
N VAL D 164 1.48 -18.44 -11.50
CA VAL D 164 2.26 -18.94 -10.38
C VAL D 164 2.37 -20.46 -10.54
N LEU D 165 3.58 -20.89 -10.84
CA LEU D 165 3.85 -22.28 -11.14
C LEU D 165 4.41 -22.96 -9.88
N ASP D 166 3.62 -23.79 -9.23
CA ASP D 166 4.14 -24.64 -8.17
C ASP D 166 5.12 -25.60 -8.81
N GLN D 167 6.40 -25.40 -8.56
CA GLN D 167 7.45 -26.24 -9.09
C GLN D 167 7.83 -27.40 -8.16
N SER D 168 7.03 -27.68 -7.15
CA SER D 168 7.37 -28.70 -6.18
C SER D 168 7.82 -30.08 -6.79
N TYR D 169 7.19 -30.47 -7.89
CA TYR D 169 7.39 -31.81 -8.42
C TYR D 169 8.03 -31.77 -9.79
N VAL D 170 8.65 -30.65 -10.08
CA VAL D 170 9.45 -30.50 -11.29
C VAL D 170 10.44 -31.67 -11.50
N SER D 171 10.83 -32.34 -10.41
CA SER D 171 11.70 -33.54 -10.44
C SER D 171 11.00 -34.90 -10.63
N PHE D 172 9.67 -34.96 -10.47
CA PHE D 172 8.97 -36.24 -10.51
C PHE D 172 8.54 -36.60 -11.94
N THR D 173 9.32 -36.14 -12.93
CA THR D 173 9.06 -36.39 -14.34
C THR D 173 10.31 -36.20 -15.17
N THR D 174 10.28 -36.74 -16.39
CA THR D 174 11.39 -36.75 -17.35
C THR D 174 11.16 -35.76 -18.51
N GLU D 175 9.89 -35.56 -18.87
CA GLU D 175 9.57 -34.71 -20.01
C GLU D 175 9.91 -33.31 -19.62
N GLU D 176 10.37 -32.49 -20.57
CA GLU D 176 11.00 -31.26 -20.15
C GLU D 176 10.03 -30.31 -19.44
N VAL D 177 10.64 -29.47 -18.62
CA VAL D 177 9.91 -28.59 -17.73
C VAL D 177 10.29 -27.18 -18.09
N ILE D 178 9.50 -26.22 -17.67
CA ILE D 178 10.01 -24.84 -17.62
C ILE D 178 10.98 -24.77 -16.41
N ARG D 179 12.01 -23.92 -16.51
CA ARG D 179 12.94 -23.71 -15.40
C ARG D 179 13.04 -22.24 -15.02
N PRO D 180 13.88 -21.91 -14.01
CA PRO D 180 13.99 -20.53 -13.53
C PRO D 180 14.44 -19.51 -14.55
N ALA D 181 15.30 -19.89 -15.49
CA ALA D 181 15.81 -18.88 -16.41
C ALA D 181 14.71 -18.44 -17.40
N ASP D 182 13.57 -19.11 -17.32
CA ASP D 182 12.44 -18.76 -18.16
C ASP D 182 11.78 -17.45 -17.72
N ILE D 183 12.27 -16.87 -16.64
CA ILE D 183 11.71 -15.60 -16.19
C ILE D 183 12.19 -14.42 -17.05
N LYS D 184 13.19 -14.68 -17.88
CA LYS D 184 13.94 -13.64 -18.57
C LYS D 184 13.23 -13.25 -19.86
N GLY D 185 12.87 -11.96 -19.94
CA GLY D 185 12.04 -11.48 -21.03
C GLY D 185 10.59 -11.82 -20.79
N ARG D 186 10.23 -11.99 -19.54
CA ARG D 186 8.85 -12.23 -19.14
C ARG D 186 8.61 -11.51 -17.83
N LYS D 187 7.35 -11.43 -17.43
CA LYS D 187 7.01 -10.71 -16.24
C LYS D 187 5.81 -11.43 -15.64
N ASN D 188 5.23 -12.33 -16.41
CA ASN D 188 4.05 -13.00 -15.91
C ASN D 188 4.31 -14.43 -15.43
N LEU D 189 5.59 -14.74 -15.23
CA LEU D 189 6.01 -16.06 -14.73
C LEU D 189 6.59 -15.91 -13.33
N VAL D 190 6.00 -16.62 -12.38
CA VAL D 190 6.53 -16.70 -11.03
C VAL D 190 6.60 -18.16 -10.55
N MSE D 191 7.72 -18.55 -9.95
CA MSE D 191 7.89 -19.95 -9.59
C MSE D 191 8.09 -20.19 -8.12
O MSE D 191 8.64 -19.35 -7.41
CB MSE D 191 9.04 -20.57 -10.36
CG MSE D 191 8.59 -21.24 -11.66
SE MSE D 191 10.04 -21.20 -12.97
CE MSE D 191 10.31 -19.29 -13.15
N VAL D 192 7.63 -21.34 -7.63
CA VAL D 192 7.92 -21.68 -6.27
C VAL D 192 8.58 -23.05 -6.22
N TYR D 193 9.81 -23.09 -5.69
CA TYR D 193 10.54 -24.37 -5.56
C TYR D 193 10.41 -24.94 -4.17
N SER D 194 10.66 -26.23 -4.01
CA SER D 194 10.48 -26.90 -2.73
C SER D 194 11.70 -27.77 -2.38
N PHE D 195 11.98 -27.94 -1.10
CA PHE D 195 13.00 -28.91 -0.67
C PHE D 195 12.36 -30.09 0.01
N SER D 196 11.11 -29.95 0.43
CA SER D 196 10.39 -31.01 1.12
C SER D 196 10.24 -32.28 0.29
N HIS D 197 9.86 -32.12 -0.98
CA HIS D 197 9.46 -33.27 -1.80
C HIS D 197 10.61 -34.00 -2.47
N ALA D 198 11.33 -33.29 -3.32
CA ALA D 198 12.40 -33.85 -4.10
C ALA D 198 13.51 -34.45 -3.25
N TYR D 199 13.74 -33.86 -2.07
CA TYR D 199 14.88 -34.27 -1.24
C TYR D 199 14.49 -34.89 0.08
N GLY D 200 13.20 -35.04 0.34
CA GLY D 200 12.78 -35.83 1.50
C GLY D 200 12.85 -35.16 2.85
N ILE D 201 12.86 -33.83 2.85
CA ILE D 201 12.99 -33.08 4.07
C ILE D 201 11.84 -32.09 4.32
N PRO D 202 10.60 -32.60 4.29
CA PRO D 202 9.45 -31.77 4.68
C PRO D 202 9.57 -31.11 6.09
N GLY D 203 10.30 -31.71 7.03
CA GLY D 203 10.37 -31.21 8.41
C GLY D 203 11.23 -29.98 8.59
N LEU D 204 12.08 -29.71 7.61
CA LEU D 204 12.99 -28.56 7.65
C LEU D 204 12.35 -27.20 7.27
N ARG D 205 11.28 -27.22 6.48
CA ARG D 205 10.59 -25.99 6.05
C ARG D 205 11.46 -25.00 5.27
N ILE D 206 11.84 -25.35 4.05
CA ILE D 206 12.49 -24.40 3.14
C ILE D 206 12.00 -24.50 1.70
N GLY D 207 11.84 -23.34 1.05
CA GLY D 207 11.68 -23.30 -0.37
C GLY D 207 12.11 -21.94 -0.86
N TYR D 208 11.75 -21.63 -2.09
CA TYR D 208 12.04 -20.33 -2.59
C TYR D 208 11.19 -19.91 -3.77
N ILE D 209 11.13 -18.61 -3.99
CA ILE D 209 10.41 -17.98 -5.08
C ILE D 209 11.41 -17.46 -6.09
N VAL D 210 11.15 -17.75 -7.37
CA VAL D 210 11.85 -17.09 -8.48
C VAL D 210 10.84 -16.18 -9.21
N ALA D 211 11.22 -14.95 -9.46
CA ALA D 211 10.34 -13.98 -10.07
C ALA D 211 11.13 -12.83 -10.69
N ASN D 212 10.63 -12.27 -11.78
CA ASN D 212 11.18 -11.05 -12.32
C ASN D 212 11.13 -10.05 -11.17
N LYS D 213 11.89 -8.97 -11.27
CA LYS D 213 12.16 -8.17 -10.09
C LYS D 213 11.17 -7.08 -9.68
N ASP D 214 10.26 -6.67 -10.55
CA ASP D 214 9.16 -5.80 -10.09
C ASP D 214 8.16 -6.58 -9.25
N PHE D 215 7.97 -7.83 -9.59
CA PHE D 215 7.07 -8.66 -8.82
C PHE D 215 7.71 -8.94 -7.45
N MSE D 216 8.97 -9.38 -7.45
CA MSE D 216 9.70 -9.67 -6.24
C MSE D 216 9.72 -8.51 -5.25
O MSE D 216 9.68 -8.71 -4.03
CB MSE D 216 11.13 -10.09 -6.54
CG MSE D 216 11.80 -10.73 -5.34
SE MSE D 216 10.95 -12.46 -5.01
CE MSE D 216 11.93 -13.57 -6.27
N LYS D 217 9.82 -7.28 -5.76
CA LYS D 217 9.79 -6.09 -4.93
C LYS D 217 8.49 -6.07 -4.13
N ARG D 218 7.40 -6.36 -4.80
CA ARG D 218 6.09 -6.39 -4.17
C ARG D 218 5.99 -7.54 -3.14
N VAL D 219 6.60 -8.68 -3.45
CA VAL D 219 6.67 -9.77 -2.49
C VAL D 219 7.55 -9.42 -1.27
N ALA D 220 8.73 -8.89 -1.54
CA ALA D 220 9.75 -8.57 -0.55
C ALA D 220 9.24 -7.67 0.57
N ALA D 221 8.30 -6.76 0.26
CA ALA D 221 7.75 -5.83 1.26
C ALA D 221 7.14 -6.54 2.46
N PHE D 222 6.92 -7.84 2.35
CA PHE D 222 6.32 -8.55 3.47
C PHE D 222 7.24 -9.62 4.04
N SER D 223 8.49 -9.65 3.60
CA SER D 223 9.52 -10.52 4.21
C SER D 223 9.84 -10.13 5.66
N THR D 224 9.96 -11.15 6.50
CA THR D 224 10.33 -10.95 7.89
C THR D 224 11.71 -11.55 8.18
N PRO D 225 12.47 -10.94 9.09
CA PRO D 225 13.84 -11.44 9.33
C PRO D 225 13.85 -12.80 10.05
N TRP D 226 14.83 -13.66 9.71
CA TRP D 226 15.03 -14.95 10.39
C TRP D 226 13.82 -15.86 10.25
N ALA D 227 13.14 -15.76 9.11
CA ALA D 227 11.99 -16.59 8.80
C ALA D 227 12.44 -18.00 8.40
N VAL D 228 13.69 -18.10 7.95
CA VAL D 228 14.21 -19.40 7.54
C VAL D 228 15.19 -19.90 8.57
N ASN D 229 14.91 -21.05 9.20
CA ASN D 229 15.74 -21.61 10.27
C ASN D 229 17.13 -22.07 9.81
N ALA D 230 18.10 -22.01 10.73
CA ALA D 230 19.51 -22.33 10.41
C ALA D 230 19.84 -23.76 9.90
N LEU D 231 19.17 -24.79 10.42
CA LEU D 231 19.36 -26.16 9.90
C LEU D 231 18.90 -26.30 8.46
N ALA D 232 17.71 -25.77 8.16
CA ALA D 232 17.16 -25.75 6.82
C ALA D 232 18.13 -25.12 5.81
N ILE D 233 18.72 -23.98 6.16
CA ILE D 233 19.68 -23.30 5.29
C ILE D 233 20.94 -24.16 5.11
N GLU D 234 21.50 -24.66 6.22
CA GLU D 234 22.62 -25.59 6.19
C GLU D 234 22.33 -26.82 5.33
N ALA D 235 21.14 -27.38 5.46
CA ALA D 235 20.76 -28.53 4.66
C ALA D 235 20.67 -28.17 3.17
N ALA D 236 20.04 -27.04 2.86
CA ALA D 236 19.94 -26.58 1.48
C ALA D 236 21.29 -26.32 0.80
N LYS D 237 22.24 -25.77 1.55
CA LYS D 237 23.58 -25.51 1.03
C LYS D 237 24.34 -26.80 0.73
N PHE D 238 24.10 -27.83 1.53
CA PHE D 238 24.74 -29.13 1.34
C PHE D 238 24.17 -29.80 0.07
N ILE D 239 22.86 -29.75 -0.09
CA ILE D 239 22.20 -30.30 -1.26
C ILE D 239 22.72 -29.64 -2.57
N LEU D 240 23.13 -28.38 -2.48
CA LEU D 240 23.58 -27.62 -3.65
C LEU D 240 25.02 -27.86 -4.02
N ILE D 241 25.83 -28.15 -3.00
CA ILE D 241 27.23 -28.44 -3.23
C ILE D 241 27.39 -29.91 -3.63
N HIS D 242 26.28 -30.66 -3.71
CA HIS D 242 26.29 -32.11 -3.99
C HIS D 242 25.14 -32.54 -4.88
N PRO D 243 25.06 -31.93 -6.07
CA PRO D 243 24.03 -32.31 -7.04
C PRO D 243 23.86 -33.81 -7.12
N ALA D 244 24.92 -34.55 -7.46
CA ALA D 244 24.86 -35.99 -7.77
C ALA D 244 24.28 -36.83 -6.62
N GLN D 245 24.53 -36.42 -5.40
CA GLN D 245 24.12 -37.19 -4.24
C GLN D 245 22.60 -37.08 -3.99
N PHE D 246 22.02 -35.97 -4.46
CA PHE D 246 20.58 -35.76 -4.32
C PHE D 246 19.85 -35.72 -5.66
N THR D 247 20.24 -36.59 -6.60
CA THR D 247 19.49 -36.77 -7.84
C THR D 247 18.45 -37.86 -7.66
N LEU D 248 17.18 -37.51 -7.83
CA LEU D 248 16.09 -38.48 -7.74
C LEU D 248 16.19 -39.50 -8.91
N PRO D 249 16.12 -40.80 -8.59
CA PRO D 249 16.14 -41.86 -9.61
C PRO D 249 14.77 -41.94 -10.29
N ILE D 250 14.47 -40.93 -11.11
CA ILE D 250 13.09 -40.73 -11.59
C ILE D 250 12.62 -41.78 -12.59
N ARG D 251 13.48 -42.09 -13.57
CA ARG D 251 13.26 -43.17 -14.52
C ARG D 251 12.74 -44.39 -13.79
N LYS D 252 13.51 -44.84 -12.81
CA LYS D 252 13.19 -46.07 -12.07
C LYS D 252 11.87 -45.93 -11.31
N TRP D 253 11.53 -44.70 -10.97
CA TRP D 253 10.39 -44.47 -10.08
C TRP D 253 9.08 -44.64 -10.83
N GLN D 254 8.98 -44.01 -12.00
CA GLN D 254 7.74 -44.09 -12.76
C GLN D 254 7.52 -45.47 -13.29
N ARG D 255 8.59 -46.10 -13.78
CA ARG D 255 8.48 -47.45 -14.27
C ARG D 255 7.83 -48.35 -13.24
N ASN D 256 8.12 -48.10 -11.97
CA ASN D 256 7.45 -48.82 -10.89
C ASN D 256 5.99 -48.44 -10.71
N THR D 257 5.66 -47.17 -10.95
CA THR D 257 4.27 -46.75 -10.81
C THR D 257 3.41 -47.33 -11.97
N VAL D 258 3.96 -47.31 -13.18
CA VAL D 258 3.35 -48.02 -14.32
C VAL D 258 2.91 -49.44 -13.95
N ASP D 259 3.82 -50.19 -13.31
CA ASP D 259 3.53 -51.55 -12.93
C ASP D 259 2.54 -51.57 -11.79
N PHE D 260 2.59 -50.54 -10.97
CA PHE D 260 1.74 -50.53 -9.76
C PHE D 260 0.29 -50.27 -10.21
N ILE D 261 0.13 -49.46 -11.26
CA ILE D 261 -1.22 -49.13 -11.70
C ILE D 261 -1.90 -50.20 -12.57
N THR D 262 -1.16 -50.77 -13.53
CA THR D 262 -1.71 -51.89 -14.29
C THR D 262 -2.19 -52.94 -13.29
N ALA D 263 -1.36 -53.26 -12.30
CA ALA D 263 -1.82 -54.18 -11.27
C ALA D 263 -3.06 -53.66 -10.49
N LEU D 264 -3.36 -52.37 -10.60
CA LEU D 264 -4.52 -51.78 -9.90
C LEU D 264 -5.78 -51.75 -10.77
N ASN D 265 -5.60 -51.47 -12.05
CA ASN D 265 -6.70 -51.41 -13.00
C ASN D 265 -7.43 -52.75 -13.14
N ARG D 266 -6.62 -53.82 -13.09
CA ARG D 266 -7.11 -55.18 -13.26
C ARG D 266 -7.93 -55.62 -12.06
N LEU D 267 -7.73 -54.93 -10.94
CA LEU D 267 -8.56 -55.23 -9.79
C LEU D 267 -10.00 -54.77 -10.11
N ASP D 268 -10.95 -55.16 -9.23
CA ASP D 268 -12.34 -54.96 -9.61
C ASP D 268 -13.08 -54.12 -8.57
N GLY D 269 -13.70 -53.06 -9.13
CA GLY D 269 -14.41 -52.12 -8.27
C GLY D 269 -13.43 -51.03 -7.93
N VAL D 270 -12.39 -50.92 -8.74
CA VAL D 270 -11.38 -49.91 -8.53
C VAL D 270 -10.77 -49.52 -9.87
N GLU D 271 -10.74 -48.23 -10.15
CA GLU D 271 -10.16 -47.73 -11.39
C GLU D 271 -9.18 -46.62 -11.09
N VAL D 272 -8.12 -46.55 -11.88
CA VAL D 272 -7.06 -45.60 -11.62
C VAL D 272 -6.99 -44.57 -12.69
N HIS D 273 -7.36 -43.34 -12.33
CA HIS D 273 -7.16 -42.14 -13.15
C HIS D 273 -5.71 -41.92 -13.50
N PRO D 274 -5.35 -42.03 -14.80
CA PRO D 274 -3.98 -41.83 -15.33
C PRO D 274 -3.19 -40.73 -14.62
N SER D 275 -1.86 -40.75 -14.69
CA SER D 275 -1.04 -39.62 -14.19
C SER D 275 0.21 -39.48 -14.99
N GLY D 276 0.83 -38.31 -14.89
CA GLY D 276 2.12 -38.06 -15.49
C GLY D 276 3.28 -38.26 -14.53
N THR D 277 2.98 -38.69 -13.31
CA THR D 277 4.05 -38.94 -12.32
C THR D 277 3.82 -40.14 -11.44
N THR D 278 4.35 -40.04 -10.22
CA THR D 278 4.51 -41.22 -9.40
C THR D 278 3.48 -41.37 -8.31
N PHE D 279 2.64 -40.37 -8.17
CA PHE D 279 1.47 -40.54 -7.35
C PHE D 279 0.31 -40.38 -8.32
N PHE D 280 -0.88 -40.76 -7.91
CA PHE D 280 -2.00 -40.79 -8.83
C PHE D 280 -3.26 -40.95 -8.02
N LEU D 281 -4.38 -40.48 -8.54
CA LEU D 281 -5.61 -40.81 -7.82
C LEU D 281 -6.22 -42.16 -8.24
N LEU D 282 -7.01 -42.73 -7.35
CA LEU D 282 -7.66 -43.99 -7.61
C LEU D 282 -9.06 -43.93 -7.04
N ARG D 283 -10.02 -44.51 -7.77
CA ARG D 283 -11.42 -44.36 -7.41
C ARG D 283 -12.07 -45.70 -7.09
N LEU D 284 -12.89 -45.69 -6.06
CA LEU D 284 -13.68 -46.83 -5.64
C LEU D 284 -15.08 -46.76 -6.27
N LYS D 285 -15.50 -47.87 -6.89
CA LYS D 285 -16.84 -47.95 -7.47
C LYS D 285 -17.88 -48.09 -6.38
N LYS D 286 -17.62 -49.00 -5.44
CA LYS D 286 -18.36 -49.04 -4.19
C LYS D 286 -17.28 -48.96 -3.14
N GLY D 287 -17.61 -48.48 -1.95
CA GLY D 287 -16.62 -48.35 -0.90
C GLY D 287 -16.04 -46.94 -0.81
N THR D 288 -15.86 -46.49 0.44
CA THR D 288 -15.50 -45.11 0.78
C THR D 288 -14.03 -44.98 1.16
N ALA D 289 -13.46 -43.80 0.86
CA ALA D 289 -12.05 -43.49 1.18
C ALA D 289 -11.72 -43.69 2.66
N ALA D 290 -12.49 -43.04 3.53
CA ALA D 290 -12.34 -43.16 4.98
C ALA D 290 -12.30 -44.61 5.45
N GLU D 291 -13.09 -45.45 4.78
CA GLU D 291 -13.18 -46.86 5.15
C GLU D 291 -12.00 -47.68 4.66
N LEU D 292 -11.56 -47.42 3.43
CA LEU D 292 -10.36 -48.07 2.93
C LEU D 292 -9.12 -47.57 3.73
N LYS D 293 -9.26 -46.41 4.38
CA LYS D 293 -8.19 -45.90 5.25
C LYS D 293 -8.20 -46.54 6.65
N LYS D 294 -9.37 -47.02 7.08
CA LYS D 294 -9.49 -47.81 8.29
C LYS D 294 -9.23 -49.29 8.02
N ASN D 301 -0.25 -51.99 8.07
CA ASN D 301 0.32 -50.72 8.51
C ASN D 301 0.75 -49.80 7.35
N MSE D 302 -0.06 -49.79 6.29
CA MSE D 302 0.15 -48.83 5.21
C MSE D 302 -0.78 -47.60 5.31
O MSE D 302 -1.99 -47.75 5.54
CB MSE D 302 0.01 -49.48 3.85
CG MSE D 302 0.72 -50.79 3.69
SE MSE D 302 -0.03 -51.79 2.15
CE MSE D 302 0.77 -50.72 0.70
N LEU D 303 -0.18 -46.41 5.17
CA LEU D 303 -0.95 -45.16 5.06
C LEU D 303 -1.33 -44.75 3.63
N ILE D 304 -2.58 -44.31 3.51
CA ILE D 304 -3.07 -43.77 2.25
C ILE D 304 -3.71 -42.40 2.43
N ARG D 305 -3.72 -41.62 1.36
CA ARG D 305 -4.36 -40.31 1.32
C ARG D 305 -5.83 -40.34 0.87
N ASP D 306 -6.72 -40.11 1.83
CA ASP D 306 -8.13 -39.89 1.50
C ASP D 306 -8.24 -38.53 0.80
N ALA D 307 -8.52 -38.58 -0.52
CA ALA D 307 -8.57 -37.37 -1.37
C ALA D 307 -9.91 -36.64 -1.33
N SER D 308 -10.80 -37.05 -0.43
CA SER D 308 -12.11 -36.43 -0.31
C SER D 308 -11.99 -34.89 -0.09
N ASN D 309 -10.90 -34.48 0.53
CA ASN D 309 -10.81 -33.11 0.97
C ASN D 309 -10.27 -32.12 -0.06
N PHE D 310 -10.00 -32.61 -1.27
CA PHE D 310 -9.86 -31.71 -2.44
C PHE D 310 -11.21 -31.36 -3.04
N ARG D 311 -11.39 -30.06 -3.25
CA ARG D 311 -12.39 -29.56 -4.18
C ARG D 311 -12.38 -30.32 -5.50
N GLY D 312 -13.54 -30.86 -5.90
CA GLY D 312 -13.66 -31.55 -7.18
C GLY D 312 -13.44 -33.06 -7.10
N LEU D 313 -13.23 -33.59 -5.89
CA LEU D 313 -13.10 -35.04 -5.67
C LEU D 313 -14.04 -35.40 -4.54
N ASP D 314 -14.76 -36.51 -4.66
CA ASP D 314 -15.68 -36.91 -3.59
C ASP D 314 -15.12 -38.03 -2.73
N GLU D 315 -15.99 -38.63 -1.93
CA GLU D 315 -15.56 -39.66 -0.98
C GLU D 315 -14.94 -40.90 -1.62
N SER D 316 -15.06 -41.02 -2.94
CA SER D 316 -14.66 -42.27 -3.59
C SER D 316 -13.18 -42.28 -3.91
N TYR D 317 -12.55 -41.14 -3.71
CA TYR D 317 -11.22 -40.87 -4.22
C TYR D 317 -10.10 -40.98 -3.18
N VAL D 318 -8.99 -41.60 -3.57
CA VAL D 318 -7.79 -41.57 -2.76
C VAL D 318 -6.56 -41.33 -3.63
N ARG D 319 -5.56 -40.64 -3.07
CA ARG D 319 -4.29 -40.40 -3.75
C ARG D 319 -3.26 -41.45 -3.26
N ILE D 320 -2.37 -41.87 -4.12
CA ILE D 320 -1.51 -42.95 -3.77
C ILE D 320 -0.15 -42.74 -4.40
N THR D 321 0.90 -42.90 -3.60
CA THR D 321 2.24 -42.65 -4.11
C THR D 321 2.99 -43.94 -4.33
N THR D 322 3.60 -44.07 -5.50
CA THR D 322 4.30 -45.29 -5.86
C THR D 322 5.54 -45.50 -5.00
N GLN D 323 5.53 -46.59 -4.25
CA GLN D 323 6.64 -46.97 -3.39
C GLN D 323 7.65 -47.88 -4.11
N ARG D 324 8.01 -48.98 -3.45
CA ARG D 324 9.00 -49.89 -3.99
C ARG D 324 8.28 -51.22 -4.26
N PRO D 325 8.62 -51.87 -5.38
CA PRO D 325 7.96 -53.09 -5.82
C PRO D 325 7.33 -53.90 -4.68
N ALA D 326 8.11 -54.46 -3.76
CA ALA D 326 7.56 -55.33 -2.73
C ALA D 326 6.32 -54.77 -2.03
N GLN D 327 6.36 -53.49 -1.67
CA GLN D 327 5.29 -52.91 -0.88
C GLN D 327 4.12 -52.52 -1.79
N ASN D 328 4.44 -52.24 -3.05
CA ASN D 328 3.42 -52.06 -4.08
C ASN D 328 2.63 -53.34 -4.23
N GLN D 329 3.34 -54.38 -4.68
CA GLN D 329 2.75 -55.69 -4.99
C GLN D 329 2.12 -56.24 -3.72
N LEU D 330 2.38 -55.60 -2.60
CA LEU D 330 1.69 -56.01 -1.39
C LEU D 330 0.59 -55.02 -0.99
N PHE D 331 0.35 -54.00 -1.80
CA PHE D 331 -0.87 -53.20 -1.57
C PHE D 331 -2.05 -53.82 -2.29
N ILE D 332 -1.85 -54.14 -3.56
CA ILE D 332 -2.87 -54.88 -4.29
C ILE D 332 -3.57 -55.85 -3.35
N LYS D 333 -2.79 -56.60 -2.57
CA LYS D 333 -3.34 -57.72 -1.82
C LYS D 333 -4.23 -57.27 -0.69
N ALA D 334 -3.76 -56.32 0.12
CA ALA D 334 -4.55 -55.90 1.28
C ALA D 334 -5.84 -55.22 0.85
N LEU D 335 -5.90 -54.81 -0.43
CA LEU D 335 -7.07 -54.16 -1.03
C LEU D 335 -8.02 -55.21 -1.62
N GLU D 336 -7.45 -56.09 -2.46
CA GLU D 336 -8.20 -57.16 -3.10
C GLU D 336 -9.18 -57.72 -2.07
N THR D 337 -8.62 -58.08 -0.93
CA THR D 337 -9.37 -58.55 0.21
C THR D 337 -10.27 -57.44 0.77
#